data_4RFN
#
_entry.id   4RFN
#
_cell.length_a   110.255
_cell.length_b   77.827
_cell.length_c   127.587
_cell.angle_alpha   90.00
_cell.angle_beta   114.26
_cell.angle_gamma   90.00
#
_symmetry.space_group_name_H-M   'P 1 2 1'
#
loop_
_entity.id
_entity.type
_entity.pdbx_description
1 polymer 'HIV-1 CLADE A/E 93TH057 (H375S) GP120'
2 polymer 'FAB HEAVY CHAIN OF ADCC ANTI-HIV-1 ANTIBODY JR4'
3 polymer 'FAB LIGHT CHAIN OF ADCC ANTI-HIV-1 ANTIBODY JR4'
4 polymer 'T-CELL SURFACE GLYCOPROTEIN CD4 mimetic M48'
5 non-polymer 2-acetamido-2-deoxy-beta-D-glucopyranose
#
loop_
_entity_poly.entity_id
_entity_poly.type
_entity_poly.pdbx_seq_one_letter_code
_entity_poly.pdbx_strand_id
1 'polypeptide(L)'
;VWKDADTTLFCASDAKAHETEVHNVWATHACVPTDPNPQEIHLENVTENFNMWKNNMVEQMQEDVISLWDQSLQPCVKLT
GGSVIKQACPKISFDPIPIHYCTPAGYVILKCNDKNFNGTGPCKNVSSVQCTHGIKPVVSTQLLLNGSLAEEEIIIRSEN
LTNNAKTIIVHLNKSVEINCTRPSNGGSGSGGDIRKAYCEINGTKWNKVLKQVTEKLKEHFNNKTIIFQPPSGGDLEITM
HSFNCRGEFFYCNTTQLFNNTCIGNETMKGCNGTITLPCKIKQIINMWQGTGQAMYAPPIDGKINCVSNITGILLTRDGG
ANNTSNETFRPGGGNIKDNWRSELYKYKVVQIE
;
G,A
2 'polypeptide(L)'
;HSEVQLVESGPGLVKPLETLSLTCAVPGGSIRRNYWSWIRQPPGKGLEWIGHSYGSGGSTNYNPSLESRVTLSVDTSKNL
FSLKLTSVTAADTAVYYCARTVWYYTSGTHYFDHWGQGVLVTVSSASTKGPSVFPLAPSSRSTSESTAALGCLVKDYFPE
PVTVSWNSGSLTSGVHTFPAVLQSSGLYSLSSVVTVPSSSLGTQTYVCNVNHKPSNTKVDKRVEIKTCGGGSK
;
H,B
3 'polypeptide(L)'
;QSVLTQPPSVSAAPGQKVTISCSGSSSNIGRSYVSWYQQVPGAAPKLLIYDTNKRPSGVSDRFSGSKSGSSASLAITGLQ
TGDEADYYCGAWDGSLNVHIFGSGTKLTVLGQPKASPLVTLFPPSSEELQANKATLVCLISDFYPGVVKVAWKADGNSVN
TGVETTTPSKQSNNKYAASSYLSLTSDQWKSHKSYSCQVTHEGSTVEKTVAPTECS
;
L,C
4 'polypeptide(L)' (MPT)NLHFCQLRCKSLGLLGRCA(DPR)TFCACV(NH2) M,D
#
# COMPACT_ATOMS: atom_id res chain seq x y z
N VAL A 1 -50.06 17.98 -12.82
CA VAL A 1 -49.98 17.79 -11.33
C VAL A 1 -48.53 17.52 -10.90
N TRP A 2 -48.37 16.77 -9.82
CA TRP A 2 -47.06 16.47 -9.26
C TRP A 2 -47.07 15.10 -8.56
N LYS A 3 -46.24 14.18 -9.05
CA LYS A 3 -46.09 12.87 -8.42
C LYS A 3 -44.97 12.93 -7.40
N ASP A 4 -45.15 12.24 -6.27
CA ASP A 4 -44.08 12.16 -5.26
C ASP A 4 -42.85 11.58 -5.92
N ALA A 5 -41.75 12.32 -5.82
CA ALA A 5 -40.51 11.95 -6.48
C ALA A 5 -39.32 12.40 -5.66
N ASP A 6 -38.13 12.01 -6.12
CA ASP A 6 -36.89 12.44 -5.49
C ASP A 6 -36.02 13.15 -6.51
N THR A 7 -34.94 13.75 -6.03
CA THR A 7 -33.97 14.46 -6.87
C THR A 7 -32.86 14.96 -5.96
N THR A 8 -31.67 15.19 -6.50
CA THR A 8 -30.58 15.73 -5.70
C THR A 8 -30.86 17.20 -5.41
N LEU A 9 -30.80 17.56 -4.13
CA LEU A 9 -31.15 18.91 -3.69
C LEU A 9 -29.90 19.75 -3.57
N PHE A 10 -30.02 21.02 -3.96
CA PHE A 10 -28.89 21.96 -3.87
C PHE A 10 -29.06 22.89 -2.68
N CYS A 11 -27.93 23.23 -2.06
CA CYS A 11 -27.94 23.92 -0.79
C CYS A 11 -27.64 25.42 -0.90
N ALA A 12 -28.65 26.22 -0.60
CA ALA A 12 -28.47 27.66 -0.44
C ALA A 12 -27.82 27.88 0.92
N SER A 13 -26.66 28.53 0.93
CA SER A 13 -25.96 28.85 2.16
C SER A 13 -25.74 30.35 2.25
N ASP A 14 -25.53 30.86 3.46
CA ASP A 14 -25.07 32.24 3.65
C ASP A 14 -23.56 32.26 3.89
N ALA A 15 -22.98 31.09 4.12
CA ALA A 15 -21.57 30.92 4.46
C ALA A 15 -20.67 31.85 3.65
N LYS A 16 -20.10 32.84 4.33
CA LYS A 16 -19.14 33.74 3.71
C LYS A 16 -17.85 32.96 3.44
N ALA A 17 -17.33 33.10 2.23
CA ALA A 17 -16.20 32.28 1.75
C ALA A 17 -14.83 32.74 2.29
N HIS A 18 -14.80 33.24 3.53
CA HIS A 18 -13.55 33.68 4.15
C HIS A 18 -13.25 33.00 5.49
N GLU A 19 -14.26 32.44 6.14
CA GLU A 19 -14.11 31.89 7.49
C GLU A 19 -13.49 30.50 7.47
N THR A 20 -12.63 30.23 8.46
CA THR A 20 -12.01 28.90 8.61
C THR A 20 -12.91 27.95 9.40
N GLU A 21 -14.16 28.37 9.61
CA GLU A 21 -15.15 27.55 10.27
C GLU A 21 -15.58 26.42 9.34
N VAL A 22 -15.39 25.19 9.80
CA VAL A 22 -15.52 24.00 8.95
C VAL A 22 -16.90 23.76 8.34
N HIS A 23 -17.93 24.41 8.89
CA HIS A 23 -19.24 24.46 8.23
C HIS A 23 -19.19 25.41 7.04
N ASN A 24 -18.64 26.61 7.24
CA ASN A 24 -18.44 27.57 6.16
C ASN A 24 -17.55 26.98 5.07
N VAL A 25 -16.46 26.32 5.49
CA VAL A 25 -15.50 25.68 4.58
C VAL A 25 -16.22 24.71 3.62
N TRP A 26 -17.02 23.81 4.18
CA TRP A 26 -17.78 22.84 3.39
C TRP A 26 -18.90 23.52 2.57
N ALA A 27 -19.66 24.38 3.23
CA ALA A 27 -20.85 24.99 2.63
C ALA A 27 -20.54 26.04 1.55
N THR A 28 -19.29 26.46 1.46
CA THR A 28 -18.88 27.31 0.35
C THR A 28 -18.52 26.44 -0.86
N HIS A 29 -17.85 25.32 -0.59
CA HIS A 29 -17.41 24.39 -1.64
C HIS A 29 -18.57 23.61 -2.25
N ALA A 30 -19.58 23.30 -1.46
CA ALA A 30 -20.71 22.51 -1.90
C ALA A 30 -21.97 23.34 -2.19
N CYS A 31 -22.09 24.52 -1.58
CA CYS A 31 -23.36 25.25 -1.55
C CYS A 31 -23.32 26.67 -2.15
N VAL A 32 -24.41 27.03 -2.81
CA VAL A 32 -24.60 28.35 -3.42
C VAL A 32 -25.04 29.38 -2.37
N PRO A 33 -24.96 30.70 -2.71
CA PRO A 33 -25.53 31.71 -1.84
C PRO A 33 -27.05 31.65 -1.77
N THR A 34 -27.61 32.10 -0.65
CA THR A 34 -29.05 32.02 -0.39
C THR A 34 -29.93 32.74 -1.41
N ASP A 35 -31.20 32.36 -1.43
CA ASP A 35 -32.23 33.04 -2.20
C ASP A 35 -32.36 34.45 -1.63
N PRO A 36 -32.49 35.46 -2.50
CA PRO A 36 -32.77 36.81 -1.98
C PRO A 36 -34.25 37.06 -1.77
N ASN A 37 -35.10 36.26 -2.42
CA ASN A 37 -36.53 36.54 -2.50
C ASN A 37 -37.34 35.24 -2.54
N PRO A 38 -37.32 34.45 -1.44
CA PRO A 38 -38.08 33.21 -1.45
C PRO A 38 -39.57 33.43 -1.72
N GLN A 39 -40.08 32.78 -2.75
CA GLN A 39 -41.50 32.85 -3.10
C GLN A 39 -42.23 31.67 -2.48
N GLU A 40 -43.49 31.89 -2.09
CA GLU A 40 -44.35 30.81 -1.61
C GLU A 40 -45.70 30.86 -2.32
N ILE A 41 -46.08 29.76 -2.96
CA ILE A 41 -47.35 29.67 -3.69
C ILE A 41 -48.32 28.80 -2.90
N HIS A 42 -49.21 29.43 -2.13
CA HIS A 42 -50.21 28.69 -1.37
C HIS A 42 -51.21 28.02 -2.30
N LEU A 43 -51.18 26.68 -2.34
CA LEU A 43 -52.06 25.90 -3.19
C LEU A 43 -53.43 25.73 -2.51
N GLU A 44 -54.45 26.36 -3.09
CA GLU A 44 -55.80 26.32 -2.53
C GLU A 44 -56.53 25.04 -2.92
N ASN A 45 -57.42 24.60 -2.03
CA ASN A 45 -58.16 23.32 -2.14
C ASN A 45 -57.35 22.19 -2.81
N VAL A 46 -56.22 21.88 -2.20
CA VAL A 46 -55.40 20.73 -2.57
C VAL A 46 -54.90 20.07 -1.28
N THR A 47 -55.17 18.78 -1.14
CA THR A 47 -54.76 18.02 0.04
C THR A 47 -53.60 17.08 -0.33
N GLU A 48 -52.57 17.05 0.50
CA GLU A 48 -51.41 16.17 0.27
C GLU A 48 -50.97 15.48 1.55
N ASN A 49 -50.70 14.17 1.45
CA ASN A 49 -50.21 13.38 2.56
C ASN A 49 -48.70 13.47 2.67
N PHE A 50 -48.23 13.83 3.86
CA PHE A 50 -46.81 13.92 4.14
C PHE A 50 -46.44 12.77 5.07
N ASN A 51 -45.14 12.53 5.20
CA ASN A 51 -44.62 11.58 6.18
C ASN A 51 -43.18 11.90 6.51
N MET A 52 -42.96 12.33 7.74
CA MET A 52 -41.64 12.77 8.20
C MET A 52 -40.65 11.62 8.37
N TRP A 53 -41.17 10.39 8.52
CA TRP A 53 -40.35 9.20 8.70
C TRP A 53 -40.11 8.51 7.36
N LYS A 54 -40.78 8.98 6.31
CA LYS A 54 -40.61 8.46 4.95
C LYS A 54 -40.36 9.60 3.94
N ASN A 55 -39.72 10.68 4.40
CA ASN A 55 -39.34 11.78 3.52
C ASN A 55 -37.88 11.66 3.12
N ASN A 56 -37.64 11.62 1.81
CA ASN A 56 -36.32 11.40 1.22
C ASN A 56 -35.26 12.41 1.68
N MET A 57 -35.65 13.67 1.79
CA MET A 57 -34.73 14.78 2.10
C MET A 57 -33.90 14.53 3.37
N VAL A 58 -34.52 13.83 4.32
CA VAL A 58 -33.88 13.46 5.58
C VAL A 58 -32.55 12.74 5.32
N GLU A 59 -32.56 11.82 4.36
CA GLU A 59 -31.37 11.03 4.03
C GLU A 59 -30.28 11.84 3.31
N GLN A 60 -30.70 12.81 2.49
CA GLN A 60 -29.76 13.69 1.79
C GLN A 60 -29.05 14.61 2.76
N MET A 61 -29.84 15.33 3.55
CA MET A 61 -29.31 16.17 4.62
C MET A 61 -28.36 15.37 5.50
N GLN A 62 -28.73 14.13 5.79
CA GLN A 62 -27.91 13.21 6.57
C GLN A 62 -26.58 12.89 5.86
N GLU A 63 -26.64 12.63 4.56
CA GLU A 63 -25.44 12.39 3.76
C GLU A 63 -24.43 13.53 3.92
N ASP A 64 -24.93 14.75 3.90
CA ASP A 64 -24.08 15.95 3.95
C ASP A 64 -23.38 16.11 5.29
N VAL A 65 -24.15 16.05 6.38
CA VAL A 65 -23.60 16.27 7.72
C VAL A 65 -22.48 15.27 8.02
N ILE A 66 -22.62 14.03 7.53
CA ILE A 66 -21.55 13.04 7.63
C ILE A 66 -20.36 13.54 6.81
N SER A 67 -20.57 13.73 5.50
CA SER A 67 -19.55 14.27 4.59
C SER A 67 -18.84 15.47 5.21
N LEU A 68 -19.62 16.40 5.75
CA LEU A 68 -19.12 17.59 6.43
C LEU A 68 -18.22 17.22 7.60
N TRP A 69 -18.74 16.36 8.49
CA TRP A 69 -18.01 15.91 9.67
C TRP A 69 -16.74 15.12 9.33
N ASP A 70 -16.85 14.28 8.30
CA ASP A 70 -15.76 13.37 7.91
C ASP A 70 -14.57 14.07 7.27
N GLN A 71 -14.82 15.21 6.61
CA GLN A 71 -13.75 16.01 6.02
C GLN A 71 -13.16 17.01 7.03
N SER A 72 -13.93 17.34 8.07
CA SER A 72 -13.59 18.42 9.01
C SER A 72 -13.00 17.91 10.32
N LEU A 73 -13.58 16.83 10.85
CA LEU A 73 -13.09 16.23 12.09
C LEU A 73 -12.38 14.91 11.76
N GLN A 74 -11.09 14.84 12.08
CA GLN A 74 -10.30 13.62 11.93
C GLN A 74 -9.75 13.18 13.28
N PRO A 75 -10.03 11.92 13.68
CA PRO A 75 -9.58 11.43 14.98
C PRO A 75 -8.10 11.04 15.03
N CYS A 76 -7.43 11.44 16.11
CA CYS A 76 -6.02 11.13 16.33
C CYS A 76 -5.84 9.64 16.62
N VAL A 77 -6.88 9.00 17.16
CA VAL A 77 -6.97 7.54 17.26
C VAL A 77 -8.35 7.11 16.74
N LYS A 78 -8.42 6.84 15.44
CA LYS A 78 -9.67 6.42 14.79
C LYS A 78 -9.78 4.89 14.79
N LEU A 79 -10.57 4.37 15.73
CA LEU A 79 -10.69 2.92 15.96
C LEU A 79 -11.74 2.27 15.03
N THR A 80 -11.47 2.30 13.73
CA THR A 80 -12.36 1.71 12.71
C THR A 80 -11.65 0.73 11.76
N GLY A 81 -11.04 1.23 10.68
CA GLY A 81 -10.40 0.37 9.68
C GLY A 81 -9.68 -0.82 10.29
N SER A 83 -6.89 -0.39 10.92
CA SER A 83 -6.14 -0.78 12.10
C SER A 83 -5.76 0.43 12.92
N VAL A 84 -4.53 0.86 12.68
CA VAL A 84 -3.80 1.71 13.59
C VAL A 84 -3.71 3.11 12.98
N ILE A 85 -4.84 3.82 13.00
CA ILE A 85 -4.95 5.16 12.40
C ILE A 85 -4.66 6.26 13.43
N LYS A 86 -3.58 7.00 13.18
CA LYS A 86 -3.18 8.14 14.01
C LYS A 86 -3.10 9.40 13.15
N GLN A 87 -4.17 9.69 12.41
CA GLN A 87 -4.16 10.80 11.46
C GLN A 87 -4.48 12.17 12.07
N ALA A 88 -3.98 13.22 11.41
CA ALA A 88 -3.89 14.57 11.98
C ALA A 88 -5.22 15.13 12.51
N CYS A 89 -5.12 15.81 13.64
CA CYS A 89 -6.28 16.41 14.30
C CYS A 89 -5.99 17.86 14.72
N PRO A 90 -6.09 18.81 13.76
CA PRO A 90 -5.94 20.23 14.11
C PRO A 90 -7.13 20.77 14.89
N LYS A 91 -6.99 22.00 15.39
CA LYS A 91 -8.06 22.65 16.15
C LYS A 91 -8.70 23.77 15.33
N ILE A 92 -9.83 23.46 14.71
CA ILE A 92 -10.52 24.37 13.78
C ILE A 92 -11.84 24.87 14.37
N SER A 93 -12.38 25.93 13.76
CA SER A 93 -13.59 26.58 14.23
C SER A 93 -14.84 25.73 13.93
N PHE A 94 -15.66 25.51 14.96
CA PHE A 94 -16.89 24.74 14.83
C PHE A 94 -18.10 25.52 15.34
N ASP A 95 -18.93 25.99 14.42
CA ASP A 95 -20.21 26.60 14.75
C ASP A 95 -21.21 26.31 13.61
N PRO A 96 -22.25 25.52 13.91
CA PRO A 96 -23.31 25.18 12.95
C PRO A 96 -23.89 26.38 12.19
N ILE A 97 -24.16 26.19 10.91
CA ILE A 97 -24.77 27.23 10.07
C ILE A 97 -26.01 26.69 9.37
N PRO A 98 -26.97 27.59 9.03
CA PRO A 98 -28.26 27.14 8.52
C PRO A 98 -28.26 26.83 7.02
N ILE A 99 -28.48 25.56 6.69
CA ILE A 99 -28.53 25.08 5.32
C ILE A 99 -29.97 25.14 4.78
N HIS A 100 -30.11 25.50 3.51
CA HIS A 100 -31.41 25.47 2.84
C HIS A 100 -31.33 24.45 1.72
N TYR A 101 -32.14 23.41 1.77
CA TYR A 101 -32.15 22.44 0.70
C TYR A 101 -33.24 22.82 -0.31
N CYS A 102 -32.89 22.76 -1.59
CA CYS A 102 -33.72 23.31 -2.64
C CYS A 102 -33.84 22.41 -3.87
N THR A 103 -34.97 22.50 -4.56
CA THR A 103 -35.23 21.70 -5.74
C THR A 103 -35.14 22.54 -7.01
N PRO A 104 -34.40 22.04 -8.02
CA PRO A 104 -34.32 22.62 -9.35
C PRO A 104 -35.65 22.71 -10.08
N ALA A 105 -35.66 23.34 -11.25
CA ALA A 105 -36.86 23.45 -12.06
C ALA A 105 -37.26 22.07 -12.58
N GLY A 106 -38.54 21.75 -12.48
CA GLY A 106 -39.04 20.39 -12.75
C GLY A 106 -39.38 19.67 -11.46
N TYR A 107 -38.98 20.26 -10.34
CA TYR A 107 -39.30 19.78 -9.01
C TYR A 107 -39.65 20.96 -8.11
N VAL A 108 -40.51 20.71 -7.12
CA VAL A 108 -40.93 21.73 -6.16
C VAL A 108 -40.71 21.16 -4.75
N ILE A 109 -40.59 22.04 -3.76
CA ILE A 109 -40.72 21.61 -2.36
C ILE A 109 -42.13 21.94 -1.90
N LEU A 110 -42.89 20.90 -1.50
CA LEU A 110 -44.23 21.11 -0.98
C LEU A 110 -44.17 21.26 0.55
N LYS A 111 -44.64 22.42 1.02
CA LYS A 111 -44.63 22.76 2.44
C LYS A 111 -46.04 22.66 3.01
N CYS A 112 -46.15 21.99 4.17
CA CYS A 112 -47.43 21.84 4.86
C CYS A 112 -47.67 23.01 5.82
N ASN A 113 -48.88 23.56 5.79
CA ASN A 113 -49.23 24.70 6.63
C ASN A 113 -50.27 24.38 7.74
N ASP A 114 -50.71 23.12 7.81
CA ASP A 114 -51.52 22.68 8.94
C ASP A 114 -50.71 22.98 10.20
N LYS A 115 -51.21 23.93 10.97
CA LYS A 115 -50.41 24.60 12.02
C LYS A 115 -50.06 23.66 13.17
N ASN A 116 -50.96 22.75 13.49
CA ASN A 116 -50.71 21.71 14.48
C ASN A 116 -50.59 20.34 13.79
N PHE A 117 -49.71 20.28 12.80
CA PHE A 117 -49.51 19.08 11.98
C PHE A 117 -48.50 18.15 12.64
N ASN A 118 -48.87 16.89 12.85
CA ASN A 118 -48.01 15.95 13.58
C ASN A 118 -46.83 15.40 12.78
N GLY A 119 -46.84 15.60 11.46
CA GLY A 119 -45.73 15.22 10.59
C GLY A 119 -46.08 14.11 9.62
N THR A 120 -47.05 13.29 9.99
CA THR A 120 -47.54 12.22 9.12
C THR A 120 -49.04 12.38 8.88
N GLY A 121 -49.51 11.85 7.76
CA GLY A 121 -50.90 11.98 7.41
C GLY A 121 -51.14 13.23 6.58
N PRO A 122 -52.42 13.49 6.22
CA PRO A 122 -52.76 14.53 5.25
C PRO A 122 -52.60 15.96 5.77
N CYS A 123 -52.31 16.87 4.84
CA CYS A 123 -52.23 18.29 5.11
C CYS A 123 -53.13 19.01 4.10
N LYS A 124 -54.11 19.75 4.60
CA LYS A 124 -55.08 20.47 3.77
C LYS A 124 -54.52 21.81 3.33
N ASN A 125 -54.02 22.58 4.29
CA ASN A 125 -53.40 23.88 4.04
C ASN A 125 -51.96 23.71 3.55
N VAL A 126 -51.69 24.04 2.29
CA VAL A 126 -50.41 23.68 1.66
C VAL A 126 -49.86 24.76 0.71
N SER A 127 -48.54 24.71 0.50
CA SER A 127 -47.83 25.68 -0.34
C SER A 127 -46.68 25.05 -1.14
N SER A 128 -46.00 25.88 -1.93
CA SER A 128 -44.87 25.44 -2.76
C SER A 128 -43.65 26.36 -2.55
N VAL A 129 -42.47 25.77 -2.43
CA VAL A 129 -41.23 26.53 -2.28
C VAL A 129 -40.07 25.93 -3.07
N GLN A 130 -39.09 26.77 -3.40
CA GLN A 130 -37.79 26.33 -3.88
C GLN A 130 -37.02 25.67 -2.75
N CYS A 131 -37.02 26.35 -1.60
CA CYS A 131 -36.10 26.04 -0.52
C CYS A 131 -36.78 25.87 0.83
N THR A 132 -36.05 25.22 1.73
CA THR A 132 -36.46 25.08 3.12
C THR A 132 -36.04 26.33 3.88
N HIS A 133 -36.52 26.45 5.11
CA HIS A 133 -35.93 27.36 6.08
C HIS A 133 -34.53 26.86 6.44
N GLY A 134 -33.74 27.73 7.06
CA GLY A 134 -32.39 27.38 7.49
C GLY A 134 -32.39 26.27 8.52
N ILE A 135 -31.41 25.36 8.41
CA ILE A 135 -31.28 24.25 9.36
C ILE A 135 -29.82 24.05 9.78
N LYS A 136 -29.57 24.16 11.07
CA LYS A 136 -28.25 23.91 11.64
C LYS A 136 -28.06 22.43 11.94
N PRO A 137 -27.04 21.82 11.30
CA PRO A 137 -26.73 20.42 11.53
C PRO A 137 -26.01 20.18 12.86
N VAL A 138 -26.77 20.28 13.94
CA VAL A 138 -26.25 20.03 15.28
C VAL A 138 -26.43 18.55 15.57
N VAL A 139 -25.40 17.92 16.11
CA VAL A 139 -25.44 16.51 16.46
C VAL A 139 -25.69 16.40 17.96
N SER A 140 -26.86 15.85 18.34
CA SER A 140 -27.25 15.73 19.74
C SER A 140 -28.17 14.54 20.03
N THR A 141 -28.20 14.13 21.29
CA THR A 141 -29.11 13.10 21.79
C THR A 141 -29.99 13.69 22.89
N GLN A 142 -31.15 13.08 23.14
CA GLN A 142 -32.05 13.47 24.24
C GLN A 142 -32.74 14.84 24.07
N LEU A 143 -31.95 15.87 23.78
CA LEU A 143 -32.48 17.23 23.58
C LEU A 143 -32.16 17.72 22.17
N LEU A 144 -33.14 18.36 21.53
CA LEU A 144 -32.95 18.92 20.20
C LEU A 144 -32.69 20.42 20.33
N LEU A 145 -31.45 20.82 20.02
CA LEU A 145 -30.96 22.18 20.24
C LEU A 145 -31.00 23.03 18.97
N ASN A 146 -31.40 24.29 19.12
CA ASN A 146 -31.37 25.30 18.06
C ASN A 146 -32.34 25.07 16.89
N GLY A 147 -33.27 24.14 17.05
CA GLY A 147 -34.25 23.85 16.01
C GLY A 147 -35.39 24.86 15.96
N SER A 148 -36.57 24.41 15.53
CA SER A 148 -37.75 25.27 15.44
C SER A 148 -38.70 25.04 16.60
N LEU A 149 -39.56 26.03 16.84
CA LEU A 149 -40.66 25.90 17.79
C LEU A 149 -41.93 25.56 17.02
N ALA A 150 -42.87 24.89 17.69
CA ALA A 150 -44.17 24.62 17.11
C ALA A 150 -44.99 25.92 17.13
N GLU A 151 -45.82 26.11 16.11
CA GLU A 151 -46.54 27.37 15.92
C GLU A 151 -47.51 27.72 17.06
N GLU A 152 -48.29 26.74 17.49
CA GLU A 152 -49.28 26.93 18.56
C GLU A 152 -49.05 25.96 19.72
N GLU A 153 -49.43 24.70 19.49
CA GLU A 153 -49.41 23.68 20.53
C GLU A 153 -48.13 22.86 20.47
N ILE A 154 -47.78 22.22 21.58
CA ILE A 154 -46.70 21.25 21.62
C ILE A 154 -47.15 20.04 20.81
N ILE A 155 -46.48 19.78 19.69
CA ILE A 155 -46.91 18.71 18.80
C ILE A 155 -46.04 17.46 18.98
N ILE A 156 -46.71 16.34 19.26
CA ILE A 156 -46.05 15.06 19.54
C ILE A 156 -45.93 14.25 18.25
N ARG A 157 -44.71 13.88 17.88
CA ARG A 157 -44.42 13.27 16.59
C ARG A 157 -43.98 11.82 16.74
N SER A 158 -44.55 10.96 15.90
CA SER A 158 -44.18 9.54 15.86
C SER A 158 -44.68 8.90 14.57
N GLU A 159 -44.12 7.74 14.24
CA GLU A 159 -44.62 6.92 13.13
C GLU A 159 -45.78 6.06 13.63
N ASN A 160 -45.67 5.62 14.89
CA ASN A 160 -46.69 4.81 15.54
C ASN A 160 -46.65 5.11 17.05
N LEU A 161 -47.71 5.76 17.54
CA LEU A 161 -47.81 6.08 18.96
C LEU A 161 -47.95 4.84 19.84
N THR A 162 -48.63 3.82 19.34
CA THR A 162 -48.83 2.57 20.08
C THR A 162 -47.59 1.67 20.06
N ASN A 163 -46.70 1.88 19.09
CA ASN A 163 -45.44 1.15 19.04
C ASN A 163 -44.37 1.82 19.90
N ASN A 164 -44.05 1.20 21.02
CA ASN A 164 -43.01 1.69 21.93
C ASN A 164 -41.60 1.62 21.34
N ALA A 165 -41.45 0.94 20.21
CA ALA A 165 -40.17 0.85 19.53
C ALA A 165 -39.80 2.14 18.80
N LYS A 166 -40.76 2.74 18.10
CA LYS A 166 -40.53 3.98 17.36
C LYS A 166 -40.42 5.17 18.32
N THR A 167 -39.36 5.95 18.16
CA THR A 167 -39.07 7.08 19.04
C THR A 167 -40.09 8.20 18.84
N ILE A 168 -40.38 8.91 19.93
CA ILE A 168 -41.29 10.04 19.89
C ILE A 168 -40.49 11.34 19.88
N ILE A 169 -40.82 12.22 18.94
CA ILE A 169 -40.24 13.56 18.92
C ILE A 169 -41.22 14.52 19.58
N VAL A 170 -40.74 15.25 20.58
CA VAL A 170 -41.54 16.26 21.27
C VAL A 170 -41.11 17.62 20.75
N HIS A 171 -42.09 18.41 20.29
CA HIS A 171 -41.81 19.70 19.68
C HIS A 171 -42.37 20.83 20.54
N LEU A 172 -41.47 21.63 21.12
CA LEU A 172 -41.87 22.64 22.10
C LEU A 172 -42.43 23.90 21.41
N ASN A 173 -43.03 24.78 22.22
CA ASN A 173 -43.50 26.08 21.71
C ASN A 173 -42.76 27.27 22.33
N LYS A 174 -42.30 27.13 23.57
CA LYS A 174 -41.36 28.07 24.18
C LYS A 174 -39.98 27.43 24.14
N SER A 175 -38.94 28.26 24.05
CA SER A 175 -37.57 27.77 24.07
C SER A 175 -36.98 27.90 25.47
N VAL A 176 -36.05 27.00 25.80
CA VAL A 176 -35.32 27.07 27.06
C VAL A 176 -33.83 27.21 26.76
N GLU A 177 -33.23 28.27 27.28
CA GLU A 177 -31.79 28.46 27.17
C GLU A 177 -31.09 27.43 28.06
N ILE A 178 -29.97 26.90 27.60
CA ILE A 178 -29.20 25.90 28.36
C ILE A 178 -27.70 26.24 28.33
N ASN A 179 -27.29 27.06 29.30
CA ASN A 179 -25.94 27.60 29.41
C ASN A 179 -24.93 26.50 29.80
N CYS A 180 -24.13 26.04 28.84
CA CYS A 180 -23.24 24.89 29.06
C CYS A 180 -21.76 25.26 29.10
N THR A 181 -21.26 25.54 30.30
CA THR A 181 -19.94 26.13 30.50
C THR A 181 -18.91 25.14 31.02
N ARG A 182 -17.65 25.39 30.68
CA ARG A 182 -16.51 24.61 31.15
C ARG A 182 -15.38 25.59 31.50
N PRO A 183 -15.05 25.74 32.80
CA PRO A 183 -14.03 26.72 33.25
C PRO A 183 -12.61 26.39 32.76
N SER A 184 -11.82 27.43 32.50
CA SER A 184 -10.50 27.28 31.88
C SER A 184 -9.45 26.67 32.82
N ASN A 185 -8.92 27.48 33.75
CA ASN A 185 -7.83 27.05 34.62
C ASN A 185 -7.80 27.85 35.92
N ASP A 193 -9.99 21.23 36.89
CA ASP A 193 -9.43 20.25 35.97
C ASP A 193 -10.11 20.36 34.59
N ILE A 194 -9.61 19.59 33.61
CA ILE A 194 -10.02 19.77 32.20
C ILE A 194 -11.36 19.10 31.89
N ARG A 195 -11.53 17.85 32.34
CA ARG A 195 -12.68 17.03 31.95
C ARG A 195 -13.85 17.18 32.93
N LYS A 196 -14.38 18.40 33.04
CA LYS A 196 -15.57 18.63 33.87
C LYS A 196 -16.25 19.96 33.53
N ALA A 197 -17.52 19.88 33.14
CA ALA A 197 -18.28 21.04 32.70
C ALA A 197 -19.63 21.11 33.41
N TYR A 198 -20.38 22.19 33.16
CA TYR A 198 -21.71 22.37 33.73
C TYR A 198 -22.68 23.08 32.80
N CYS A 199 -23.84 22.46 32.58
CA CYS A 199 -24.93 23.09 31.85
C CYS A 199 -25.89 23.76 32.83
N GLU A 200 -25.85 25.09 32.89
CA GLU A 200 -26.80 25.86 33.68
C GLU A 200 -28.15 25.95 32.97
N ILE A 201 -29.21 25.53 33.65
CA ILE A 201 -30.57 25.65 33.14
C ILE A 201 -31.48 26.27 34.21
N ASN A 202 -32.39 27.14 33.78
CA ASN A 202 -33.41 27.69 34.67
C ASN A 202 -34.42 26.62 35.03
N GLY A 203 -34.61 26.39 36.33
CA GLY A 203 -35.54 25.38 36.82
C GLY A 203 -36.99 25.79 36.62
N THR A 204 -37.29 27.05 36.93
CA THR A 204 -38.65 27.58 36.84
C THR A 204 -39.14 27.66 35.38
N LYS A 205 -38.20 27.73 34.45
CA LYS A 205 -38.49 27.68 33.01
C LYS A 205 -38.83 26.27 32.55
N TRP A 206 -37.92 25.34 32.87
CA TRP A 206 -37.97 23.96 32.39
C TRP A 206 -39.23 23.20 32.81
N ASN A 207 -39.52 23.23 34.10
CA ASN A 207 -40.60 22.42 34.68
C ASN A 207 -41.99 23.02 34.45
N LYS A 208 -42.06 24.32 34.17
CA LYS A 208 -43.30 24.96 33.72
C LYS A 208 -43.70 24.39 32.36
N VAL A 209 -42.70 23.96 31.59
CA VAL A 209 -42.88 23.43 30.23
C VAL A 209 -42.94 21.89 30.22
N LEU A 210 -42.02 21.24 30.94
CA LEU A 210 -42.04 19.77 31.06
C LEU A 210 -43.43 19.30 31.50
N LYS A 211 -44.11 20.15 32.25
CA LYS A 211 -45.52 19.97 32.64
C LYS A 211 -46.44 20.13 31.42
N GLN A 212 -46.32 21.26 30.74
CA GLN A 212 -47.07 21.52 29.50
C GLN A 212 -46.94 20.32 28.54
N VAL A 213 -45.78 19.66 28.58
CA VAL A 213 -45.52 18.45 27.80
C VAL A 213 -46.30 17.26 28.34
N THR A 214 -46.29 17.09 29.67
CA THR A 214 -47.01 16.01 30.34
C THR A 214 -48.50 16.04 29.99
N GLU A 215 -49.11 17.22 30.03
CA GLU A 215 -50.51 17.40 29.69
C GLU A 215 -50.76 17.00 28.23
N LYS A 216 -49.77 17.21 27.38
CA LYS A 216 -49.83 16.79 25.97
C LYS A 216 -49.67 15.27 25.82
N LEU A 217 -48.78 14.67 26.60
CA LEU A 217 -48.60 13.21 26.60
C LEU A 217 -49.78 12.49 27.26
N LYS A 218 -50.50 13.20 28.13
CA LYS A 218 -51.77 12.71 28.65
C LYS A 218 -52.79 12.60 27.52
N GLU A 219 -52.90 13.66 26.72
CA GLU A 219 -53.86 13.73 25.61
C GLU A 219 -53.79 12.54 24.63
N HIS A 220 -52.62 11.92 24.54
CA HIS A 220 -52.42 10.80 23.60
C HIS A 220 -52.23 9.45 24.31
N PHE A 221 -52.51 9.40 25.61
CA PHE A 221 -52.44 8.14 26.38
C PHE A 221 -53.58 8.00 27.40
N ASN A 222 -54.72 8.64 27.11
CA ASN A 222 -55.94 8.52 27.90
C ASN A 222 -55.78 8.89 29.38
N ASN A 223 -55.15 10.04 29.61
CA ASN A 223 -55.02 10.67 30.94
C ASN A 223 -54.25 9.85 31.97
N LYS A 224 -53.41 8.80 31.44
CA LYS A 224 -52.59 7.98 32.31
C LYS A 224 -51.49 8.79 32.97
N THR A 225 -50.92 8.24 34.05
CA THR A 225 -49.84 8.91 34.78
C THR A 225 -48.55 8.93 33.96
N ILE A 226 -48.17 10.13 33.53
CA ILE A 226 -46.99 10.34 32.70
C ILE A 226 -45.76 10.44 33.62
N ILE A 227 -44.77 9.57 33.42
CA ILE A 227 -43.59 9.52 34.29
C ILE A 227 -42.28 9.46 33.50
N PHE A 228 -41.33 10.30 33.90
CA PHE A 228 -39.98 10.29 33.32
C PHE A 228 -39.00 9.57 34.24
N GLN A 229 -38.02 8.90 33.63
CA GLN A 229 -36.92 8.29 34.37
C GLN A 229 -35.65 8.28 33.51
N PRO A 230 -34.46 8.21 34.15
CA PRO A 230 -33.21 8.23 33.38
C PRO A 230 -33.15 7.05 32.42
N PRO A 231 -32.41 7.19 31.30
CA PRO A 231 -32.38 6.12 30.32
C PRO A 231 -32.11 4.76 30.97
N SER A 232 -32.92 3.77 30.59
CA SER A 232 -32.90 2.45 31.23
C SER A 232 -31.55 1.74 31.17
N GLY A 233 -30.62 2.28 30.38
CA GLY A 233 -29.29 1.71 30.23
C GLY A 233 -28.92 1.71 28.76
N GLY A 234 -27.64 1.95 28.49
CA GLY A 234 -27.15 2.05 27.12
C GLY A 234 -25.94 2.97 27.01
N ASP A 235 -25.42 3.08 25.79
CA ASP A 235 -24.17 3.79 25.54
C ASP A 235 -24.15 5.21 26.11
N LEU A 236 -22.99 5.57 26.64
CA LEU A 236 -22.74 6.85 27.33
C LEU A 236 -23.29 8.06 26.57
N GLU A 237 -23.32 7.94 25.24
CA GLU A 237 -23.72 9.03 24.35
C GLU A 237 -25.22 9.28 24.31
N ILE A 238 -26.01 8.24 24.58
CA ILE A 238 -27.48 8.37 24.58
C ILE A 238 -28.10 8.24 25.99
N THR A 239 -27.33 7.76 26.95
CA THR A 239 -27.70 7.84 28.36
C THR A 239 -27.44 9.27 28.85
N MET A 240 -26.22 9.76 28.59
CA MET A 240 -25.91 11.16 28.85
C MET A 240 -26.30 11.99 27.62
N HIS A 241 -26.27 13.31 27.77
CA HIS A 241 -26.64 14.23 26.70
C HIS A 241 -25.40 14.61 25.88
N SER A 242 -25.16 13.86 24.80
CA SER A 242 -23.99 14.05 23.95
C SER A 242 -24.26 14.99 22.77
N PHE A 243 -23.48 16.06 22.69
CA PHE A 243 -23.58 17.04 21.61
C PHE A 243 -22.20 17.67 21.35
N ASN A 244 -22.12 18.62 20.42
CA ASN A 244 -20.84 19.26 20.16
C ASN A 244 -20.86 20.78 20.19
N CYS A 245 -19.92 21.32 20.97
CA CYS A 245 -19.81 22.74 21.23
C CYS A 245 -18.37 23.19 20.97
N ARG A 246 -18.22 24.12 20.03
CA ARG A 246 -16.91 24.69 19.66
C ARG A 246 -15.84 23.61 19.39
N GLY A 247 -16.26 22.46 18.87
CA GLY A 247 -15.34 21.36 18.56
C GLY A 247 -15.04 20.44 19.74
N GLU A 248 -15.94 20.38 20.72
CA GLU A 248 -15.74 19.52 21.89
C GLU A 248 -16.97 18.67 22.21
N PHE A 249 -16.70 17.45 22.69
CA PHE A 249 -17.75 16.47 22.94
C PHE A 249 -18.24 16.48 24.39
N PHE A 250 -19.29 17.26 24.63
CA PHE A 250 -19.93 17.34 25.94
C PHE A 250 -20.70 16.06 26.26
N TYR A 251 -20.68 15.67 27.54
CA TYR A 251 -21.45 14.54 28.04
C TYR A 251 -22.10 14.91 29.37
N CYS A 252 -23.37 15.28 29.31
CA CYS A 252 -24.07 15.88 30.45
C CYS A 252 -25.13 14.97 31.05
N ASN A 253 -25.09 14.85 32.37
CA ASN A 253 -26.02 14.00 33.10
C ASN A 253 -27.39 14.70 33.25
N THR A 254 -28.32 14.33 32.39
CA THR A 254 -29.63 15.00 32.30
C THR A 254 -30.70 14.43 33.25
N THR A 255 -30.27 13.71 34.29
CA THR A 255 -31.19 13.10 35.26
C THR A 255 -32.04 14.16 35.96
N GLN A 256 -31.37 15.20 36.49
CA GLN A 256 -32.03 16.25 37.28
C GLN A 256 -33.01 17.10 36.48
N LEU A 257 -32.96 17.00 35.15
CA LEU A 257 -33.90 17.68 34.25
C LEU A 257 -35.25 17.00 34.20
N PHE A 258 -35.26 15.69 34.03
CA PHE A 258 -36.50 14.93 33.90
C PHE A 258 -37.05 14.55 35.27
N ASN A 259 -37.54 15.56 35.97
CA ASN A 259 -37.98 15.42 37.35
C ASN A 259 -39.51 15.35 37.42
N ASN A 260 -40.01 14.42 38.23
CA ASN A 260 -41.43 14.20 38.43
C ASN A 260 -41.94 14.94 39.66
N THR A 261 -41.07 15.04 40.67
CA THR A 261 -41.37 15.73 41.92
C THR A 261 -41.90 17.16 41.70
N CYS A 262 -41.37 17.82 40.67
CA CYS A 262 -41.77 19.18 40.33
C CYS A 262 -43.14 19.23 39.64
N ILE A 263 -43.22 18.57 38.49
CA ILE A 263 -44.44 18.59 37.68
C ILE A 263 -45.55 17.74 38.31
N LYS A 269 -44.59 23.32 45.93
CA LYS A 269 -43.48 22.40 45.74
C LYS A 269 -42.22 23.16 45.31
N GLY A 270 -41.23 23.22 46.20
CA GLY A 270 -40.00 23.97 45.95
C GLY A 270 -39.13 23.38 44.85
N CYS A 271 -39.21 23.95 43.65
CA CYS A 271 -38.41 23.51 42.50
C CYS A 271 -37.73 24.66 41.71
N ASN A 272 -38.16 25.91 41.94
CA ASN A 272 -37.69 27.10 41.20
C ASN A 272 -36.20 27.08 40.80
N GLY A 273 -35.34 26.76 41.76
CA GLY A 273 -33.88 26.90 41.63
C GLY A 273 -33.25 26.45 40.33
N THR A 274 -32.23 27.20 39.89
CA THR A 274 -31.50 26.89 38.65
C THR A 274 -30.81 25.53 38.76
N ILE A 275 -31.15 24.65 37.84
CA ILE A 275 -30.63 23.27 37.84
C ILE A 275 -29.32 23.26 37.06
N THR A 276 -28.39 22.38 37.46
CA THR A 276 -27.09 22.28 36.80
C THR A 276 -26.68 20.82 36.64
N LEU A 277 -26.14 20.47 35.47
CA LEU A 277 -25.81 19.09 35.13
C LEU A 277 -24.32 18.79 35.23
N PRO A 278 -23.95 17.70 35.93
CA PRO A 278 -22.53 17.31 36.03
C PRO A 278 -22.00 16.76 34.71
N CYS A 279 -21.46 17.66 33.89
CA CYS A 279 -20.90 17.29 32.59
C CYS A 279 -19.42 16.97 32.70
N LYS A 280 -18.93 16.16 31.77
CA LYS A 280 -17.51 15.83 31.68
C LYS A 280 -17.14 15.40 30.26
N ILE A 281 -16.23 16.16 29.65
CA ILE A 281 -15.86 15.95 28.23
C ILE A 281 -14.96 14.72 28.10
N LYS A 282 -15.31 13.85 27.14
CA LYS A 282 -14.58 12.61 26.89
C LYS A 282 -13.69 12.71 25.65
N GLN A 283 -12.62 11.91 25.64
CA GLN A 283 -11.79 11.72 24.45
C GLN A 283 -12.14 10.39 23.78
N ILE A 284 -12.13 9.31 24.55
CA ILE A 284 -12.45 7.97 24.04
C ILE A 284 -13.97 7.91 23.86
N ILE A 285 -14.43 8.15 22.64
CA ILE A 285 -15.86 8.35 22.37
C ILE A 285 -16.43 7.37 21.33
N ASN A 286 -17.75 7.39 21.18
CA ASN A 286 -18.44 6.60 20.16
C ASN A 286 -18.54 7.38 18.85
N MET A 287 -19.11 6.72 17.83
CA MET A 287 -19.30 7.31 16.52
C MET A 287 -20.78 7.22 16.13
N TRP A 288 -21.35 8.35 15.72
CA TRP A 288 -22.75 8.39 15.29
C TRP A 288 -22.91 8.16 13.79
N GLN A 289 -21.80 8.22 13.07
CA GLN A 289 -21.80 7.97 11.63
C GLN A 289 -21.83 6.46 11.39
N GLY A 290 -20.94 5.75 12.08
CA GLY A 290 -20.85 4.29 11.97
C GLY A 290 -20.48 3.63 13.28
N THR A 291 -20.35 2.31 13.27
CA THR A 291 -19.96 1.53 14.45
C THR A 291 -18.46 1.69 14.69
N GLY A 292 -18.09 1.94 15.95
CA GLY A 292 -16.68 2.07 16.32
C GLY A 292 -16.37 3.21 17.26
N GLN A 293 -15.13 3.24 17.74
CA GLN A 293 -14.65 4.24 18.69
C GLN A 293 -13.75 5.24 17.99
N ALA A 294 -13.48 6.35 18.68
CA ALA A 294 -12.56 7.39 18.20
C ALA A 294 -11.84 8.04 19.38
N MET A 295 -10.89 8.93 19.08
CA MET A 295 -10.20 9.71 20.12
C MET A 295 -9.77 11.08 19.57
N TYR A 296 -10.03 12.12 20.35
CA TYR A 296 -9.61 13.48 20.00
C TYR A 296 -8.71 14.06 21.09
N ALA A 297 -8.09 15.20 20.79
CA ALA A 297 -7.12 15.83 21.69
C ALA A 297 -7.79 16.36 22.96
N PRO A 298 -7.01 16.47 24.06
CA PRO A 298 -7.49 17.10 25.28
C PRO A 298 -8.12 18.47 25.00
N PRO A 299 -9.38 18.67 25.41
CA PRO A 299 -10.19 19.87 25.15
C PRO A 299 -9.43 21.20 25.22
N ILE A 300 -9.80 22.13 24.34
CA ILE A 300 -9.17 23.45 24.23
C ILE A 300 -9.30 24.30 25.51
N ASP A 301 -8.43 25.30 25.62
CA ASP A 301 -8.39 26.17 26.79
C ASP A 301 -9.38 27.33 26.64
N GLY A 302 -9.70 27.96 27.77
CA GLY A 302 -10.63 29.07 27.80
C GLY A 302 -12.02 28.65 28.26
N LYS A 303 -12.83 29.64 28.63
CA LYS A 303 -14.21 29.43 29.04
C LYS A 303 -15.03 28.93 27.84
N ILE A 304 -15.20 27.61 27.74
CA ILE A 304 -15.96 27.01 26.65
C ILE A 304 -17.45 27.06 27.00
N ASN A 305 -18.27 27.58 26.09
CA ASN A 305 -19.72 27.67 26.33
C ASN A 305 -20.58 27.73 25.07
N CYS A 306 -21.74 27.09 25.14
CA CYS A 306 -22.78 27.21 24.12
C CYS A 306 -24.08 27.70 24.75
N VAL A 307 -24.56 28.84 24.25
CA VAL A 307 -25.84 29.42 24.67
C VAL A 307 -26.98 28.76 23.88
N SER A 308 -27.13 27.44 24.08
CA SER A 308 -28.03 26.63 23.26
C SER A 308 -29.49 26.84 23.63
N ASN A 309 -30.38 26.75 22.64
CA ASN A 309 -31.82 26.92 22.86
C ASN A 309 -32.56 25.62 22.60
N ILE A 310 -33.16 25.05 23.64
CA ILE A 310 -33.85 23.75 23.55
C ILE A 310 -35.22 23.93 22.89
N THR A 311 -35.43 23.18 21.80
CA THR A 311 -36.69 23.21 21.06
C THR A 311 -37.28 21.80 20.83
N GLY A 312 -36.66 20.78 21.43
CA GLY A 312 -37.17 19.42 21.30
C GLY A 312 -36.61 18.40 22.28
N ILE A 313 -37.38 17.34 22.48
CA ILE A 313 -36.97 16.22 23.32
C ILE A 313 -37.22 14.91 22.58
N LEU A 314 -36.19 14.07 22.48
CA LEU A 314 -36.33 12.73 21.90
C LEU A 314 -36.70 11.79 23.03
N LEU A 315 -37.73 10.96 22.81
CA LEU A 315 -38.27 10.12 23.90
C LEU A 315 -38.63 8.69 23.50
N THR A 316 -38.34 7.77 24.41
CA THR A 316 -38.65 6.34 24.28
C THR A 316 -39.63 5.92 25.40
N ARG A 317 -40.66 5.15 25.03
CA ARG A 317 -41.68 4.71 25.98
C ARG A 317 -41.35 3.32 26.57
N ASP A 318 -42.26 2.76 27.37
CA ASP A 318 -42.09 1.42 27.94
C ASP A 318 -43.37 0.56 27.82
N GLY A 319 -43.24 -0.72 28.15
CA GLY A 319 -44.34 -1.68 28.06
C GLY A 319 -45.43 -1.43 29.07
N ASN A 323 -48.16 -1.73 30.57
CA ASN A 323 -49.35 -0.89 30.45
C ASN A 323 -50.42 -1.24 31.49
N THR A 324 -50.61 -0.36 32.46
CA THR A 324 -51.61 -0.53 33.52
C THR A 324 -52.39 0.77 33.74
N SER A 325 -51.90 1.64 34.63
CA SER A 325 -52.48 2.96 34.86
C SER A 325 -51.48 4.09 34.59
N ASN A 326 -50.21 3.73 34.41
CA ASN A 326 -49.14 4.70 34.19
C ASN A 326 -48.45 4.49 32.84
N GLU A 327 -47.71 5.50 32.40
CA GLU A 327 -46.84 5.39 31.23
C GLU A 327 -45.48 6.04 31.50
N THR A 328 -44.41 5.30 31.20
CA THR A 328 -43.04 5.76 31.42
C THR A 328 -42.43 6.30 30.12
N PHE A 329 -41.66 7.38 30.25
CA PHE A 329 -40.94 7.97 29.11
C PHE A 329 -39.51 8.29 29.51
N ARG A 330 -38.55 7.63 28.86
CA ARG A 330 -37.13 7.89 29.09
C ARG A 330 -36.57 8.69 27.90
N PRO A 331 -35.43 9.37 28.09
CA PRO A 331 -34.86 10.14 26.98
C PRO A 331 -34.32 9.25 25.85
N GLY A 332 -34.78 9.53 24.64
CA GLY A 332 -34.33 8.83 23.45
C GLY A 332 -33.11 9.49 22.83
N GLY A 333 -32.67 8.96 21.70
CA GLY A 333 -31.49 9.48 21.02
C GLY A 333 -30.67 8.36 20.42
N GLY A 334 -30.07 8.65 19.26
CA GLY A 334 -29.26 7.67 18.55
C GLY A 334 -29.42 7.78 17.06
N ASN A 335 -30.66 7.61 16.60
CA ASN A 335 -31.00 7.84 15.19
C ASN A 335 -30.96 9.34 14.95
N ILE A 336 -29.82 9.82 14.43
CA ILE A 336 -29.56 11.24 14.25
C ILE A 336 -30.39 11.80 13.08
N LYS A 337 -30.89 10.92 12.22
CA LYS A 337 -31.84 11.30 11.19
C LYS A 337 -33.07 11.96 11.81
N ASP A 338 -33.57 11.38 12.89
CA ASP A 338 -34.71 11.93 13.63
C ASP A 338 -34.57 13.43 13.89
N ASN A 339 -33.35 13.86 14.22
CA ASN A 339 -33.06 15.29 14.41
C ASN A 339 -33.43 16.10 13.17
N TRP A 340 -33.01 15.61 12.00
CA TRP A 340 -33.34 16.27 10.74
C TRP A 340 -34.84 16.13 10.45
N ARG A 341 -35.42 14.99 10.83
CA ARG A 341 -36.86 14.74 10.68
C ARG A 341 -37.68 15.75 11.48
N SER A 342 -37.16 16.12 12.64
CA SER A 342 -37.81 17.11 13.50
C SER A 342 -37.87 18.48 12.85
N GLU A 343 -36.95 18.73 11.91
CA GLU A 343 -36.88 20.01 11.19
C GLU A 343 -37.51 19.95 9.81
N LEU A 344 -37.41 18.79 9.15
CA LEU A 344 -37.87 18.62 7.77
C LEU A 344 -39.28 18.03 7.67
N TYR A 345 -40.02 18.02 8.77
CA TYR A 345 -41.32 17.34 8.85
C TYR A 345 -42.37 17.90 7.88
N LYS A 346 -42.35 19.20 7.63
CA LYS A 346 -43.39 19.85 6.82
C LYS A 346 -43.05 19.98 5.33
N TYR A 347 -41.91 19.43 4.92
CA TYR A 347 -41.47 19.53 3.53
C TYR A 347 -41.46 18.17 2.83
N LYS A 348 -41.70 18.21 1.52
CA LYS A 348 -41.61 17.00 0.67
C LYS A 348 -41.29 17.33 -0.78
N VAL A 349 -40.43 16.51 -1.37
CA VAL A 349 -40.05 16.63 -2.78
C VAL A 349 -41.17 16.12 -3.70
N VAL A 350 -41.32 16.78 -4.85
CA VAL A 350 -42.32 16.40 -5.86
C VAL A 350 -41.91 16.80 -7.28
N GLN A 351 -42.05 15.87 -8.21
CA GLN A 351 -41.80 16.14 -9.61
C GLN A 351 -43.04 16.78 -10.25
N ILE A 352 -42.82 17.74 -11.15
CA ILE A 352 -43.90 18.38 -11.90
C ILE A 352 -44.01 17.75 -13.28
N GLU A 353 -42.87 17.64 -13.96
CA GLU A 353 -42.79 17.03 -15.30
C GLU A 353 -42.75 15.51 -15.20
N GLU B 3 -12.65 30.02 -3.94
CA GLU B 3 -11.98 28.71 -3.64
C GLU B 3 -12.68 27.51 -4.31
N VAL B 4 -13.59 27.75 -5.24
CA VAL B 4 -14.28 26.66 -5.96
C VAL B 4 -13.74 26.59 -7.40
N GLN B 5 -13.13 25.45 -7.72
CA GLN B 5 -12.31 25.32 -8.93
C GLN B 5 -13.02 24.74 -10.17
N LEU B 6 -12.65 25.26 -11.33
CA LEU B 6 -13.08 24.73 -12.63
C LEU B 6 -11.91 24.70 -13.61
N VAL B 7 -11.91 23.70 -14.49
CA VAL B 7 -10.87 23.54 -15.51
C VAL B 7 -11.52 23.20 -16.85
N GLU B 8 -11.24 24.02 -17.86
CA GLU B 8 -11.72 23.78 -19.22
C GLU B 8 -10.70 23.01 -20.04
N SER B 9 -11.16 22.46 -21.15
CA SER B 9 -10.29 21.74 -22.08
C SER B 9 -10.97 21.56 -23.43
N GLY B 10 -10.19 21.64 -24.50
CA GLY B 10 -10.71 21.52 -25.85
C GLY B 10 -9.64 21.31 -26.90
N PRO B 11 -10.08 21.21 -28.17
CA PRO B 11 -9.15 20.99 -29.28
C PRO B 11 -8.17 22.14 -29.49
N GLY B 12 -8.64 23.38 -29.29
CA GLY B 12 -7.84 24.57 -29.56
C GLY B 12 -7.90 24.97 -31.02
N LEU B 13 -7.64 24.01 -31.89
CA LEU B 13 -7.81 24.17 -33.33
C LEU B 13 -8.82 23.13 -33.80
N VAL B 14 -9.86 23.60 -34.48
CA VAL B 14 -10.89 22.71 -35.03
C VAL B 14 -11.32 23.18 -36.43
N LYS B 15 -11.54 22.22 -37.33
CA LYS B 15 -11.96 22.54 -38.71
C LYS B 15 -13.45 22.88 -38.75
N PRO B 16 -13.88 23.64 -39.77
CA PRO B 16 -15.29 23.98 -39.88
C PRO B 16 -16.14 22.81 -40.33
N LEU B 17 -17.42 22.87 -39.99
CA LEU B 17 -18.38 21.78 -40.19
C LEU B 17 -18.05 20.46 -39.45
N GLU B 18 -17.09 20.51 -38.53
CA GLU B 18 -16.84 19.40 -37.59
C GLU B 18 -17.76 19.55 -36.38
N THR B 19 -17.41 18.88 -35.29
CA THR B 19 -18.11 19.04 -34.03
C THR B 19 -17.11 19.46 -32.95
N LEU B 20 -17.43 20.54 -32.25
CA LEU B 20 -16.56 21.07 -31.21
C LEU B 20 -16.86 20.36 -29.90
N SER B 21 -15.83 19.72 -29.33
CA SER B 21 -15.97 18.96 -28.09
C SER B 21 -15.14 19.58 -26.98
N LEU B 22 -15.83 20.17 -26.01
CA LEU B 22 -15.18 20.90 -24.92
C LEU B 22 -15.41 20.22 -23.57
N THR B 23 -14.35 20.12 -22.78
CA THR B 23 -14.37 19.46 -21.47
C THR B 23 -14.32 20.50 -20.36
N CYS B 24 -15.06 20.26 -19.29
CA CYS B 24 -14.94 21.06 -18.05
C CYS B 24 -14.94 20.12 -16.84
N ALA B 25 -13.79 20.05 -16.17
CA ALA B 25 -13.61 19.18 -15.01
C ALA B 25 -13.88 19.95 -13.73
N VAL B 26 -14.63 19.33 -12.82
CA VAL B 26 -14.96 19.93 -11.53
C VAL B 26 -14.46 19.01 -10.42
N PRO B 27 -13.16 19.12 -10.07
CA PRO B 27 -12.64 18.31 -8.97
C PRO B 27 -13.23 18.74 -7.60
N GLY B 28 -13.63 17.74 -6.80
CA GLY B 28 -14.14 17.96 -5.46
C GLY B 28 -15.61 17.61 -5.27
N GLY B 29 -16.13 16.74 -6.12
CA GLY B 29 -17.56 16.41 -6.11
C GLY B 29 -18.38 17.62 -6.53
N SER B 30 -19.38 17.95 -5.71
CA SER B 30 -20.23 19.15 -5.90
C SER B 30 -20.83 19.33 -7.31
N ILE B 31 -20.49 18.43 -8.23
CA ILE B 31 -20.93 18.52 -9.62
C ILE B 31 -22.40 18.13 -9.76
N ARG B 32 -22.80 17.10 -9.02
CA ARG B 32 -24.18 16.60 -9.03
C ARG B 32 -25.11 17.54 -8.27
N ARG B 33 -24.51 18.40 -7.45
CA ARG B 33 -25.24 19.33 -6.60
C ARG B 33 -25.83 20.52 -7.35
N ASN B 34 -24.99 21.23 -8.11
CA ASN B 34 -25.36 22.53 -8.67
C ASN B 34 -25.69 22.49 -10.16
N TYR B 35 -26.19 23.62 -10.64
CA TYR B 35 -26.27 23.92 -12.06
C TYR B 35 -24.88 24.34 -12.57
N TRP B 36 -24.64 24.17 -13.87
CA TRP B 36 -23.38 24.56 -14.51
C TRP B 36 -23.66 25.08 -15.92
N SER B 37 -23.01 26.18 -16.28
CA SER B 37 -23.23 26.82 -17.59
C SER B 37 -22.02 26.75 -18.52
N TRP B 38 -22.25 26.93 -19.82
CA TRP B 38 -21.18 27.12 -20.81
C TRP B 38 -21.32 28.49 -21.44
N ILE B 39 -20.26 29.29 -21.35
CA ILE B 39 -20.28 30.66 -21.86
C ILE B 39 -19.07 30.90 -22.75
N ARG B 40 -19.31 31.54 -23.89
CA ARG B 40 -18.25 31.87 -24.82
C ARG B 40 -18.07 33.37 -24.96
N GLN B 41 -16.91 33.74 -25.49
CA GLN B 41 -16.56 35.13 -25.76
C GLN B 41 -15.60 35.16 -26.93
N PRO B 42 -16.07 35.63 -28.11
CA PRO B 42 -15.18 35.86 -29.23
C PRO B 42 -14.05 36.79 -28.82
N PRO B 43 -12.88 36.70 -29.49
CA PRO B 43 -11.78 37.53 -29.03
C PRO B 43 -12.08 39.01 -29.30
N GLY B 44 -12.09 39.81 -28.23
CA GLY B 44 -12.38 41.23 -28.32
C GLY B 44 -13.83 41.56 -28.61
N LYS B 45 -14.74 40.74 -28.09
CA LYS B 45 -16.20 40.93 -28.29
C LYS B 45 -17.01 40.55 -27.03
N GLY B 46 -18.34 40.59 -27.14
CA GLY B 46 -19.22 40.39 -25.99
C GLY B 46 -19.33 38.95 -25.50
N LEU B 47 -20.00 38.79 -24.36
CA LEU B 47 -20.21 37.48 -23.75
C LEU B 47 -21.51 36.83 -24.25
N GLU B 48 -21.50 35.51 -24.36
CA GLU B 48 -22.67 34.77 -24.83
C GLU B 48 -22.88 33.47 -24.05
N TRP B 49 -23.92 33.48 -23.20
CA TRP B 49 -24.36 32.30 -22.46
C TRP B 49 -24.99 31.31 -23.44
N ILE B 50 -24.51 30.07 -23.41
CA ILE B 50 -24.96 29.04 -24.33
C ILE B 50 -26.07 28.18 -23.73
N GLY B 51 -25.93 27.87 -22.45
CA GLY B 51 -26.94 27.06 -21.75
C GLY B 51 -26.48 26.60 -20.37
N HIS B 52 -27.28 25.73 -19.75
CA HIS B 52 -26.88 25.07 -18.50
C HIS B 52 -27.47 23.68 -18.35
N SER B 53 -26.90 22.92 -17.41
CA SER B 53 -27.33 21.57 -17.12
C SER B 53 -27.24 21.36 -15.61
N TYR B 54 -28.31 20.83 -15.02
CA TYR B 54 -28.28 20.51 -13.60
C TYR B 54 -27.43 19.27 -13.33
N GLY B 55 -26.65 19.27 -12.34
CA GLY B 55 -25.75 18.23 -11.88
C GLY B 55 -26.31 16.83 -12.00
N SER B 56 -27.54 16.65 -11.54
CA SER B 56 -28.26 15.41 -11.72
C SER B 56 -29.18 15.54 -12.94
N GLY B 57 -30.34 16.17 -12.73
CA GLY B 57 -31.25 16.49 -13.80
C GLY B 57 -31.75 15.26 -14.57
N GLY B 58 -31.37 15.12 -15.84
CA GLY B 58 -30.50 16.07 -16.53
C GLY B 58 -31.30 17.17 -17.23
N SER B 59 -31.96 18.01 -16.44
CA SER B 59 -32.65 19.19 -16.98
C SER B 59 -31.64 20.18 -17.53
N THR B 60 -31.87 20.57 -18.79
CA THR B 60 -30.97 21.47 -19.50
C THR B 60 -31.78 22.60 -20.14
N ASN B 61 -31.20 23.80 -20.16
CA ASN B 61 -31.84 24.94 -20.81
C ASN B 61 -30.86 25.65 -21.75
N TYR B 62 -31.24 25.76 -23.02
CA TYR B 62 -30.34 26.22 -24.08
C TYR B 62 -30.67 27.62 -24.60
N ASN B 63 -29.66 28.26 -25.17
CA ASN B 63 -29.80 29.54 -25.83
C ASN B 63 -30.45 29.31 -27.21
N PRO B 64 -31.74 29.68 -27.37
CA PRO B 64 -32.60 29.32 -28.52
C PRO B 64 -31.98 29.45 -29.91
N SER B 65 -31.10 30.42 -30.11
CA SER B 65 -30.39 30.58 -31.37
C SER B 65 -29.24 29.57 -31.51
N LEU B 66 -28.88 28.90 -30.42
CA LEU B 66 -27.91 27.81 -30.42
C LEU B 66 -28.54 26.48 -29.98
N GLU B 67 -29.85 26.49 -29.76
CA GLU B 67 -30.61 25.31 -29.34
C GLU B 67 -30.30 24.12 -30.25
N SER B 68 -30.44 24.36 -31.55
CA SER B 68 -30.32 23.31 -32.56
C SER B 68 -29.00 22.53 -32.57
N ARG B 69 -27.92 23.12 -32.05
CA ARG B 69 -26.58 22.57 -32.24
C ARG B 69 -25.80 22.24 -30.96
N VAL B 70 -26.36 22.57 -29.79
CA VAL B 70 -25.62 22.44 -28.54
C VAL B 70 -26.12 21.28 -27.67
N THR B 71 -25.19 20.41 -27.27
CA THR B 71 -25.45 19.36 -26.28
C THR B 71 -24.58 19.61 -25.04
N LEU B 72 -25.20 19.56 -23.86
CA LEU B 72 -24.46 19.61 -22.59
C LEU B 72 -24.70 18.33 -21.82
N SER B 73 -23.63 17.65 -21.39
CA SER B 73 -23.76 16.40 -20.65
C SER B 73 -22.91 16.43 -19.37
N VAL B 74 -23.29 15.60 -18.41
CA VAL B 74 -22.60 15.56 -17.10
C VAL B 74 -22.23 14.13 -16.72
N ASP B 75 -21.00 13.74 -17.07
CA ASP B 75 -20.42 12.51 -16.58
C ASP B 75 -20.08 12.73 -15.11
N THR B 76 -20.99 12.30 -14.24
CA THR B 76 -20.89 12.52 -12.80
C THR B 76 -19.80 11.67 -12.14
N SER B 77 -19.58 10.47 -12.67
CA SER B 77 -18.59 9.55 -12.11
C SER B 77 -17.16 10.05 -12.31
N LYS B 78 -16.92 10.77 -13.40
CA LYS B 78 -15.59 11.31 -13.72
C LYS B 78 -15.43 12.79 -13.38
N ASN B 79 -16.45 13.39 -12.77
CA ASN B 79 -16.47 14.82 -12.43
C ASN B 79 -16.21 15.71 -13.64
N LEU B 80 -17.10 15.59 -14.63
CA LEU B 80 -16.96 16.31 -15.89
C LEU B 80 -18.29 16.87 -16.36
N PHE B 81 -18.22 18.02 -17.01
CA PHE B 81 -19.39 18.67 -17.60
C PHE B 81 -18.95 19.24 -18.94
N SER B 82 -19.33 18.56 -20.01
CA SER B 82 -18.81 18.86 -21.33
C SER B 82 -19.88 19.34 -22.31
N LEU B 83 -19.45 20.01 -23.38
CA LEU B 83 -20.34 20.43 -24.46
C LEU B 83 -19.91 19.94 -25.84
N LYS B 84 -20.89 19.58 -26.66
CA LYS B 84 -20.68 19.29 -28.07
C LYS B 84 -21.39 20.37 -28.88
N LEU B 85 -20.73 20.83 -29.94
CA LEU B 85 -21.29 21.84 -30.82
C LEU B 85 -21.16 21.43 -32.28
N THR B 86 -22.22 21.22 -32.94
CA THR B 86 -22.30 20.49 -34.22
C THR B 86 -22.24 21.45 -35.40
N SER B 87 -21.62 21.05 -36.44
CA SER B 87 -21.38 21.79 -37.68
C SER B 87 -20.88 23.21 -37.38
N VAL B 88 -19.82 23.30 -36.69
CA VAL B 88 -19.16 24.56 -36.31
C VAL B 88 -18.78 25.39 -37.54
N THR B 89 -18.83 26.72 -37.38
CA THR B 89 -18.50 27.66 -38.46
C THR B 89 -17.34 28.55 -38.04
N ALA B 90 -16.98 29.51 -38.89
CA ALA B 90 -15.97 30.51 -38.55
C ALA B 90 -16.39 31.40 -37.38
N ALA B 91 -17.71 31.56 -37.20
CA ALA B 91 -18.26 32.43 -36.15
C ALA B 91 -18.05 31.87 -34.73
N ASP B 92 -18.17 30.56 -34.59
CA ASP B 92 -18.07 29.89 -33.29
C ASP B 92 -16.64 29.88 -32.72
N THR B 93 -15.71 30.49 -33.44
CA THR B 93 -14.37 30.77 -32.95
C THR B 93 -14.46 31.75 -31.80
N ALA B 94 -14.12 31.28 -30.59
CA ALA B 94 -14.25 32.10 -29.38
C ALA B 94 -13.41 31.54 -28.22
N VAL B 95 -13.43 32.25 -27.10
CA VAL B 95 -12.86 31.76 -25.85
C VAL B 95 -13.98 31.12 -25.05
N TYR B 96 -13.80 29.87 -24.62
CA TYR B 96 -14.84 29.12 -23.92
C TYR B 96 -14.50 28.88 -22.45
N TYR B 97 -15.46 29.17 -21.56
CA TYR B 97 -15.36 28.75 -20.15
C TYR B 97 -16.69 28.27 -19.57
N CYS B 98 -16.59 27.27 -18.70
CA CYS B 98 -17.70 26.84 -17.87
C CYS B 98 -17.72 27.67 -16.59
N ALA B 99 -18.89 27.78 -15.98
CA ALA B 99 -19.05 28.47 -14.70
C ALA B 99 -20.11 27.76 -13.86
N ARG B 100 -19.97 27.81 -12.54
CA ARG B 100 -21.02 27.35 -11.64
C ARG B 100 -22.20 28.32 -11.73
N THR B 101 -23.42 27.81 -11.56
CA THR B 101 -24.60 28.63 -11.71
C THR B 101 -25.53 28.55 -10.49
N VAL B 102 -25.99 29.72 -10.06
CA VAL B 102 -27.06 29.82 -9.07
C VAL B 102 -28.31 30.19 -9.85
N TRP B 103 -29.38 29.43 -9.65
CA TRP B 103 -30.56 29.53 -10.51
C TRP B 103 -31.82 29.23 -9.73
N TYR B 104 -32.36 30.28 -9.10
CA TYR B 104 -33.63 30.19 -8.38
C TYR B 104 -34.76 30.66 -9.28
N TYR B 105 -35.03 29.87 -10.32
CA TYR B 105 -36.31 29.86 -11.04
C TYR B 105 -37.05 31.20 -11.04
N THR B 106 -37.70 31.50 -9.91
CA THR B 106 -38.79 32.48 -9.81
C THR B 106 -38.43 33.69 -8.94
N SER B 107 -37.23 34.08 -8.86
CA SER B 107 -36.74 35.35 -8.33
C SER B 107 -35.98 36.13 -9.41
N GLY B 108 -35.38 35.47 -10.30
CA GLY B 108 -34.44 35.96 -11.29
C GLY B 108 -33.08 35.29 -11.11
N THR B 109 -32.20 35.87 -10.42
CA THR B 109 -31.01 35.32 -9.74
C THR B 109 -30.23 34.33 -10.63
N HIS B 110 -30.21 34.48 -11.89
CA HIS B 110 -29.34 33.76 -12.80
C HIS B 110 -27.96 34.42 -12.79
N TYR B 111 -27.08 33.94 -11.99
CA TYR B 111 -25.70 34.44 -11.91
C TYR B 111 -24.62 33.35 -11.79
N PHE B 112 -23.50 33.60 -12.34
CA PHE B 112 -22.30 32.77 -12.41
C PHE B 112 -21.28 33.24 -11.38
N ASP B 113 -21.11 32.45 -10.33
CA ASP B 113 -20.29 32.83 -9.18
C ASP B 113 -18.90 32.23 -9.16
N HIS B 114 -18.66 31.23 -10.01
CA HIS B 114 -17.36 30.55 -10.06
C HIS B 114 -16.98 30.18 -11.49
N TRP B 115 -16.00 30.88 -12.04
CA TRP B 115 -15.58 30.71 -13.44
C TRP B 115 -14.27 29.96 -13.55
N GLY B 116 -14.17 29.13 -14.57
CA GLY B 116 -12.89 28.50 -14.91
C GLY B 116 -11.99 29.50 -15.62
N GLN B 117 -10.78 29.08 -15.96
CA GLN B 117 -9.77 30.00 -16.51
C GLN B 117 -9.97 30.32 -18.00
N GLY B 118 -10.31 29.32 -18.80
CA GLY B 118 -10.65 29.54 -20.21
C GLY B 118 -9.92 28.65 -21.21
N VAL B 119 -10.57 28.43 -22.36
CA VAL B 119 -9.93 27.78 -23.49
C VAL B 119 -10.28 28.48 -24.81
N LEU B 120 -9.28 28.61 -25.67
CA LEU B 120 -9.44 29.26 -26.97
C LEU B 120 -9.67 28.20 -28.04
N VAL B 121 -10.69 28.40 -28.87
CA VAL B 121 -10.97 27.51 -29.98
C VAL B 121 -10.97 28.31 -31.28
N THR B 122 -10.14 27.85 -32.22
CA THR B 122 -10.00 28.47 -33.53
C THR B 122 -10.68 27.56 -34.56
N VAL B 123 -11.51 28.15 -35.41
CA VAL B 123 -12.18 27.37 -36.46
C VAL B 123 -11.64 27.77 -37.85
N SER B 124 -10.65 27.02 -38.32
CA SER B 124 -10.02 27.26 -39.61
C SER B 124 -9.76 25.95 -40.35
N SER B 125 -10.23 25.85 -41.59
CA SER B 125 -10.00 24.67 -42.43
C SER B 125 -8.60 24.69 -43.01
N ALA B 126 -8.05 25.90 -43.17
CA ALA B 126 -6.79 26.12 -43.89
C ALA B 126 -5.60 25.40 -43.27
N SER B 127 -4.57 25.23 -44.10
CA SER B 127 -3.32 24.59 -43.70
C SER B 127 -2.19 25.55 -44.03
N THR B 128 -1.07 25.38 -43.32
CA THR B 128 0.13 26.25 -43.42
C THR B 128 0.23 27.08 -44.73
N LYS B 129 0.44 28.39 -44.60
CA LYS B 129 0.40 29.30 -45.74
C LYS B 129 1.23 30.59 -45.53
N GLY B 130 1.77 31.12 -46.63
CA GLY B 130 2.46 32.41 -46.62
C GLY B 130 1.50 33.55 -46.91
N PRO B 131 1.92 34.81 -46.65
CA PRO B 131 1.07 35.98 -46.85
C PRO B 131 1.21 36.65 -48.22
N SER B 132 0.40 37.68 -48.45
CA SER B 132 0.47 38.48 -49.68
C SER B 132 0.72 39.95 -49.31
N VAL B 133 1.99 40.30 -49.16
CA VAL B 133 2.39 41.62 -48.65
C VAL B 133 2.11 42.71 -49.67
N PHE B 134 1.30 43.69 -49.28
CA PHE B 134 1.02 44.86 -50.08
C PHE B 134 1.47 46.11 -49.32
N PRO B 135 1.89 47.16 -50.05
CA PRO B 135 2.27 48.41 -49.38
C PRO B 135 1.11 49.39 -49.22
N LEU B 136 1.33 50.42 -48.40
CA LEU B 136 0.35 51.47 -48.15
C LEU B 136 0.98 52.82 -48.51
N ALA B 137 0.26 53.92 -48.26
CA ALA B 137 0.73 55.21 -48.74
C ALA B 137 0.15 56.44 -48.06
N PRO B 138 0.94 57.52 -48.12
CA PRO B 138 0.90 58.95 -47.77
C PRO B 138 0.00 59.76 -48.70
N SER B 144 -0.92 60.00 -45.31
CA SER B 144 -2.05 60.14 -44.40
C SER B 144 -2.43 61.59 -44.00
N GLU B 145 -1.97 62.02 -42.82
CA GLU B 145 -2.49 63.19 -42.09
C GLU B 145 -1.47 64.36 -42.14
N SER B 146 -1.79 65.48 -41.46
CA SER B 146 -0.88 66.65 -41.34
C SER B 146 0.60 66.29 -41.11
N THR B 147 0.85 65.16 -40.44
CA THR B 147 2.13 64.45 -40.53
C THR B 147 1.82 62.99 -40.88
N ALA B 148 2.36 62.53 -42.01
CA ALA B 148 1.87 61.33 -42.70
C ALA B 148 2.06 59.99 -41.98
N ALA B 149 1.48 58.95 -42.56
CA ALA B 149 1.55 57.58 -42.02
C ALA B 149 1.34 56.56 -43.16
N LEU B 150 2.15 55.50 -43.14
CA LEU B 150 2.10 54.44 -44.17
C LEU B 150 2.61 53.11 -43.62
N GLY B 151 2.62 52.06 -44.44
CA GLY B 151 3.10 50.75 -44.00
C GLY B 151 2.84 49.57 -44.91
N CYS B 152 2.62 48.39 -44.32
CA CYS B 152 2.44 47.12 -45.05
C CYS B 152 1.23 46.31 -44.57
N LEU B 153 0.50 45.74 -45.53
CA LEU B 153 -0.62 44.82 -45.25
C LEU B 153 -0.16 43.38 -45.47
N VAL B 154 -0.19 42.59 -44.41
CA VAL B 154 0.25 41.19 -44.43
C VAL B 154 -0.99 40.29 -44.45
N LYS B 155 -1.52 40.02 -45.64
CA LYS B 155 -2.85 39.40 -45.77
C LYS B 155 -2.85 37.91 -46.13
N ASP B 156 -3.84 37.19 -45.60
CA ASP B 156 -4.15 35.78 -45.92
C ASP B 156 -3.03 34.80 -45.61
N TYR B 157 -2.78 34.59 -44.31
CA TYR B 157 -1.76 33.64 -43.86
C TYR B 157 -2.27 32.74 -42.72
N PHE B 158 -1.59 31.62 -42.50
CA PHE B 158 -1.96 30.64 -41.47
C PHE B 158 -0.75 29.75 -41.21
N PRO B 159 -0.30 29.55 -39.97
CA PRO B 159 -0.86 30.12 -38.75
C PRO B 159 0.00 31.28 -38.21
N GLU B 160 -0.02 31.51 -36.90
CA GLU B 160 0.77 32.57 -36.25
C GLU B 160 2.24 32.18 -36.14
N PRO B 161 3.20 33.13 -36.16
CA PRO B 161 3.01 34.60 -36.26
C PRO B 161 3.74 35.22 -37.49
N VAL B 162 4.32 36.41 -37.33
CA VAL B 162 5.03 37.17 -38.42
C VAL B 162 6.13 38.13 -37.89
N THR B 163 6.68 39.02 -38.74
CA THR B 163 7.66 40.08 -38.33
C THR B 163 7.59 41.38 -39.21
N VAL B 164 8.46 42.38 -38.97
CA VAL B 164 8.57 43.65 -39.79
C VAL B 164 9.84 44.54 -39.60
N SER B 165 10.04 45.52 -40.50
CA SER B 165 11.08 46.62 -40.44
C SER B 165 11.49 47.23 -41.84
N TRP B 166 11.84 48.54 -41.89
CA TRP B 166 11.64 49.38 -43.12
C TRP B 166 12.73 50.38 -43.62
N ASN B 167 13.02 50.41 -44.93
CA ASN B 167 13.78 51.49 -45.67
C ASN B 167 15.21 51.06 -46.13
N SER B 168 15.30 50.11 -47.06
CA SER B 168 16.50 49.27 -47.18
C SER B 168 16.59 48.58 -45.83
N GLY B 169 15.42 48.49 -45.18
CA GLY B 169 15.26 48.18 -43.76
C GLY B 169 15.34 49.33 -42.73
N SER B 170 15.71 50.54 -43.20
CA SER B 170 16.14 51.67 -42.33
C SER B 170 15.07 52.53 -41.58
N LEU B 171 14.41 51.89 -40.60
CA LEU B 171 13.50 52.55 -39.64
C LEU B 171 13.15 51.53 -38.55
N THR B 172 13.32 51.91 -37.30
CA THR B 172 13.22 50.93 -36.21
C THR B 172 12.50 51.38 -34.90
N SER B 173 11.84 52.54 -34.92
CA SER B 173 11.09 53.06 -33.77
C SER B 173 10.15 54.23 -34.18
N GLY B 174 8.93 54.24 -33.64
CA GLY B 174 7.83 55.05 -34.18
C GLY B 174 6.87 54.12 -34.92
N VAL B 175 6.91 52.85 -34.52
CA VAL B 175 6.38 51.73 -35.28
C VAL B 175 5.44 50.93 -34.38
N HIS B 176 4.29 50.53 -34.93
CA HIS B 176 3.37 49.65 -34.23
C HIS B 176 2.80 48.61 -35.19
N THR B 177 2.89 47.34 -34.80
CA THR B 177 2.38 46.22 -35.60
C THR B 177 1.11 45.65 -34.96
N PHE B 178 0.01 45.70 -35.71
CA PHE B 178 -1.31 45.34 -35.18
C PHE B 178 -1.48 43.83 -34.94
N PRO B 179 -2.36 43.46 -33.99
CA PRO B 179 -2.72 42.05 -33.79
C PRO B 179 -3.40 41.46 -35.03
N ALA B 180 -3.33 40.13 -35.15
CA ALA B 180 -3.79 39.44 -36.36
C ALA B 180 -5.30 39.30 -36.37
N VAL B 181 -5.93 39.79 -37.44
CA VAL B 181 -7.38 39.71 -37.59
C VAL B 181 -7.76 38.51 -38.46
N LEU B 182 -8.32 37.49 -37.83
CA LEU B 182 -8.66 36.22 -38.50
C LEU B 182 -9.86 36.37 -39.44
N GLN B 183 -9.58 36.34 -40.73
CA GLN B 183 -10.60 36.40 -41.79
C GLN B 183 -11.64 35.30 -41.58
N SER B 184 -12.84 35.52 -42.13
CA SER B 184 -13.88 34.50 -42.17
C SER B 184 -13.52 33.39 -43.16
N SER B 185 -12.54 33.67 -44.03
CA SER B 185 -11.98 32.66 -44.92
C SER B 185 -11.03 31.73 -44.18
N GLY B 186 -10.94 31.88 -42.86
CA GLY B 186 -10.09 31.03 -42.03
C GLY B 186 -8.63 31.39 -42.13
N LEU B 187 -8.33 32.63 -42.52
CA LEU B 187 -6.95 33.08 -42.70
C LEU B 187 -6.66 34.36 -41.91
N TYR B 188 -5.40 34.56 -41.58
CA TYR B 188 -4.99 35.71 -40.80
C TYR B 188 -4.49 36.83 -41.70
N SER B 189 -4.64 38.05 -41.22
CA SER B 189 -4.19 39.25 -41.91
C SER B 189 -3.85 40.29 -40.87
N LEU B 190 -2.81 41.08 -41.10
CA LEU B 190 -2.50 42.20 -40.24
C LEU B 190 -1.81 43.34 -40.98
N SER B 191 -1.67 44.46 -40.27
CA SER B 191 -0.96 45.61 -40.79
C SER B 191 0.10 46.03 -39.79
N SER B 192 1.27 46.39 -40.30
CA SER B 192 2.28 47.08 -39.51
C SER B 192 2.40 48.49 -40.07
N VAL B 193 2.43 49.49 -39.20
CA VAL B 193 2.43 50.89 -39.64
C VAL B 193 3.41 51.76 -38.86
N VAL B 194 3.77 52.87 -39.51
CA VAL B 194 4.61 53.89 -38.92
C VAL B 194 3.97 55.25 -39.14
N THR B 195 3.70 55.97 -38.05
CA THR B 195 3.31 57.37 -38.15
C THR B 195 4.62 58.15 -38.23
N VAL B 196 4.77 58.95 -39.29
CA VAL B 196 6.03 59.64 -39.58
C VAL B 196 5.85 61.15 -39.78
N PRO B 197 6.98 61.91 -39.73
CA PRO B 197 6.88 63.31 -40.13
C PRO B 197 6.69 63.46 -41.64
N SER B 198 5.84 64.40 -42.04
CA SER B 198 5.49 64.62 -43.46
C SER B 198 6.69 64.89 -44.36
N SER B 199 7.69 65.61 -43.84
CA SER B 199 8.88 65.98 -44.61
C SER B 199 9.84 64.80 -44.86
N SER B 200 9.70 63.74 -44.05
CA SER B 200 10.52 62.54 -44.19
C SER B 200 10.08 61.62 -45.34
N LEU B 201 9.12 62.06 -46.14
CA LEU B 201 8.76 61.30 -47.35
C LEU B 201 9.73 61.69 -48.47
N GLY B 202 9.27 61.75 -49.72
CA GLY B 202 10.13 62.12 -50.84
C GLY B 202 11.06 60.99 -51.26
N THR B 203 12.35 61.13 -50.92
CA THR B 203 13.34 60.10 -51.26
C THR B 203 13.77 59.25 -50.04
N GLN B 204 13.35 59.67 -48.84
CA GLN B 204 13.47 58.82 -47.64
C GLN B 204 12.33 57.77 -47.69
N THR B 205 12.64 56.64 -48.32
CA THR B 205 11.63 55.64 -48.72
C THR B 205 11.71 54.35 -47.88
N TYR B 206 10.56 53.74 -47.55
CA TYR B 206 10.48 52.65 -46.55
C TYR B 206 10.13 51.26 -47.13
N VAL B 207 10.64 50.22 -46.47
CA VAL B 207 10.67 48.83 -47.00
C VAL B 207 10.55 47.77 -45.87
N CYS B 208 9.33 47.32 -45.57
CA CYS B 208 9.08 46.42 -44.42
C CYS B 208 9.72 45.02 -44.52
N ASN B 209 9.88 44.36 -43.38
CA ASN B 209 10.56 43.06 -43.25
C ASN B 209 9.64 41.96 -42.75
N VAL B 210 8.71 41.55 -43.59
CA VAL B 210 7.76 40.50 -43.23
C VAL B 210 8.45 39.13 -43.30
N ASN B 211 8.30 38.33 -42.24
CA ASN B 211 8.84 36.96 -42.18
C ASN B 211 7.86 35.99 -41.52
N HIS B 212 7.50 34.93 -42.24
CA HIS B 212 6.61 33.88 -41.73
C HIS B 212 7.35 32.55 -41.59
N LYS B 213 7.75 32.21 -40.36
CA LYS B 213 8.64 31.06 -40.12
C LYS B 213 8.07 29.69 -40.51
N PRO B 214 6.87 29.32 -40.00
CA PRO B 214 6.30 28.01 -40.33
C PRO B 214 6.21 27.69 -41.83
N SER B 215 5.70 28.64 -42.62
CA SER B 215 5.48 28.45 -44.06
C SER B 215 6.71 28.83 -44.90
N ASN B 216 7.59 29.64 -44.33
CA ASN B 216 8.88 30.02 -44.96
C ASN B 216 8.71 31.04 -46.10
N THR B 217 8.64 32.32 -45.73
CA THR B 217 8.56 33.43 -46.68
C THR B 217 9.08 34.76 -46.09
N LYS B 218 9.75 35.56 -46.93
CA LYS B 218 10.26 36.89 -46.55
C LYS B 218 9.84 37.94 -47.59
N VAL B 219 9.79 39.22 -47.21
CA VAL B 219 9.46 40.28 -48.17
C VAL B 219 10.22 41.63 -47.98
N ASP B 220 11.09 41.95 -48.92
CA ASP B 220 11.56 43.33 -49.17
C ASP B 220 10.40 44.04 -49.84
N LYS B 221 9.64 44.86 -49.10
CA LYS B 221 8.50 45.58 -49.68
C LYS B 221 8.60 47.11 -49.54
N ARG B 222 9.01 47.77 -50.62
CA ARG B 222 9.22 49.21 -50.64
C ARG B 222 7.90 49.98 -50.75
N VAL B 223 7.93 51.24 -50.35
CA VAL B 223 6.75 52.10 -50.32
C VAL B 223 7.03 53.43 -51.06
N GLU B 224 5.99 53.97 -51.69
CA GLU B 224 6.07 55.19 -52.51
C GLU B 224 6.57 56.38 -51.71
N VAL C 3 -29.63 41.32 -26.42
CA VAL C 3 -28.39 41.84 -25.75
C VAL C 3 -28.66 43.19 -25.06
N LEU C 4 -28.31 43.28 -23.77
CA LEU C 4 -28.53 44.49 -22.98
C LEU C 4 -27.55 45.57 -23.39
N THR C 5 -27.90 46.82 -23.12
CA THR C 5 -27.13 47.97 -23.59
C THR C 5 -26.38 48.68 -22.46
N GLN C 6 -25.08 48.89 -22.67
CA GLN C 6 -24.25 49.69 -21.78
C GLN C 6 -23.13 50.42 -22.55
N PRO C 7 -22.80 51.67 -22.14
CA PRO C 7 -21.84 52.51 -22.87
C PRO C 7 -20.41 51.94 -22.87
N PRO C 8 -19.76 51.91 -24.05
CA PRO C 8 -18.46 51.25 -24.25
C PRO C 8 -17.31 51.71 -23.35
N SER C 9 -17.23 53.02 -23.07
CA SER C 9 -16.11 53.58 -22.32
C SER C 9 -16.57 54.44 -21.12
N VAL C 10 -16.05 54.15 -20.00
CA VAL C 10 -16.11 54.93 -18.77
C VAL C 10 -14.69 55.25 -18.31
N SER C 11 -14.47 56.50 -17.92
CA SER C 11 -13.13 56.96 -17.59
C SER C 11 -13.14 58.05 -16.52
N ALA C 12 -12.23 57.92 -15.55
CA ALA C 12 -12.05 58.93 -14.51
C ALA C 12 -10.71 58.77 -13.79
N ALA C 13 -10.25 59.84 -13.16
CA ALA C 13 -9.04 59.84 -12.36
C ALA C 13 -9.18 58.97 -11.13
N PRO C 14 -8.06 58.45 -10.58
CA PRO C 14 -8.10 57.66 -9.34
C PRO C 14 -8.75 58.40 -8.17
N GLY C 15 -9.39 57.64 -7.28
CA GLY C 15 -10.08 58.21 -6.13
C GLY C 15 -11.42 58.85 -6.43
N GLN C 16 -11.97 58.61 -7.63
CA GLN C 16 -13.26 59.21 -8.02
C GLN C 16 -14.37 58.18 -8.21
N LYS C 17 -15.61 58.69 -8.22
CA LYS C 17 -16.81 57.85 -8.34
C LYS C 17 -17.30 57.82 -9.79
N VAL C 18 -17.61 56.62 -10.27
CA VAL C 18 -18.22 56.44 -11.59
C VAL C 18 -19.47 55.53 -11.51
N THR C 19 -20.36 55.67 -12.49
CA THR C 19 -21.56 54.84 -12.60
C THR C 19 -21.60 54.21 -13.99
N ILE C 20 -21.91 52.91 -14.04
CA ILE C 20 -21.97 52.18 -15.30
C ILE C 20 -23.40 51.71 -15.56
N SER C 21 -23.98 52.19 -16.65
CA SER C 21 -25.37 51.93 -17.01
C SER C 21 -25.58 50.49 -17.45
N CYS C 22 -26.84 50.07 -17.48
CA CYS C 22 -27.25 48.80 -18.08
C CYS C 22 -28.74 48.87 -18.41
N SER C 23 -29.06 49.40 -19.59
CA SER C 23 -30.43 49.59 -20.01
C SER C 23 -31.04 48.30 -20.55
N GLY C 24 -32.07 47.80 -19.87
CA GLY C 24 -32.79 46.59 -20.27
C GLY C 24 -34.25 46.87 -20.59
N SER C 25 -35.12 45.96 -20.18
CA SER C 25 -36.56 46.09 -20.45
C SER C 25 -37.41 45.37 -19.39
N SER C 26 -38.72 45.33 -19.63
CA SER C 26 -39.67 44.69 -18.70
C SER C 26 -39.43 43.20 -18.53
N SER C 27 -38.90 42.58 -19.50
CA SER C 27 -38.71 41.13 -19.58
C SER C 27 -37.29 40.69 -19.25
N ASN C 28 -36.48 41.47 -18.64
CA ASN C 28 -35.17 41.07 -18.10
C ASN C 28 -34.84 41.69 -16.73
N ILE C 29 -34.65 43.01 -16.67
CA ILE C 29 -34.35 43.69 -15.40
C ILE C 29 -35.66 44.04 -14.69
N GLY C 30 -36.74 44.16 -15.46
CA GLY C 30 -38.08 44.24 -14.91
C GLY C 30 -38.56 42.89 -14.40
N ARG C 31 -37.73 41.85 -14.57
CA ARG C 31 -38.00 40.53 -14.03
C ARG C 31 -36.93 40.14 -13.00
N SER C 32 -35.70 40.08 -13.47
CA SER C 32 -34.64 39.37 -12.76
C SER C 32 -33.73 40.26 -11.94
N TYR C 33 -33.00 39.61 -11.04
CA TYR C 33 -31.94 40.23 -10.28
C TYR C 33 -30.70 40.33 -11.16
N VAL C 34 -30.00 41.45 -11.01
CA VAL C 34 -28.89 41.79 -11.88
C VAL C 34 -27.55 41.36 -11.27
N SER C 35 -26.66 40.89 -12.13
CA SER C 35 -25.31 40.55 -11.75
C SER C 35 -24.32 41.39 -12.57
N TRP C 36 -23.12 41.58 -12.05
CA TRP C 36 -22.07 42.30 -12.77
C TRP C 36 -20.78 41.48 -12.78
N TYR C 37 -20.03 41.58 -13.88
CA TYR C 37 -18.83 40.76 -14.09
C TYR C 37 -17.60 41.61 -14.48
N GLN C 38 -16.64 41.64 -13.56
CA GLN C 38 -15.37 42.33 -13.77
C GLN C 38 -14.41 41.38 -14.47
N GLN C 39 -13.95 41.77 -15.65
CA GLN C 39 -12.92 41.04 -16.38
C GLN C 39 -11.69 41.95 -16.60
N VAL C 40 -10.65 41.70 -15.82
CA VAL C 40 -9.36 42.35 -16.01
C VAL C 40 -8.64 41.73 -17.22
N PRO C 41 -7.90 42.54 -17.99
CA PRO C 41 -7.22 41.98 -19.16
C PRO C 41 -5.99 41.15 -18.75
N GLY C 42 -5.84 39.93 -19.28
CA GLY C 42 -6.83 39.28 -20.15
C GLY C 42 -7.23 37.92 -19.58
N ALA C 43 -7.66 37.92 -18.33
CA ALA C 43 -8.10 36.71 -17.65
C ALA C 43 -9.61 36.51 -17.81
N ALA C 44 -10.11 35.40 -17.26
CA ALA C 44 -11.54 35.10 -17.28
C ALA C 44 -12.31 36.07 -16.37
N PRO C 45 -13.62 36.22 -16.59
CA PRO C 45 -14.39 37.08 -15.68
C PRO C 45 -14.53 36.50 -14.28
N LYS C 46 -14.75 37.39 -13.31
CA LYS C 46 -15.15 36.99 -11.98
C LYS C 46 -16.44 37.72 -11.62
N LEU C 47 -17.23 37.13 -10.73
CA LEU C 47 -18.47 37.75 -10.28
C LEU C 47 -18.14 38.94 -9.39
N LEU C 48 -18.74 40.08 -9.71
CA LEU C 48 -18.55 41.30 -8.91
C LEU C 48 -19.79 41.58 -8.07
N ILE C 49 -20.94 41.63 -8.74
CA ILE C 49 -22.22 41.90 -8.07
C ILE C 49 -23.23 40.82 -8.48
N TYR C 50 -24.14 40.49 -7.56
CA TYR C 50 -25.27 39.61 -7.84
C TYR C 50 -26.50 40.04 -7.06
N ASP C 51 -27.65 39.49 -7.42
CA ASP C 51 -28.95 39.85 -6.81
C ASP C 51 -29.09 41.36 -6.69
N THR C 52 -28.94 42.04 -7.82
CA THR C 52 -28.95 43.50 -7.92
C THR C 52 -27.74 44.16 -7.23
N ASN C 53 -27.36 43.69 -6.04
CA ASN C 53 -26.40 44.40 -5.20
C ASN C 53 -25.80 43.58 -4.05
N LYS C 54 -25.07 42.51 -4.37
CA LYS C 54 -24.41 41.71 -3.33
C LYS C 54 -23.00 41.29 -3.73
N ARG C 55 -22.08 41.42 -2.78
CA ARG C 55 -20.66 41.24 -3.05
C ARG C 55 -20.12 39.96 -2.41
N PRO C 56 -19.53 39.06 -3.21
CA PRO C 56 -18.90 37.84 -2.71
C PRO C 56 -17.60 38.15 -1.96
N SER C 57 -17.48 37.64 -0.73
CA SER C 57 -16.43 38.02 0.24
C SER C 57 -15.07 38.39 -0.37
N GLY C 58 -14.52 39.51 0.10
CA GLY C 58 -13.28 40.07 -0.46
C GLY C 58 -13.55 40.89 -1.71
N VAL C 59 -14.63 41.66 -1.71
CA VAL C 59 -14.97 42.60 -2.78
C VAL C 59 -15.50 43.90 -2.13
N SER C 60 -14.73 44.98 -2.27
CA SER C 60 -15.02 46.29 -1.67
C SER C 60 -16.46 46.77 -1.87
N ASP C 61 -16.99 47.42 -0.83
CA ASP C 61 -18.24 48.16 -0.91
C ASP C 61 -18.11 49.40 -1.79
N ARG C 62 -16.86 49.73 -2.15
CA ARG C 62 -16.57 50.71 -3.19
C ARG C 62 -17.38 50.40 -4.45
N PHE C 63 -17.53 49.11 -4.74
CA PHE C 63 -18.45 48.63 -5.76
C PHE C 63 -19.84 48.52 -5.15
N SER C 64 -20.84 48.99 -5.89
CA SER C 64 -22.20 49.07 -5.37
C SER C 64 -23.26 48.96 -6.47
N GLY C 65 -24.15 47.98 -6.32
CA GLY C 65 -25.16 47.67 -7.32
C GLY C 65 -26.49 48.37 -7.11
N SER C 66 -27.25 48.49 -8.19
CA SER C 66 -28.58 49.12 -8.17
C SER C 66 -29.38 48.72 -9.39
N LYS C 67 -30.71 48.83 -9.30
CA LYS C 67 -31.58 48.73 -10.47
C LYS C 67 -32.79 49.67 -10.34
N SER C 68 -33.27 50.14 -11.49
CA SER C 68 -34.40 51.06 -11.56
C SER C 68 -35.30 50.67 -12.73
N GLY C 69 -36.47 50.13 -12.40
CA GLY C 69 -37.44 49.71 -13.39
C GLY C 69 -36.87 48.69 -14.36
N SER C 70 -36.36 49.19 -15.47
CA SER C 70 -35.79 48.36 -16.53
C SER C 70 -34.35 48.77 -16.82
N SER C 71 -33.63 49.22 -15.79
CA SER C 71 -32.25 49.67 -15.96
C SER C 71 -31.46 49.55 -14.65
N ALA C 72 -30.23 49.03 -14.77
CA ALA C 72 -29.36 48.84 -13.60
C ALA C 72 -28.13 49.76 -13.66
N SER C 73 -27.39 49.84 -12.55
CA SER C 73 -26.14 50.59 -12.50
C SER C 73 -25.11 49.99 -11.54
N LEU C 74 -23.82 50.20 -11.85
CA LEU C 74 -22.71 49.77 -11.02
C LEU C 74 -21.90 51.00 -10.60
N ALA C 75 -22.16 51.48 -9.38
CA ALA C 75 -21.44 52.61 -8.82
C ALA C 75 -20.10 52.16 -8.21
N ILE C 76 -19.03 52.87 -8.58
CA ILE C 76 -17.68 52.57 -8.08
C ILE C 76 -17.07 53.83 -7.48
N THR C 77 -16.65 53.76 -6.20
CA THR C 77 -15.93 54.87 -5.55
C THR C 77 -14.51 54.44 -5.18
N GLY C 78 -13.69 55.42 -4.79
CA GLY C 78 -12.31 55.18 -4.39
C GLY C 78 -11.43 54.58 -5.47
N LEU C 79 -11.67 54.97 -6.71
CA LEU C 79 -11.00 54.36 -7.88
C LEU C 79 -9.49 54.22 -7.73
N GLN C 80 -8.98 53.04 -8.08
CA GLN C 80 -7.54 52.79 -8.11
C GLN C 80 -7.21 52.22 -9.48
N THR C 81 -5.93 51.91 -9.69
CA THR C 81 -5.48 51.31 -10.94
C THR C 81 -6.00 49.89 -11.10
N GLY C 82 -6.06 49.14 -9.99
CA GLY C 82 -6.55 47.77 -10.00
C GLY C 82 -7.94 47.60 -10.60
N ASP C 83 -8.73 48.67 -10.55
CA ASP C 83 -10.10 48.65 -11.04
C ASP C 83 -10.22 48.70 -12.56
N GLU C 84 -9.18 49.17 -13.26
CA GLU C 84 -9.19 49.24 -14.72
C GLU C 84 -9.44 47.87 -15.35
N ALA C 85 -10.66 47.68 -15.84
CA ALA C 85 -11.11 46.40 -16.39
C ALA C 85 -12.37 46.57 -17.25
N ASP C 86 -12.94 45.45 -17.68
CA ASP C 86 -14.17 45.43 -18.46
C ASP C 86 -15.35 44.99 -17.60
N TYR C 87 -16.53 45.58 -17.83
CA TYR C 87 -17.69 45.33 -16.97
C TYR C 87 -18.96 44.95 -17.75
N TYR C 88 -19.57 43.85 -17.35
CA TYR C 88 -20.77 43.31 -18.01
C TYR C 88 -21.87 43.06 -16.99
N CYS C 89 -23.05 43.65 -17.23
CA CYS C 89 -24.22 43.34 -16.42
C CYS C 89 -24.83 42.03 -16.90
N GLY C 90 -25.59 41.37 -16.04
CA GLY C 90 -26.16 40.05 -16.34
C GLY C 90 -27.52 39.80 -15.71
N ALA C 91 -28.56 39.95 -16.52
CA ALA C 91 -29.93 39.67 -16.09
C ALA C 91 -30.47 38.45 -16.82
N TRP C 92 -31.37 37.73 -16.14
CA TRP C 92 -32.12 36.63 -16.77
C TRP C 92 -33.30 37.20 -17.54
N ASP C 93 -33.73 36.50 -18.58
CA ASP C 93 -34.78 37.01 -19.46
C ASP C 93 -35.78 35.91 -19.85
N GLY C 94 -37.06 36.14 -19.55
CA GLY C 94 -38.13 35.20 -19.83
C GLY C 94 -38.79 35.36 -21.18
N SER C 95 -38.44 36.42 -21.92
CA SER C 95 -38.92 36.60 -23.31
C SER C 95 -38.39 35.48 -24.18
N LEU C 96 -37.08 35.33 -24.15
CA LEU C 96 -36.39 34.35 -24.97
C LEU C 96 -35.68 33.32 -24.10
N ASN C 97 -35.96 33.25 -22.87
CA ASN C 97 -35.45 32.29 -21.89
C ASN C 97 -33.91 32.18 -21.93
N VAL C 98 -33.26 33.24 -21.70
CA VAL C 98 -31.80 33.40 -21.84
C VAL C 98 -31.19 34.31 -20.79
N HIS C 99 -29.91 34.07 -20.48
CA HIS C 99 -29.11 35.05 -19.77
C HIS C 99 -28.69 36.08 -20.82
N ILE C 100 -29.22 37.30 -20.71
CA ILE C 100 -28.85 38.37 -21.64
C ILE C 100 -27.75 39.23 -21.02
N PHE C 101 -26.55 39.14 -21.59
CA PHE C 101 -25.41 39.91 -21.10
C PHE C 101 -25.48 41.37 -21.56
N GLY C 102 -24.96 42.26 -20.72
CA GLY C 102 -24.75 43.66 -21.10
C GLY C 102 -23.70 43.74 -22.19
N SER C 103 -23.88 44.69 -23.11
CA SER C 103 -23.03 44.82 -24.29
C SER C 103 -21.53 44.92 -23.96
N GLY C 104 -21.21 45.70 -22.95
CA GLY C 104 -19.84 45.89 -22.49
C GLY C 104 -19.48 47.34 -22.18
N THR C 105 -18.69 47.52 -21.13
CA THR C 105 -18.13 48.83 -20.76
C THR C 105 -16.69 48.67 -20.30
N LYS C 106 -15.84 49.58 -20.74
CA LYS C 106 -14.43 49.57 -20.38
C LYS C 106 -14.15 50.71 -19.41
N LEU C 107 -13.73 50.35 -18.19
CA LEU C 107 -13.33 51.33 -17.21
C LEU C 107 -11.85 51.65 -17.37
N THR C 108 -11.56 52.91 -17.62
CA THR C 108 -10.19 53.36 -17.80
C THR C 108 -9.81 54.34 -16.69
N VAL C 109 -8.74 54.02 -15.97
CA VAL C 109 -8.21 54.87 -14.91
C VAL C 109 -6.96 55.57 -15.44
N LEU C 110 -6.86 56.83 -15.28
CA LEU C 110 -5.90 57.74 -15.92
C LEU C 110 -4.84 58.15 -14.89
N GLY C 111 -3.56 58.24 -15.26
CA GLY C 111 -3.05 57.86 -16.58
C GLY C 111 -2.36 59.01 -17.28
N GLN C 112 -3.04 59.55 -18.28
CA GLN C 112 -2.53 60.63 -19.12
C GLN C 112 -3.70 61.39 -19.72
N PRO C 113 -3.44 62.54 -20.35
CA PRO C 113 -4.53 63.30 -20.96
C PRO C 113 -5.26 62.55 -22.08
N LYS C 114 -6.51 62.95 -22.31
CA LYS C 114 -7.36 62.35 -23.33
C LYS C 114 -6.94 62.81 -24.72
N ALA C 115 -6.46 61.87 -25.51
CA ALA C 115 -6.13 62.12 -26.91
C ALA C 115 -7.20 61.54 -27.81
N SER C 116 -7.74 62.36 -28.71
CA SER C 116 -8.69 61.90 -29.70
C SER C 116 -7.91 61.20 -30.83
N PRO C 117 -8.51 60.21 -31.51
CA PRO C 117 -7.72 59.37 -32.42
C PRO C 117 -7.41 60.01 -33.78
N LEU C 118 -6.24 59.67 -34.34
CA LEU C 118 -5.84 60.13 -35.68
C LEU C 118 -6.12 59.02 -36.69
N VAL C 119 -6.98 59.32 -37.67
CA VAL C 119 -7.52 58.30 -38.57
C VAL C 119 -6.90 58.36 -39.97
N THR C 120 -6.66 57.18 -40.55
CA THR C 120 -6.07 57.05 -41.89
C THR C 120 -6.80 55.96 -42.69
N LEU C 121 -6.93 56.17 -43.99
CA LEU C 121 -7.63 55.21 -44.87
C LEU C 121 -6.86 55.00 -46.18
N PHE C 122 -6.24 53.81 -46.30
CA PHE C 122 -5.49 53.46 -47.49
C PHE C 122 -6.38 52.70 -48.49
N PRO C 123 -6.39 53.14 -49.77
CA PRO C 123 -7.11 52.39 -50.79
C PRO C 123 -6.31 51.16 -51.24
N PRO C 124 -6.97 50.12 -51.77
CA PRO C 124 -6.27 48.90 -52.16
C PRO C 124 -5.10 49.16 -53.10
N SER C 125 -3.99 48.47 -52.88
CA SER C 125 -2.76 48.70 -53.64
C SER C 125 -2.90 48.28 -55.09
N SER C 126 -2.11 48.94 -55.95
CA SER C 126 -2.03 48.56 -57.36
C SER C 126 -1.48 47.14 -57.55
N GLU C 127 -0.92 46.56 -56.49
CA GLU C 127 -0.48 45.16 -56.51
C GLU C 127 -1.60 44.19 -56.15
N GLU C 128 -2.48 44.58 -55.22
CA GLU C 128 -3.60 43.74 -54.82
C GLU C 128 -4.65 43.67 -55.92
N LEU C 129 -4.97 44.83 -56.50
CA LEU C 129 -5.95 44.89 -57.60
C LEU C 129 -5.54 44.07 -58.81
N GLN C 130 -4.24 43.80 -58.94
CA GLN C 130 -3.73 42.83 -59.92
C GLN C 130 -3.83 41.40 -59.38
N ALA C 131 -4.91 41.13 -58.64
CA ALA C 131 -5.30 39.79 -58.24
C ALA C 131 -6.82 39.76 -58.06
N ASN C 132 -7.52 40.62 -58.80
CA ASN C 132 -8.96 40.84 -58.67
C ASN C 132 -9.46 40.91 -57.23
N LYS C 133 -8.87 41.82 -56.46
CA LYS C 133 -9.07 41.92 -55.02
C LYS C 133 -9.32 43.37 -54.59
N ALA C 134 -9.35 43.59 -53.27
CA ALA C 134 -9.42 44.93 -52.66
C ALA C 134 -9.47 44.78 -51.16
N THR C 135 -8.57 45.45 -50.44
CA THR C 135 -8.60 45.44 -48.97
C THR C 135 -8.33 46.83 -48.41
N LEU C 136 -9.39 47.63 -48.30
CA LEU C 136 -9.31 48.96 -47.69
C LEU C 136 -8.88 48.80 -46.25
N VAL C 137 -7.68 49.26 -45.92
CA VAL C 137 -7.18 49.21 -44.55
C VAL C 137 -7.43 50.56 -43.90
N CYS C 138 -8.13 50.55 -42.77
CA CYS C 138 -8.35 51.77 -41.98
C CYS C 138 -7.45 51.76 -40.74
N LEU C 139 -6.91 52.92 -40.40
CA LEU C 139 -5.90 53.03 -39.37
C LEU C 139 -6.28 54.06 -38.31
N ILE C 140 -6.66 53.56 -37.13
CA ILE C 140 -7.00 54.41 -35.99
C ILE C 140 -5.84 54.34 -35.00
N SER C 141 -5.14 55.46 -34.79
CA SER C 141 -3.98 55.48 -33.90
C SER C 141 -3.93 56.72 -33.00
N ASP C 142 -3.11 56.63 -31.96
CA ASP C 142 -2.94 57.68 -30.95
C ASP C 142 -4.24 58.07 -30.25
N PHE C 143 -4.66 57.26 -29.27
CA PHE C 143 -5.83 57.60 -28.46
C PHE C 143 -5.83 57.00 -27.03
N TYR C 144 -6.64 57.63 -26.18
CA TYR C 144 -6.79 57.26 -24.78
C TYR C 144 -8.05 57.96 -24.26
N PRO C 145 -9.00 57.25 -23.65
CA PRO C 145 -9.01 55.80 -23.42
C PRO C 145 -9.11 54.96 -24.70
N GLY C 146 -8.72 53.68 -24.60
CA GLY C 146 -8.64 52.79 -25.75
C GLY C 146 -9.94 52.11 -26.12
N VAL C 147 -10.90 52.88 -26.62
CA VAL C 147 -12.20 52.38 -27.04
C VAL C 147 -12.63 53.09 -28.33
N VAL C 148 -13.03 52.30 -29.34
CA VAL C 148 -13.38 52.85 -30.66
C VAL C 148 -14.45 52.02 -31.39
N LYS C 149 -15.57 52.67 -31.71
CA LYS C 149 -16.58 52.11 -32.61
C LYS C 149 -16.26 52.55 -34.04
N VAL C 150 -15.99 51.58 -34.92
CA VAL C 150 -15.63 51.88 -36.31
C VAL C 150 -16.72 51.40 -37.27
N ALA C 151 -17.03 52.22 -38.27
CA ALA C 151 -18.04 51.89 -39.28
C ALA C 151 -17.55 52.24 -40.69
N TRP C 152 -17.85 51.37 -41.65
CA TRP C 152 -17.53 51.61 -43.05
C TRP C 152 -18.78 51.97 -43.83
N LYS C 153 -18.64 52.94 -44.74
CA LYS C 153 -19.71 53.31 -45.65
C LYS C 153 -19.30 53.05 -47.10
N ALA C 154 -20.29 53.05 -47.99
CA ALA C 154 -20.05 52.94 -49.43
C ALA C 154 -21.23 53.56 -50.16
N ASP C 155 -21.02 54.75 -50.72
CA ASP C 155 -22.09 55.59 -51.28
C ASP C 155 -23.10 56.02 -50.20
N GLY C 156 -22.67 55.98 -48.94
CA GLY C 156 -23.53 56.27 -47.80
C GLY C 156 -24.26 55.06 -47.24
N ASN C 157 -24.05 53.89 -47.84
CA ASN C 157 -24.75 52.67 -47.45
C ASN C 157 -24.02 51.86 -46.39
N SER C 158 -24.78 51.09 -45.61
CA SER C 158 -24.23 50.25 -44.54
C SER C 158 -23.41 49.09 -45.10
N VAL C 159 -22.21 48.91 -44.57
CA VAL C 159 -21.34 47.81 -44.98
C VAL C 159 -20.92 47.00 -43.75
N ASN C 160 -21.59 45.88 -43.55
CA ASN C 160 -21.29 44.96 -42.46
C ASN C 160 -20.71 43.65 -43.00
N THR C 161 -20.53 43.59 -44.32
CA THR C 161 -20.09 42.38 -45.02
C THR C 161 -18.60 42.43 -45.33
N GLY C 162 -17.87 41.41 -44.87
CA GLY C 162 -16.42 41.31 -45.10
C GLY C 162 -15.59 42.32 -44.33
N VAL C 163 -16.11 42.80 -43.20
CA VAL C 163 -15.45 43.82 -42.38
C VAL C 163 -14.79 43.18 -41.16
N GLU C 164 -13.53 43.52 -40.91
CA GLU C 164 -12.78 43.02 -39.77
C GLU C 164 -12.12 44.19 -39.02
N THR C 165 -11.95 44.04 -37.71
CA THR C 165 -11.43 45.13 -36.86
C THR C 165 -10.67 44.59 -35.64
N THR C 166 -9.41 44.97 -35.50
CA THR C 166 -8.60 44.55 -34.35
C THR C 166 -9.04 45.30 -33.11
N THR C 167 -8.85 44.67 -31.95
CA THR C 167 -9.12 45.31 -30.66
C THR C 167 -7.93 46.25 -30.33
N PRO C 168 -8.21 47.42 -29.72
CA PRO C 168 -7.18 48.39 -29.36
C PRO C 168 -5.94 47.80 -28.67
N SER C 169 -4.77 48.31 -29.02
CA SER C 169 -3.49 47.80 -28.52
C SER C 169 -2.52 48.92 -28.16
N LYS C 170 -1.81 48.73 -27.06
CA LYS C 170 -0.93 49.75 -26.49
C LYS C 170 0.30 50.03 -27.37
N GLN C 171 0.39 51.25 -27.88
CA GLN C 171 1.57 51.69 -28.62
C GLN C 171 2.73 51.94 -27.66
N SER C 172 3.92 52.17 -28.22
CA SER C 172 5.11 52.42 -27.41
C SER C 172 5.04 53.71 -26.57
N ASN C 173 4.00 54.51 -26.79
CA ASN C 173 3.77 55.73 -26.01
C ASN C 173 2.53 55.64 -25.11
N ASN C 174 2.15 54.40 -24.77
CA ASN C 174 0.97 54.11 -23.94
C ASN C 174 -0.39 54.53 -24.52
N LYS C 175 -0.38 55.41 -25.52
CA LYS C 175 -1.59 55.68 -26.31
C LYS C 175 -1.97 54.44 -27.11
N TYR C 176 -3.24 54.34 -27.47
CA TYR C 176 -3.78 53.13 -28.09
C TYR C 176 -3.86 53.21 -29.61
N ALA C 177 -4.07 52.05 -30.24
CA ALA C 177 -4.16 51.95 -31.69
C ALA C 177 -5.14 50.85 -32.14
N ALA C 178 -6.02 51.21 -33.07
CA ALA C 178 -6.95 50.27 -33.68
C ALA C 178 -6.74 50.20 -35.19
N SER C 179 -7.24 49.13 -35.79
CA SER C 179 -7.17 48.95 -37.25
C SER C 179 -8.36 48.15 -37.77
N SER C 180 -9.00 48.67 -38.81
CA SER C 180 -10.11 48.00 -39.47
C SER C 180 -9.74 47.60 -40.90
N TYR C 181 -10.41 46.57 -41.42
CA TYR C 181 -10.15 46.05 -42.76
C TYR C 181 -11.48 45.79 -43.47
N LEU C 182 -11.61 46.26 -44.71
CA LEU C 182 -12.74 45.90 -45.56
C LEU C 182 -12.24 45.23 -46.85
N SER C 183 -12.57 43.95 -47.02
CA SER C 183 -12.11 43.16 -48.17
C SER C 183 -13.21 42.98 -49.22
N LEU C 184 -12.95 43.49 -50.42
CA LEU C 184 -13.94 43.52 -51.52
C LEU C 184 -13.43 42.75 -52.74
N THR C 185 -14.26 42.69 -53.79
CA THR C 185 -13.83 42.19 -55.10
C THR C 185 -13.09 43.30 -55.86
N SER C 186 -12.47 42.93 -56.98
CA SER C 186 -11.90 43.91 -57.91
C SER C 186 -12.95 44.93 -58.36
N ASP C 187 -14.05 44.44 -58.92
CA ASP C 187 -15.08 45.31 -59.49
C ASP C 187 -15.91 46.00 -58.40
N GLN C 188 -16.17 45.30 -57.30
CA GLN C 188 -16.81 45.90 -56.13
C GLN C 188 -16.15 47.22 -55.73
N TRP C 189 -14.83 47.31 -55.94
CA TRP C 189 -14.06 48.51 -55.65
C TRP C 189 -14.25 49.60 -56.71
N LYS C 190 -14.33 49.21 -57.98
CA LYS C 190 -14.52 50.16 -59.09
C LYS C 190 -15.99 50.51 -59.32
N SER C 191 -16.90 49.66 -58.85
CA SER C 191 -18.34 49.85 -59.01
C SER C 191 -18.96 50.63 -57.84
N HIS C 192 -18.14 51.42 -57.15
CA HIS C 192 -18.60 52.27 -56.06
C HIS C 192 -17.85 53.60 -56.07
N LYS C 193 -18.60 54.70 -55.90
CA LYS C 193 -18.05 56.05 -55.97
C LYS C 193 -17.16 56.37 -54.76
N SER C 194 -17.79 56.69 -53.62
CA SER C 194 -17.07 57.06 -52.41
C SER C 194 -17.31 56.02 -51.32
N TYR C 195 -16.28 55.73 -50.53
CA TYR C 195 -16.40 54.77 -49.42
C TYR C 195 -16.56 55.49 -48.07
N SER C 196 -15.63 55.31 -47.14
CA SER C 196 -15.55 56.05 -45.87
C SER C 196 -15.40 55.18 -44.62
N CYS C 197 -14.25 55.29 -43.96
CA CYS C 197 -14.03 54.71 -42.64
C CYS C 197 -14.31 55.78 -41.57
N GLN C 198 -15.27 55.51 -40.70
CA GLN C 198 -15.71 56.46 -39.66
C GLN C 198 -15.44 55.91 -38.27
N VAL C 199 -14.70 56.66 -37.46
CA VAL C 199 -14.30 56.21 -36.14
C VAL C 199 -14.87 57.13 -35.06
N THR C 200 -15.47 56.53 -34.03
CA THR C 200 -16.00 57.26 -32.89
C THR C 200 -15.18 56.94 -31.63
N HIS C 201 -14.70 57.97 -30.96
CA HIS C 201 -13.95 57.84 -29.71
C HIS C 201 -14.38 58.91 -28.72
N GLU C 202 -14.80 58.47 -27.53
CA GLU C 202 -15.38 59.33 -26.49
C GLU C 202 -16.62 60.09 -26.97
N GLY C 203 -17.37 59.47 -27.88
CA GLY C 203 -18.66 59.99 -28.34
C GLY C 203 -18.66 60.94 -29.53
N SER C 204 -17.64 60.86 -30.39
CA SER C 204 -17.56 61.71 -31.58
C SER C 204 -16.93 61.00 -32.78
N THR C 205 -17.41 61.33 -33.98
CA THR C 205 -17.05 60.63 -35.21
C THR C 205 -16.03 61.42 -36.07
N VAL C 206 -15.08 60.69 -36.66
CA VAL C 206 -13.97 61.28 -37.45
C VAL C 206 -13.84 60.58 -38.81
N GLU C 207 -14.55 61.07 -39.82
CA GLU C 207 -14.69 60.38 -41.11
C GLU C 207 -13.60 60.69 -42.15
N LYS C 208 -13.24 59.68 -42.95
CA LYS C 208 -12.31 59.79 -44.09
C LYS C 208 -12.87 59.00 -45.29
N THR C 209 -12.58 59.44 -46.51
CA THR C 209 -13.13 58.82 -47.74
C THR C 209 -12.05 58.55 -48.81
N VAL C 210 -12.36 57.68 -49.77
CA VAL C 210 -11.43 57.33 -50.87
C VAL C 210 -12.16 57.16 -52.22
N ALA C 211 -11.38 57.19 -53.31
CA ALA C 211 -11.92 57.08 -54.67
C ALA C 211 -11.13 56.08 -55.55
N PRO C 212 -11.83 55.31 -56.41
CA PRO C 212 -11.15 54.41 -57.35
C PRO C 212 -10.68 55.13 -58.61
N ASN D 2 -23.59 -2.70 16.71
CA ASN D 2 -23.17 -4.17 16.88
C ASN D 2 -24.00 -4.93 17.93
N LEU D 3 -24.96 -5.66 17.40
CA LEU D 3 -26.25 -5.72 18.02
C LEU D 3 -26.09 -6.78 19.06
N HIS D 4 -25.51 -7.88 18.64
CA HIS D 4 -25.20 -8.99 19.54
C HIS D 4 -24.40 -8.52 20.76
N PHE D 5 -23.44 -7.63 20.55
CA PHE D 5 -22.73 -7.01 21.67
C PHE D 5 -23.74 -6.33 22.58
N CYS D 6 -24.57 -5.48 21.98
CA CYS D 6 -25.60 -4.73 22.69
C CYS D 6 -26.64 -5.60 23.43
N GLN D 7 -27.16 -6.62 22.75
CA GLN D 7 -28.13 -7.57 23.33
C GLN D 7 -27.57 -8.16 24.62
N LEU D 8 -26.40 -8.78 24.47
CA LEU D 8 -25.65 -9.39 25.55
C LEU D 8 -25.22 -8.37 26.60
N ARG D 9 -24.92 -7.16 26.12
CA ARG D 9 -24.50 -6.05 26.98
C ARG D 9 -25.57 -5.70 28.02
N CYS D 10 -26.82 -5.67 27.58
CA CYS D 10 -27.95 -5.26 28.42
C CYS D 10 -28.54 -6.41 29.24
N LYS D 11 -28.39 -7.65 28.77
CA LYS D 11 -28.85 -8.83 29.52
C LYS D 11 -28.08 -9.01 30.83
N SER D 12 -26.90 -8.40 30.90
CA SER D 12 -26.18 -8.25 32.17
C SER D 12 -27.10 -7.60 33.20
N LEU D 13 -27.91 -6.65 32.75
CA LEU D 13 -28.90 -5.97 33.59
C LEU D 13 -30.25 -6.71 33.69
N GLY D 14 -30.50 -7.64 32.78
CA GLY D 14 -31.81 -8.30 32.67
C GLY D 14 -32.70 -7.55 31.70
N LEU D 15 -32.08 -6.74 30.85
CA LEU D 15 -32.76 -5.99 29.79
C LEU D 15 -32.41 -6.61 28.44
N LEU D 16 -33.23 -6.32 27.43
CA LEU D 16 -32.91 -6.69 26.05
C LEU D 16 -32.12 -5.55 25.42
N GLY D 17 -31.49 -5.83 24.28
CA GLY D 17 -30.68 -4.85 23.59
C GLY D 17 -31.31 -4.35 22.31
N ARG D 18 -31.20 -3.04 22.07
CA ARG D 18 -31.77 -2.40 20.91
C ARG D 18 -30.77 -1.46 20.26
N CYS D 19 -30.66 -1.55 18.94
CA CYS D 19 -29.85 -0.61 18.20
C CYS D 19 -30.63 0.69 18.03
N ALA D 20 -30.06 1.77 18.58
CA ALA D 20 -30.61 3.12 18.46
C ALA D 20 -29.63 3.90 17.60
N THR D 22 -26.24 3.86 15.66
CA THR D 22 -25.00 3.13 15.85
C THR D 22 -24.66 3.02 17.34
N PHE D 23 -25.65 3.30 18.20
CA PHE D 23 -25.48 3.24 19.65
C PHE D 23 -26.32 2.13 20.27
N CYS D 24 -25.86 1.63 21.41
CA CYS D 24 -26.56 0.58 22.13
C CYS D 24 -27.54 1.14 23.16
N ALA D 25 -28.76 0.59 23.19
CA ALA D 25 -29.78 0.97 24.16
C ALA D 25 -30.36 -0.29 24.82
N CYS D 26 -30.94 -0.14 26.01
CA CYS D 26 -31.43 -1.30 26.75
C CYS D 26 -32.89 -1.18 27.19
N VAL D 27 -33.74 -2.02 26.59
CA VAL D 27 -35.11 -2.30 27.09
C VAL D 27 -35.57 -3.71 26.62
N VAL E 1 28.44 -25.60 38.60
CA VAL E 1 28.20 -26.82 37.77
C VAL E 1 27.16 -26.57 36.67
N TRP E 2 25.96 -26.13 37.05
CA TRP E 2 24.93 -25.71 36.08
C TRP E 2 23.90 -24.80 36.72
N LYS E 3 23.32 -23.92 35.93
CA LYS E 3 22.26 -23.03 36.42
C LYS E 3 21.13 -22.85 35.41
N ASP E 4 19.90 -22.89 35.91
CA ASP E 4 18.71 -22.63 35.13
C ASP E 4 18.92 -21.42 34.24
N ALA E 5 18.94 -21.67 32.92
CA ALA E 5 19.20 -20.63 31.94
C ALA E 5 18.31 -20.82 30.73
N ASP E 6 18.41 -19.90 29.78
CA ASP E 6 17.63 -19.97 28.55
C ASP E 6 18.45 -19.71 27.30
N THR E 7 18.03 -20.34 26.21
CA THR E 7 18.69 -20.22 24.91
C THR E 7 17.74 -20.71 23.83
N THR E 8 17.97 -20.28 22.59
CA THR E 8 17.14 -20.74 21.48
C THR E 8 17.48 -22.19 21.19
N LEU E 9 16.59 -23.09 21.59
CA LEU E 9 16.75 -24.52 21.36
C LEU E 9 16.56 -24.80 19.89
N PHE E 10 17.28 -25.79 19.37
CA PHE E 10 17.09 -26.21 17.97
C PHE E 10 16.19 -27.42 17.87
N CYS E 11 15.30 -27.39 16.90
CA CYS E 11 14.31 -28.44 16.71
C CYS E 11 14.86 -29.52 15.78
N ALA E 12 14.34 -30.74 15.94
CA ALA E 12 14.74 -31.88 15.12
C ALA E 12 13.57 -32.83 14.89
N SER E 13 13.40 -33.26 13.66
CA SER E 13 12.36 -34.23 13.30
C SER E 13 12.92 -35.23 12.31
N ASP E 14 12.03 -35.94 11.62
CA ASP E 14 12.42 -36.82 10.52
C ASP E 14 11.88 -36.30 9.19
N ALA E 15 10.65 -35.76 9.23
CA ALA E 15 10.01 -35.05 8.12
C ALA E 15 10.66 -35.28 6.75
N LYS E 16 10.20 -36.32 6.07
CA LYS E 16 10.64 -36.60 4.71
C LYS E 16 10.61 -35.28 3.93
N ALA E 17 11.80 -34.80 3.57
CA ALA E 17 11.96 -33.57 2.79
C ALA E 17 11.26 -33.65 1.43
N HIS E 18 10.81 -34.84 1.05
CA HIS E 18 10.00 -35.04 -0.16
C HIS E 18 8.51 -34.74 0.07
N GLU E 19 8.05 -34.82 1.32
CA GLU E 19 6.64 -34.78 1.64
C GLU E 19 6.02 -33.37 1.56
N THR E 20 4.81 -33.30 1.03
CA THR E 20 4.07 -32.03 0.86
C THR E 20 3.32 -31.59 2.12
N GLU E 21 3.21 -32.48 3.11
CA GLU E 21 2.66 -32.16 4.44
C GLU E 21 3.19 -30.84 5.00
N VAL E 22 2.30 -30.04 5.54
CA VAL E 22 2.67 -28.70 6.04
C VAL E 22 3.51 -28.72 7.33
N HIS E 23 3.30 -29.74 8.17
CA HIS E 23 4.15 -29.97 9.33
C HIS E 23 5.58 -30.37 8.92
N ASN E 24 5.74 -30.76 7.65
CA ASN E 24 7.04 -31.05 7.06
C ASN E 24 7.62 -29.80 6.38
N VAL E 25 6.75 -29.08 5.67
CA VAL E 25 7.11 -27.82 4.99
C VAL E 25 7.72 -26.81 5.97
N TRP E 26 7.23 -26.81 7.22
CA TRP E 26 7.86 -26.02 8.28
C TRP E 26 9.08 -26.73 8.85
N ALA E 27 9.03 -28.05 8.97
CA ALA E 27 10.09 -28.84 9.58
C ALA E 27 11.44 -28.68 8.86
N THR E 28 11.52 -29.12 7.60
CA THR E 28 12.78 -29.11 6.86
C THR E 28 13.38 -27.70 6.67
N HIS E 29 12.55 -26.67 6.76
CA HIS E 29 12.99 -25.27 6.64
C HIS E 29 13.39 -24.60 7.98
N ALA E 30 13.46 -25.39 9.04
CA ALA E 30 13.77 -24.87 10.38
C ALA E 30 14.41 -25.92 11.30
N CYS E 31 14.11 -27.20 11.06
CA CYS E 31 14.58 -28.31 11.90
C CYS E 31 15.52 -29.26 11.16
N VAL E 32 16.28 -30.02 11.95
CA VAL E 32 17.29 -30.96 11.46
C VAL E 32 16.82 -32.41 11.61
N PRO E 33 17.61 -33.39 11.11
CA PRO E 33 17.30 -34.78 11.41
C PRO E 33 17.46 -35.12 12.89
N THR E 34 16.67 -36.08 13.37
CA THR E 34 16.79 -36.56 14.74
C THR E 34 18.12 -37.24 15.03
N ASP E 35 18.58 -37.12 16.27
CA ASP E 35 19.72 -37.89 16.75
C ASP E 35 19.40 -39.37 16.57
N PRO E 36 20.28 -40.13 15.91
CA PRO E 36 20.01 -41.54 15.68
C PRO E 36 20.33 -42.42 16.90
N ASN E 37 21.06 -41.86 17.86
CA ASN E 37 21.48 -42.59 19.05
C ASN E 37 21.52 -41.68 20.28
N PRO E 38 20.32 -41.29 20.78
CA PRO E 38 20.26 -40.40 21.92
C PRO E 38 20.94 -40.96 23.17
N GLN E 39 21.86 -40.18 23.74
CA GLN E 39 22.61 -40.57 24.93
C GLN E 39 22.02 -39.92 26.19
N GLU E 40 21.99 -40.66 27.28
CA GLU E 40 21.48 -40.18 28.58
C GLU E 40 22.46 -40.49 29.72
N ILE E 41 22.67 -39.51 30.60
CA ILE E 41 23.65 -39.64 31.69
C ILE E 41 22.97 -39.51 33.05
N HIS E 42 23.00 -40.59 33.84
CA HIS E 42 22.46 -40.56 35.21
C HIS E 42 23.35 -39.69 36.08
N LEU E 43 22.77 -38.66 36.70
CA LEU E 43 23.48 -37.82 37.66
C LEU E 43 23.18 -38.33 39.07
N GLU E 44 24.08 -39.16 39.60
CA GLU E 44 23.86 -39.90 40.85
C GLU E 44 23.84 -38.99 42.08
N ASN E 45 22.87 -39.25 42.96
CA ASN E 45 22.58 -38.45 44.16
C ASN E 45 22.73 -36.92 44.01
N VAL E 46 22.52 -36.45 42.79
CA VAL E 46 22.32 -35.03 42.54
C VAL E 46 20.81 -34.83 42.42
N THR E 47 20.30 -33.77 43.04
CA THR E 47 18.87 -33.48 43.06
C THR E 47 18.57 -32.05 42.59
N GLU E 48 17.55 -31.88 41.77
CA GLU E 48 17.22 -30.56 41.22
C GLU E 48 15.73 -30.21 41.30
N ASN E 49 15.45 -28.92 41.39
CA ASN E 49 14.08 -28.40 41.43
C ASN E 49 13.58 -28.03 40.04
N PHE E 50 12.43 -28.60 39.68
CA PHE E 50 11.78 -28.33 38.41
C PHE E 50 10.47 -27.62 38.71
N ASN E 51 9.97 -26.89 37.73
CA ASN E 51 8.67 -26.24 37.86
C ASN E 51 8.06 -26.08 36.48
N MET E 52 7.10 -26.94 36.17
CA MET E 52 6.54 -27.04 34.82
C MET E 52 5.71 -25.82 34.40
N TRP E 53 5.33 -25.00 35.37
CA TRP E 53 4.52 -23.82 35.09
C TRP E 53 5.39 -22.59 34.84
N LYS E 54 6.69 -22.71 35.17
CA LYS E 54 7.68 -21.68 34.88
C LYS E 54 8.83 -22.26 34.05
N ASN E 55 8.59 -23.42 33.45
CA ASN E 55 9.50 -24.00 32.46
C ASN E 55 9.48 -23.15 31.19
N ASN E 56 10.65 -22.80 30.69
CA ASN E 56 10.79 -21.84 29.59
C ASN E 56 10.72 -22.44 28.17
N MET E 57 11.01 -23.73 28.05
CA MET E 57 10.98 -24.44 26.76
C MET E 57 9.59 -24.40 26.14
N VAL E 58 8.58 -24.41 27.01
CA VAL E 58 7.17 -24.35 26.62
C VAL E 58 6.87 -23.12 25.77
N GLU E 59 7.36 -21.97 26.24
CA GLU E 59 7.04 -20.68 25.63
C GLU E 59 7.66 -20.54 24.25
N GLN E 60 8.76 -21.24 24.01
CA GLN E 60 9.39 -21.32 22.69
C GLN E 60 8.54 -22.13 21.73
N MET E 61 8.12 -23.31 22.18
CA MET E 61 7.35 -24.24 21.36
C MET E 61 6.05 -23.60 20.90
N GLN E 62 5.39 -22.88 21.82
CA GLN E 62 4.20 -22.09 21.51
C GLN E 62 4.40 -21.26 20.24
N GLU E 63 5.54 -20.57 20.17
CA GLU E 63 5.85 -19.72 19.01
C GLU E 63 6.01 -20.53 17.72
N ASP E 64 6.68 -21.67 17.81
CA ASP E 64 6.88 -22.55 16.64
C ASP E 64 5.57 -23.09 16.07
N VAL E 65 4.64 -23.45 16.96
CA VAL E 65 3.32 -23.94 16.56
C VAL E 65 2.48 -22.80 15.96
N ILE E 66 2.65 -21.60 16.51
CA ILE E 66 2.04 -20.39 15.94
C ILE E 66 2.64 -20.14 14.55
N SER E 67 3.97 -20.09 14.49
CA SER E 67 4.71 -19.90 13.24
C SER E 67 4.32 -20.91 12.18
N LEU E 68 4.27 -22.18 12.57
CA LEU E 68 3.84 -23.28 11.71
C LEU E 68 2.42 -23.07 11.20
N TRP E 69 1.47 -22.98 12.12
CA TRP E 69 0.05 -22.75 11.81
C TRP E 69 -0.16 -21.52 10.92
N ASP E 70 0.55 -20.44 11.24
CA ASP E 70 0.44 -19.18 10.50
C ASP E 70 0.82 -19.33 9.02
N GLN E 71 1.88 -20.09 8.76
CA GLN E 71 2.35 -20.27 7.38
C GLN E 71 1.67 -21.43 6.65
N SER E 72 0.72 -22.10 7.30
CA SER E 72 0.03 -23.25 6.71
C SER E 72 -1.49 -23.04 6.68
N LEU E 73 -2.11 -22.98 7.85
CA LEU E 73 -3.54 -22.76 7.97
C LEU E 73 -3.83 -21.27 7.79
N GLN E 74 -4.46 -20.92 6.68
CA GLN E 74 -4.75 -19.52 6.36
C GLN E 74 -6.19 -19.35 5.86
N PRO E 75 -6.92 -18.37 6.42
CA PRO E 75 -8.36 -18.26 6.22
C PRO E 75 -8.77 -17.35 5.06
N CYS E 76 -9.90 -17.70 4.45
CA CYS E 76 -10.48 -16.93 3.35
C CYS E 76 -11.11 -15.64 3.87
N VAL E 77 -11.23 -15.50 5.19
CA VAL E 77 -11.57 -14.24 5.87
C VAL E 77 -10.92 -14.27 7.27
N LYS E 78 -10.07 -13.29 7.58
CA LYS E 78 -9.46 -13.18 8.91
C LYS E 78 -9.80 -11.85 9.59
N LEU E 79 -10.82 -11.87 10.45
CA LEU E 79 -11.40 -10.66 11.06
C LEU E 79 -10.65 -10.13 12.29
N THR E 80 -9.39 -10.53 12.47
CA THR E 80 -8.60 -10.07 13.62
C THR E 80 -8.41 -8.55 13.56
N GLY E 81 -7.36 -8.11 12.88
CA GLY E 81 -7.02 -6.69 12.80
C GLY E 81 -8.21 -5.83 12.39
N SER E 83 -8.76 -6.68 9.96
CA SER E 83 -9.70 -6.23 8.95
C SER E 83 -10.30 -7.41 8.19
N VAL E 84 -11.23 -7.12 7.27
CA VAL E 84 -11.84 -8.16 6.44
C VAL E 84 -10.81 -8.59 5.38
N ILE E 85 -10.01 -9.60 5.74
CA ILE E 85 -8.86 -10.02 4.92
C ILE E 85 -9.08 -11.41 4.30
N LYS E 86 -9.39 -11.41 3.00
CA LYS E 86 -9.45 -12.67 2.24
C LYS E 86 -8.04 -13.16 1.94
N GLN E 87 -7.89 -14.47 1.75
CA GLN E 87 -6.60 -15.08 1.53
C GLN E 87 -6.75 -16.42 0.79
N ALA E 88 -5.85 -16.67 -0.16
CA ALA E 88 -5.84 -17.93 -0.91
C ALA E 88 -5.74 -19.10 0.06
N CYS E 89 -6.90 -19.72 0.32
CA CYS E 89 -7.05 -20.76 1.34
C CYS E 89 -7.11 -22.14 0.70
N PRO E 90 -5.94 -22.81 0.56
CA PRO E 90 -5.92 -24.11 -0.12
C PRO E 90 -6.12 -25.27 0.87
N LYS E 91 -5.96 -26.50 0.37
CA LYS E 91 -6.06 -27.69 1.20
C LYS E 91 -4.76 -28.47 1.17
N ILE E 92 -4.27 -28.82 2.35
CA ILE E 92 -2.94 -29.43 2.51
C ILE E 92 -2.98 -30.57 3.49
N SER E 93 -1.99 -31.45 3.40
CA SER E 93 -1.87 -32.58 4.32
C SER E 93 -1.52 -32.02 5.69
N PHE E 94 -2.37 -32.33 6.67
CA PHE E 94 -2.20 -31.88 8.05
C PHE E 94 -2.09 -33.11 8.96
N ASP E 95 -0.92 -33.29 9.54
CA ASP E 95 -0.63 -34.41 10.43
C ASP E 95 0.56 -34.07 11.31
N PRO E 96 0.32 -33.67 12.57
CA PRO E 96 1.38 -33.42 13.54
C PRO E 96 2.46 -34.51 13.54
N ILE E 97 3.67 -34.11 13.17
CA ILE E 97 4.84 -34.98 13.25
C ILE E 97 5.59 -34.70 14.54
N PRO E 98 6.30 -35.71 15.09
CA PRO E 98 6.98 -35.55 16.37
C PRO E 98 8.20 -34.63 16.32
N ILE E 99 8.15 -33.54 17.08
CA ILE E 99 9.22 -32.53 17.11
C ILE E 99 9.99 -32.61 18.42
N HIS E 100 11.28 -32.90 18.32
CA HIS E 100 12.18 -32.87 19.47
C HIS E 100 12.69 -31.45 19.65
N TYR E 101 13.08 -31.10 20.87
CA TYR E 101 13.77 -29.84 21.11
C TYR E 101 15.11 -30.15 21.76
N CYS E 102 16.17 -29.48 21.29
CA CYS E 102 17.53 -29.83 21.70
C CYS E 102 18.39 -28.62 22.08
N THR E 103 19.34 -28.88 22.99
CA THR E 103 20.26 -27.84 23.47
C THR E 103 21.59 -27.86 22.71
N PRO E 104 22.01 -26.69 22.20
CA PRO E 104 23.38 -26.49 21.74
C PRO E 104 24.39 -26.76 22.84
N ALA E 105 25.65 -26.98 22.45
CA ALA E 105 26.71 -27.22 23.41
C ALA E 105 26.88 -26.03 24.35
N GLY E 106 27.22 -26.32 25.60
CA GLY E 106 27.26 -25.29 26.66
C GLY E 106 25.96 -25.21 27.43
N TYR E 107 24.92 -25.86 26.90
CA TYR E 107 23.63 -26.04 27.57
C TYR E 107 23.27 -27.53 27.51
N VAL E 108 22.54 -27.99 28.51
CA VAL E 108 22.09 -29.38 28.58
C VAL E 108 20.68 -29.46 29.17
N ILE E 109 19.81 -30.20 28.49
CA ILE E 109 18.45 -30.42 28.99
C ILE E 109 18.52 -31.44 30.14
N LEU E 110 17.89 -31.13 31.27
CA LEU E 110 17.83 -32.04 32.40
C LEU E 110 16.49 -32.76 32.43
N LYS E 111 16.51 -34.03 32.84
CA LYS E 111 15.31 -34.87 32.86
C LYS E 111 15.02 -35.37 34.28
N CYS E 112 13.77 -35.22 34.68
CA CYS E 112 13.30 -35.81 35.94
C CYS E 112 12.83 -37.24 35.68
N ASN E 113 13.35 -38.17 36.47
CA ASN E 113 13.12 -39.59 36.26
C ASN E 113 12.20 -40.23 37.32
N ASP E 114 11.95 -39.49 38.40
CA ASP E 114 10.96 -39.88 39.40
C ASP E 114 9.66 -40.23 38.68
N LYS E 115 9.35 -41.52 38.62
CA LYS E 115 8.24 -42.02 37.82
C LYS E 115 6.92 -41.30 38.07
N ASN E 116 6.67 -40.93 39.32
CA ASN E 116 5.44 -40.23 39.68
C ASN E 116 5.70 -38.77 40.07
N PHE E 117 6.57 -38.11 39.32
CA PHE E 117 6.86 -36.70 39.52
C PHE E 117 5.72 -35.84 38.96
N ASN E 118 5.27 -34.87 39.75
CA ASN E 118 4.02 -34.15 39.47
C ASN E 118 4.15 -32.85 38.69
N GLY E 119 5.38 -32.38 38.49
CA GLY E 119 5.64 -31.19 37.66
C GLY E 119 6.35 -30.09 38.42
N THR E 120 5.76 -29.69 39.55
CA THR E 120 6.43 -28.78 40.49
C THR E 120 7.19 -29.61 41.51
N GLY E 121 8.05 -28.95 42.28
CA GLY E 121 8.80 -29.62 43.33
C GLY E 121 10.15 -30.13 42.89
N PRO E 122 10.85 -30.86 43.78
CA PRO E 122 12.19 -31.36 43.51
C PRO E 122 12.20 -32.70 42.79
N CYS E 123 13.40 -33.22 42.53
CA CYS E 123 13.56 -34.48 41.82
C CYS E 123 14.94 -35.05 42.11
N LYS E 124 14.99 -36.20 42.77
CA LYS E 124 16.27 -36.84 43.15
C LYS E 124 16.83 -37.72 42.03
N ASN E 125 15.94 -38.36 41.27
CA ASN E 125 16.31 -39.18 40.13
C ASN E 125 16.48 -38.29 38.89
N VAL E 126 17.71 -37.85 38.65
CA VAL E 126 17.98 -36.81 37.64
C VAL E 126 19.03 -37.27 36.62
N SER E 127 18.83 -36.82 35.37
CA SER E 127 19.71 -37.19 34.27
C SER E 127 19.91 -36.05 33.25
N SER E 128 20.99 -36.14 32.50
CA SER E 128 21.33 -35.16 31.45
C SER E 128 20.99 -35.71 30.07
N VAL E 129 20.41 -34.86 29.22
CA VAL E 129 20.14 -35.19 27.81
C VAL E 129 20.31 -33.96 26.93
N GLN E 130 20.48 -34.17 25.62
CA GLN E 130 20.56 -33.07 24.68
C GLN E 130 19.22 -32.77 24.00
N CYS E 131 18.33 -33.77 23.94
CA CYS E 131 17.05 -33.63 23.26
C CYS E 131 15.89 -34.14 24.09
N THR E 132 14.68 -33.80 23.66
CA THR E 132 13.46 -34.27 24.29
C THR E 132 12.99 -35.56 23.61
N HIS E 133 11.69 -35.84 23.69
CA HIS E 133 11.07 -36.89 22.91
C HIS E 133 10.23 -36.27 21.78
N GLY E 134 9.65 -37.13 20.96
CA GLY E 134 8.88 -36.69 19.79
C GLY E 134 7.53 -36.11 20.13
N ILE E 135 7.53 -34.84 20.53
CA ILE E 135 6.31 -34.17 20.93
C ILE E 135 5.53 -33.75 19.68
N LYS E 136 4.32 -34.28 19.56
CA LYS E 136 3.42 -33.90 18.48
C LYS E 136 2.71 -32.61 18.85
N PRO E 137 2.82 -31.58 18.00
CA PRO E 137 2.18 -30.28 18.26
C PRO E 137 0.68 -30.32 17.98
N VAL E 138 -0.03 -31.11 18.78
CA VAL E 138 -1.47 -31.26 18.65
C VAL E 138 -2.18 -30.14 19.41
N VAL E 139 -2.88 -29.30 18.66
CA VAL E 139 -3.68 -28.22 19.25
C VAL E 139 -5.08 -28.76 19.53
N SER E 140 -5.51 -28.65 20.79
CA SER E 140 -6.83 -29.13 21.22
C SER E 140 -7.29 -28.53 22.55
N THR E 141 -8.53 -28.86 22.94
CA THR E 141 -9.09 -28.46 24.23
C THR E 141 -9.58 -29.72 24.94
N GLN E 142 -9.78 -29.60 26.26
CA GLN E 142 -10.42 -30.64 27.08
C GLN E 142 -9.61 -31.95 27.22
N LEU E 143 -9.37 -32.64 26.12
CA LEU E 143 -8.64 -33.91 26.13
C LEU E 143 -7.27 -33.75 25.47
N LEU E 144 -6.27 -34.45 25.98
CA LEU E 144 -4.92 -34.43 25.43
C LEU E 144 -4.69 -35.63 24.52
N LEU E 145 -4.62 -35.36 23.22
CA LEU E 145 -4.58 -36.40 22.20
C LEU E 145 -3.14 -36.74 21.80
N ASN E 146 -2.92 -38.01 21.51
CA ASN E 146 -1.64 -38.53 21.02
C ASN E 146 -0.44 -38.16 21.89
N GLY E 147 -0.67 -37.90 23.18
CA GLY E 147 0.40 -37.50 24.08
C GLY E 147 1.14 -38.69 24.69
N SER E 148 1.74 -38.46 25.84
CA SER E 148 2.49 -39.50 26.55
C SER E 148 1.71 -40.00 27.77
N LEU E 149 2.14 -41.13 28.30
CA LEU E 149 1.49 -41.77 29.46
C LEU E 149 2.43 -41.77 30.66
N ALA E 150 1.85 -41.90 31.85
CA ALA E 150 2.62 -41.96 33.10
C ALA E 150 3.17 -43.36 33.32
N GLU E 151 4.37 -43.43 33.90
CA GLU E 151 5.13 -44.68 34.03
C GLU E 151 4.52 -45.65 35.06
N GLU E 152 3.82 -45.10 36.05
CA GLU E 152 3.15 -45.91 37.09
C GLU E 152 1.67 -45.53 37.24
N GLU E 153 1.43 -44.48 38.03
CA GLU E 153 0.09 -44.09 38.44
C GLU E 153 -0.42 -42.95 37.56
N ILE E 154 -1.72 -42.69 37.65
CA ILE E 154 -2.29 -41.47 37.08
C ILE E 154 -1.72 -40.31 37.88
N ILE E 155 -1.23 -39.28 37.18
CA ILE E 155 -0.57 -38.15 37.86
C ILE E 155 -1.40 -36.88 37.70
N ILE E 156 -1.64 -36.19 38.82
CA ILE E 156 -2.35 -34.92 38.83
C ILE E 156 -1.37 -33.75 38.92
N ARG E 157 -1.44 -32.86 37.93
CA ARG E 157 -0.51 -31.75 37.82
C ARG E 157 -1.25 -30.42 37.89
N SER E 158 -0.85 -29.59 38.84
CA SER E 158 -1.36 -28.22 38.94
C SER E 158 -0.35 -27.35 39.69
N GLU E 159 -0.22 -26.10 39.23
CA GLU E 159 0.62 -25.12 39.90
C GLU E 159 0.13 -24.92 41.31
N ASN E 160 -1.18 -25.07 41.49
CA ASN E 160 -1.82 -24.91 42.78
C ASN E 160 -3.18 -25.65 42.75
N LEU E 161 -3.32 -26.67 43.59
CA LEU E 161 -4.61 -27.35 43.78
C LEU E 161 -5.56 -26.44 44.55
N THR E 162 -5.07 -25.90 45.66
CA THR E 162 -5.83 -25.00 46.52
C THR E 162 -6.42 -23.82 45.73
N ASN E 163 -5.65 -23.29 44.79
CA ASN E 163 -6.18 -22.30 43.85
C ASN E 163 -6.96 -22.99 42.76
N ASN E 164 -8.28 -22.82 42.77
CA ASN E 164 -9.14 -23.40 41.74
C ASN E 164 -9.06 -22.63 40.42
N ALA E 165 -8.44 -21.45 40.44
CA ALA E 165 -8.27 -20.63 39.23
C ALA E 165 -7.23 -21.20 38.26
N LYS E 166 -6.31 -22.03 38.76
CA LYS E 166 -5.33 -22.69 37.89
C LYS E 166 -5.87 -24.05 37.40
N THR E 167 -5.71 -24.31 36.09
CA THR E 167 -6.21 -25.55 35.47
C THR E 167 -5.41 -26.78 35.89
N ILE E 168 -6.14 -27.88 36.08
CA ILE E 168 -5.57 -29.15 36.54
C ILE E 168 -5.26 -30.01 35.32
N ILE E 169 -4.03 -30.53 35.25
CA ILE E 169 -3.61 -31.43 34.18
C ILE E 169 -3.51 -32.87 34.72
N VAL E 170 -4.32 -33.75 34.15
CA VAL E 170 -4.38 -35.16 34.58
C VAL E 170 -3.68 -36.02 33.53
N HIS E 171 -2.63 -36.74 33.95
CA HIS E 171 -1.81 -37.53 33.03
C HIS E 171 -2.08 -39.01 33.27
N LEU E 172 -2.72 -39.63 32.28
CA LEU E 172 -3.17 -41.02 32.40
C LEU E 172 -1.99 -41.99 32.26
N ASN E 173 -2.19 -43.22 32.73
CA ASN E 173 -1.19 -44.28 32.59
C ASN E 173 -1.60 -45.34 31.56
N LYS E 174 -2.81 -45.20 31.02
CA LYS E 174 -3.31 -46.11 29.99
C LYS E 174 -4.26 -45.32 29.07
N SER E 175 -3.94 -45.31 27.78
CA SER E 175 -4.65 -44.44 26.83
C SER E 175 -6.04 -44.97 26.45
N VAL E 176 -6.85 -44.09 25.85
CA VAL E 176 -8.16 -44.43 25.32
C VAL E 176 -8.29 -43.86 23.91
N GLU E 177 -8.69 -44.68 22.95
CA GLU E 177 -8.86 -44.23 21.57
C GLU E 177 -10.12 -43.37 21.46
N ILE E 178 -10.18 -42.53 20.43
CA ILE E 178 -11.37 -41.68 20.17
C ILE E 178 -11.57 -41.52 18.65
N ASN E 179 -12.46 -42.34 18.09
CA ASN E 179 -12.62 -42.43 16.63
C ASN E 179 -13.62 -41.38 16.12
N CYS E 180 -13.10 -40.32 15.51
CA CYS E 180 -13.92 -39.17 15.10
C CYS E 180 -14.13 -39.09 13.60
N THR E 181 -15.08 -39.89 13.10
CA THR E 181 -15.43 -39.93 11.69
C THR E 181 -16.49 -38.89 11.35
N ARG E 182 -16.39 -38.31 10.16
CA ARG E 182 -17.44 -37.45 9.63
C ARG E 182 -17.90 -38.05 8.30
N PRO E 183 -19.23 -38.15 8.10
CA PRO E 183 -19.76 -38.82 6.90
C PRO E 183 -19.81 -37.93 5.67
N SER E 184 -19.52 -38.51 4.50
CA SER E 184 -19.59 -37.80 3.23
C SER E 184 -21.05 -37.58 2.84
N ASN E 185 -21.79 -38.67 2.66
CA ASN E 185 -23.22 -38.62 2.31
C ASN E 185 -23.95 -39.88 2.76
N ASP E 193 -24.63 -34.53 7.98
CA ASP E 193 -24.62 -33.59 6.87
C ASP E 193 -23.19 -33.06 6.63
N ILE E 194 -23.08 -31.89 6.00
CA ILE E 194 -21.77 -31.30 5.69
C ILE E 194 -21.06 -30.93 7.00
N ARG E 195 -21.82 -30.40 7.96
CA ARG E 195 -21.29 -29.97 9.24
C ARG E 195 -21.22 -31.13 10.25
N LYS E 196 -22.31 -31.89 10.33
CA LYS E 196 -22.43 -32.93 11.37
C LYS E 196 -21.46 -34.11 11.23
N ALA E 197 -21.12 -34.68 12.37
CA ALA E 197 -20.09 -35.73 12.50
C ALA E 197 -20.21 -36.39 13.87
N TYR E 198 -19.21 -37.20 14.25
CA TYR E 198 -19.26 -37.94 15.50
C TYR E 198 -17.91 -38.51 15.94
N CYS E 199 -17.68 -38.53 17.25
CA CYS E 199 -16.52 -39.22 17.83
C CYS E 199 -16.99 -40.51 18.53
N GLU E 200 -16.59 -41.65 17.98
CA GLU E 200 -16.85 -42.95 18.59
C GLU E 200 -15.82 -43.25 19.67
N ILE E 201 -16.27 -43.33 20.92
CA ILE E 201 -15.40 -43.73 22.04
C ILE E 201 -16.09 -44.84 22.84
N ASN E 202 -15.33 -45.86 23.22
CA ASN E 202 -15.86 -47.00 23.99
C ASN E 202 -16.14 -46.59 25.45
N GLY E 203 -17.34 -46.89 25.93
CA GLY E 203 -17.75 -46.57 27.30
C GLY E 203 -17.08 -47.47 28.34
N THR E 204 -16.83 -48.73 27.98
CA THR E 204 -16.15 -49.68 28.85
C THR E 204 -14.68 -49.28 29.04
N LYS E 205 -14.05 -48.82 27.95
CA LYS E 205 -12.68 -48.30 27.98
C LYS E 205 -12.58 -47.03 28.83
N TRP E 206 -13.43 -46.06 28.51
CA TRP E 206 -13.37 -44.70 29.06
C TRP E 206 -13.69 -44.64 30.55
N ASN E 207 -14.85 -45.18 30.93
CA ASN E 207 -15.33 -45.09 32.32
C ASN E 207 -14.50 -45.90 33.31
N LYS E 208 -13.78 -46.89 32.81
CA LYS E 208 -12.85 -47.69 33.62
C LYS E 208 -11.64 -46.85 34.10
N VAL E 209 -11.25 -45.87 33.30
CA VAL E 209 -10.14 -44.97 33.64
C VAL E 209 -10.67 -43.74 34.39
N LEU E 210 -11.71 -43.12 33.85
CA LEU E 210 -12.37 -41.98 34.49
C LEU E 210 -12.65 -42.24 35.97
N LYS E 211 -12.85 -43.51 36.33
CA LYS E 211 -13.03 -43.96 37.72
C LYS E 211 -11.70 -44.00 38.48
N GLN E 212 -10.66 -44.56 37.85
CA GLN E 212 -9.30 -44.57 38.43
C GLN E 212 -8.74 -43.16 38.54
N VAL E 213 -9.38 -42.21 37.85
CA VAL E 213 -9.09 -40.79 37.97
C VAL E 213 -9.74 -40.21 39.22
N THR E 214 -11.00 -40.58 39.45
CA THR E 214 -11.75 -40.15 40.64
C THR E 214 -11.05 -40.60 41.91
N GLU E 215 -10.66 -41.88 41.95
CA GLU E 215 -9.91 -42.46 43.06
C GLU E 215 -8.65 -41.64 43.37
N LYS E 216 -8.03 -41.10 42.33
CA LYS E 216 -6.86 -40.23 42.46
C LYS E 216 -7.24 -38.83 42.94
N LEU E 217 -8.32 -38.28 42.40
CA LEU E 217 -8.82 -36.96 42.82
C LEU E 217 -9.28 -36.96 44.29
N LYS E 218 -9.67 -38.14 44.78
CA LYS E 218 -10.02 -38.33 46.19
C LYS E 218 -8.81 -38.14 47.11
N GLU E 219 -7.64 -38.63 46.66
CA GLU E 219 -6.39 -38.50 47.42
C GLU E 219 -5.98 -37.05 47.65
N HIS E 220 -6.27 -36.19 46.69
CA HIS E 220 -5.85 -34.78 46.76
C HIS E 220 -6.94 -33.82 47.24
N PHE E 221 -8.10 -34.38 47.59
CA PHE E 221 -9.19 -33.59 48.20
C PHE E 221 -9.89 -34.37 49.32
N ASN E 222 -9.08 -35.06 50.12
CA ASN E 222 -9.53 -35.88 51.27
C ASN E 222 -10.95 -36.45 51.19
N ASN E 223 -11.10 -37.49 50.37
CA ASN E 223 -12.32 -38.30 50.26
C ASN E 223 -13.62 -37.59 49.92
N LYS E 224 -13.58 -36.16 49.75
CA LYS E 224 -14.73 -35.42 49.31
C LYS E 224 -15.23 -35.98 47.98
N THR E 225 -16.54 -36.06 47.82
CA THR E 225 -17.14 -36.64 46.63
C THR E 225 -16.80 -35.81 45.38
N ILE E 226 -16.25 -36.49 44.39
CA ILE E 226 -15.79 -35.88 43.14
C ILE E 226 -16.89 -36.00 42.09
N ILE E 227 -17.30 -34.88 41.50
CA ILE E 227 -18.42 -34.85 40.56
C ILE E 227 -18.07 -34.06 39.29
N PHE E 228 -18.22 -34.70 38.13
CA PHE E 228 -17.98 -34.04 36.84
C PHE E 228 -19.21 -33.27 36.31
N GLN E 229 -18.94 -32.24 35.52
CA GLN E 229 -19.99 -31.41 34.90
C GLN E 229 -19.53 -30.85 33.55
N PRO E 230 -20.45 -30.74 32.58
CA PRO E 230 -20.11 -30.02 31.34
C PRO E 230 -19.87 -28.53 31.64
N PRO E 231 -18.89 -27.90 30.95
CA PRO E 231 -18.51 -26.52 31.23
C PRO E 231 -19.70 -25.58 31.31
N SER E 232 -19.74 -24.74 32.34
CA SER E 232 -20.87 -23.85 32.59
C SER E 232 -21.15 -22.93 31.40
N GLY E 233 -20.10 -22.36 30.82
CA GLY E 233 -20.24 -21.50 29.65
C GLY E 233 -18.92 -21.19 28.99
N GLY E 234 -18.74 -19.92 28.62
CA GLY E 234 -17.54 -19.46 27.93
C GLY E 234 -17.74 -19.44 26.42
N ASP E 235 -16.66 -19.14 25.70
CA ASP E 235 -16.71 -19.14 24.23
C ASP E 235 -17.03 -20.53 23.70
N LEU E 236 -17.63 -20.56 22.51
CA LEU E 236 -18.20 -21.79 21.94
C LEU E 236 -17.12 -22.77 21.47
N GLU E 237 -15.93 -22.69 22.08
CA GLU E 237 -14.75 -23.43 21.64
C GLU E 237 -14.09 -24.26 22.75
N ILE E 238 -14.27 -23.84 24.00
CA ILE E 238 -13.87 -24.65 25.16
C ILE E 238 -15.08 -25.28 25.85
N THR E 239 -16.27 -24.86 25.44
CA THR E 239 -17.50 -25.55 25.80
C THR E 239 -17.48 -26.95 25.20
N MET E 240 -17.05 -27.02 23.93
CA MET E 240 -16.93 -28.29 23.21
C MET E 240 -15.47 -28.59 22.88
N HIS E 241 -15.15 -29.88 22.95
CA HIS E 241 -13.81 -30.38 22.64
C HIS E 241 -13.41 -30.06 21.19
N SER E 242 -12.73 -28.92 21.03
CA SER E 242 -12.35 -28.41 19.70
C SER E 242 -10.92 -28.78 19.34
N PHE E 243 -10.76 -29.46 18.21
CA PHE E 243 -9.45 -29.90 17.72
C PHE E 243 -9.39 -29.73 16.20
N ASN E 244 -8.32 -30.23 15.57
CA ASN E 244 -8.23 -30.23 14.12
C ASN E 244 -7.89 -31.60 13.56
N CYS E 245 -8.71 -32.05 12.61
CA CYS E 245 -8.50 -33.31 11.91
C CYS E 245 -8.38 -33.05 10.42
N ARG E 246 -7.16 -33.27 9.90
CA ARG E 246 -6.84 -33.11 8.49
C ARG E 246 -7.20 -31.70 7.95
N GLY E 247 -6.82 -30.67 8.69
CA GLY E 247 -7.01 -29.29 8.27
C GLY E 247 -8.40 -28.71 8.52
N GLU E 248 -9.30 -29.50 9.10
CA GLU E 248 -10.67 -29.05 9.35
C GLU E 248 -10.94 -28.98 10.85
N PHE E 249 -11.76 -28.00 11.24
CA PHE E 249 -11.99 -27.70 12.66
C PHE E 249 -13.21 -28.39 13.26
N PHE E 250 -12.97 -29.58 13.81
CA PHE E 250 -13.96 -30.36 14.54
C PHE E 250 -14.40 -29.65 15.82
N TYR E 251 -15.70 -29.76 16.12
CA TYR E 251 -16.26 -29.31 17.40
C TYR E 251 -17.14 -30.43 17.94
N CYS E 252 -16.68 -31.07 19.03
CA CYS E 252 -17.34 -32.27 19.55
C CYS E 252 -17.87 -32.08 20.97
N ASN E 253 -19.12 -32.49 21.17
CA ASN E 253 -19.82 -32.27 22.43
C ASN E 253 -19.59 -33.45 23.40
N THR E 254 -18.91 -33.19 24.50
CA THR E 254 -18.43 -34.23 25.42
C THR E 254 -19.29 -34.46 26.68
N THR E 255 -20.51 -33.90 26.72
CA THR E 255 -21.39 -34.05 27.87
C THR E 255 -21.56 -35.52 28.26
N GLN E 256 -21.76 -36.39 27.26
CA GLN E 256 -22.01 -37.82 27.48
C GLN E 256 -20.77 -38.62 27.90
N LEU E 257 -19.61 -37.96 27.95
CA LEU E 257 -18.36 -38.56 28.41
C LEU E 257 -18.19 -38.43 29.92
N PHE E 258 -18.49 -37.25 30.47
CA PHE E 258 -18.35 -37.01 31.90
C PHE E 258 -19.66 -37.38 32.61
N ASN E 259 -19.77 -38.66 32.96
CA ASN E 259 -21.05 -39.28 33.35
C ASN E 259 -20.93 -39.92 34.76
N ASN E 260 -21.37 -39.16 35.77
CA ASN E 260 -21.33 -39.60 37.17
C ASN E 260 -22.03 -40.94 37.43
N THR E 261 -23.19 -41.13 36.79
CA THR E 261 -24.01 -42.34 36.97
C THR E 261 -23.23 -43.62 36.68
N CYS E 262 -22.42 -43.59 35.61
CA CYS E 262 -21.66 -44.75 35.14
C CYS E 262 -20.50 -45.10 36.06
N ILE E 263 -19.81 -44.07 36.55
CA ILE E 263 -18.69 -44.27 37.47
C ILE E 263 -19.15 -44.28 38.93
N LYS E 269 -25.80 -50.93 36.92
CA LYS E 269 -25.61 -49.54 36.52
C LYS E 269 -25.45 -49.48 35.00
N GLY E 270 -26.59 -49.38 34.30
CA GLY E 270 -26.63 -49.51 32.84
C GLY E 270 -25.89 -48.44 32.05
N CYS E 271 -24.67 -48.78 31.64
CA CYS E 271 -23.84 -47.92 30.76
C CYS E 271 -23.06 -48.80 29.77
N ASN E 272 -21.80 -48.48 29.54
CA ASN E 272 -20.80 -49.36 28.91
C ASN E 272 -20.91 -49.56 27.38
N GLY E 273 -21.75 -48.79 26.71
CA GLY E 273 -21.88 -48.89 25.25
C GLY E 273 -20.79 -48.11 24.53
N THR E 274 -20.68 -48.29 23.22
CA THR E 274 -19.78 -47.47 22.41
C THR E 274 -20.39 -46.05 22.30
N ILE E 275 -19.86 -45.14 23.12
CA ILE E 275 -20.40 -43.78 23.25
C ILE E 275 -20.08 -42.96 21.99
N THR E 276 -21.05 -42.16 21.55
CA THR E 276 -20.92 -41.36 20.34
C THR E 276 -21.22 -39.88 20.66
N LEU E 277 -20.43 -38.97 20.10
CA LEU E 277 -20.57 -37.54 20.37
C LEU E 277 -20.95 -36.75 19.10
N PRO E 278 -21.85 -35.76 19.22
CA PRO E 278 -22.23 -34.95 18.06
C PRO E 278 -21.17 -33.93 17.68
N CYS E 279 -20.36 -34.26 16.69
CA CYS E 279 -19.33 -33.34 16.17
C CYS E 279 -19.88 -32.54 15.01
N LYS E 280 -19.48 -31.28 14.92
CA LYS E 280 -19.89 -30.42 13.81
C LYS E 280 -18.78 -29.43 13.43
N ILE E 281 -18.24 -29.60 12.22
CA ILE E 281 -17.15 -28.76 11.74
C ILE E 281 -17.65 -27.34 11.45
N LYS E 282 -16.93 -26.35 11.95
CA LYS E 282 -17.36 -24.95 11.88
C LYS E 282 -16.49 -24.06 10.99
N GLN E 283 -17.08 -22.94 10.56
CA GLN E 283 -16.48 -22.05 9.57
C GLN E 283 -15.79 -20.86 10.25
N ILE E 284 -16.59 -19.92 10.75
CA ILE E 284 -16.08 -18.71 11.39
C ILE E 284 -15.64 -19.08 12.81
N ILE E 285 -14.38 -19.51 12.95
CA ILE E 285 -13.87 -20.05 14.22
C ILE E 285 -13.12 -19.00 15.05
N ASN E 286 -12.89 -19.34 16.32
CA ASN E 286 -12.04 -18.53 17.21
C ASN E 286 -10.59 -18.96 17.08
N MET E 287 -9.72 -18.04 16.66
CA MET E 287 -8.28 -18.28 16.66
C MET E 287 -7.78 -18.37 18.10
N TRP E 288 -7.10 -19.47 18.41
CA TRP E 288 -6.50 -19.65 19.74
C TRP E 288 -5.23 -18.81 19.89
N GLN E 289 -4.63 -18.47 18.76
CA GLN E 289 -3.36 -17.73 18.74
C GLN E 289 -3.54 -16.28 19.20
N GLY E 290 -4.40 -15.55 18.51
CA GLY E 290 -4.68 -14.14 18.82
C GLY E 290 -6.14 -13.85 19.08
N THR E 291 -6.44 -12.60 19.44
CA THR E 291 -7.82 -12.16 19.68
C THR E 291 -8.50 -11.81 18.35
N GLY E 292 -9.21 -12.78 17.78
CA GLY E 292 -9.96 -12.55 16.54
C GLY E 292 -10.51 -13.82 15.87
N GLN E 293 -11.73 -13.69 15.34
CA GLN E 293 -12.45 -14.83 14.73
C GLN E 293 -12.14 -14.91 13.24
N ALA E 294 -11.59 -16.03 12.80
CA ALA E 294 -11.22 -16.22 11.40
C ALA E 294 -12.12 -17.24 10.70
N MET E 295 -12.68 -16.85 9.55
CA MET E 295 -13.53 -17.73 8.75
C MET E 295 -12.70 -18.59 7.80
N TYR E 296 -12.79 -19.90 7.98
CA TYR E 296 -12.03 -20.86 7.15
C TYR E 296 -12.87 -21.36 5.96
N ALA E 297 -12.27 -22.27 5.18
CA ALA E 297 -12.92 -22.85 4.01
C ALA E 297 -13.81 -24.03 4.39
N PRO E 298 -14.86 -24.30 3.57
CA PRO E 298 -15.73 -25.47 3.77
C PRO E 298 -14.97 -26.79 3.84
N PRO E 299 -15.48 -27.76 4.63
CA PRO E 299 -14.90 -29.11 4.73
C PRO E 299 -14.60 -29.77 3.38
N ILE E 300 -13.55 -30.57 3.36
CA ILE E 300 -13.13 -31.31 2.15
C ILE E 300 -14.11 -32.44 1.79
N ASP E 301 -13.76 -33.23 0.78
CA ASP E 301 -14.64 -34.28 0.27
C ASP E 301 -14.45 -35.63 0.98
N GLY E 302 -15.40 -36.54 0.75
CA GLY E 302 -15.30 -37.92 1.19
C GLY E 302 -15.38 -38.12 2.68
N LYS E 303 -14.87 -39.27 3.13
CA LYS E 303 -14.86 -39.63 4.53
C LYS E 303 -13.68 -38.98 5.25
N ILE E 304 -13.94 -38.40 6.42
CA ILE E 304 -12.90 -37.72 7.22
C ILE E 304 -12.91 -38.24 8.66
N ASN E 305 -11.74 -38.66 9.15
CA ASN E 305 -11.59 -39.28 10.47
C ASN E 305 -10.19 -39.13 11.04
N CYS E 306 -10.10 -39.00 12.37
CA CYS E 306 -8.83 -39.10 13.09
C CYS E 306 -8.91 -40.20 14.14
N VAL E 307 -7.84 -40.98 14.25
CA VAL E 307 -7.76 -42.05 15.26
C VAL E 307 -6.80 -41.61 16.37
N SER E 308 -7.23 -40.64 17.15
CA SER E 308 -6.42 -40.07 18.22
C SER E 308 -6.48 -40.95 19.47
N ASN E 309 -5.40 -40.97 20.23
CA ASN E 309 -5.35 -41.65 21.52
C ASN E 309 -5.35 -40.65 22.68
N ILE E 310 -6.43 -40.62 23.45
CA ILE E 310 -6.54 -39.73 24.62
C ILE E 310 -5.53 -40.16 25.68
N THR E 311 -4.64 -39.24 26.05
CA THR E 311 -3.56 -39.51 27.00
C THR E 311 -3.61 -38.64 28.27
N GLY E 312 -4.25 -37.48 28.17
CA GLY E 312 -4.41 -36.59 29.31
C GLY E 312 -5.73 -35.84 29.27
N ILE E 313 -6.09 -35.23 30.40
CA ILE E 313 -7.35 -34.50 30.51
C ILE E 313 -7.10 -33.15 31.21
N LEU E 314 -7.54 -32.07 30.56
CA LEU E 314 -7.48 -30.73 31.15
C LEU E 314 -8.75 -30.48 31.96
N LEU E 315 -8.60 -30.19 33.25
CA LEU E 315 -9.73 -29.94 34.14
C LEU E 315 -9.64 -28.57 34.83
N THR E 316 -10.76 -28.16 35.42
CA THR E 316 -10.87 -26.92 36.18
C THR E 316 -11.89 -27.08 37.32
N ARG E 317 -11.62 -26.45 38.46
CA ARG E 317 -12.42 -26.67 39.68
C ARG E 317 -13.25 -25.43 40.08
N ASP E 318 -14.15 -25.60 41.05
CA ASP E 318 -15.05 -24.53 41.52
C ASP E 318 -14.82 -24.18 43.00
N GLY E 319 -15.27 -23.00 43.41
CA GLY E 319 -15.12 -22.54 44.80
C GLY E 319 -15.88 -23.36 45.82
N ASN E 323 -17.39 -25.34 48.62
CA ASN E 323 -16.43 -26.23 49.27
C ASN E 323 -16.79 -26.54 50.75
N THR E 324 -17.51 -27.64 50.95
CA THR E 324 -17.77 -28.20 52.28
C THR E 324 -18.03 -29.72 52.25
N SER E 325 -18.42 -30.27 51.10
CA SER E 325 -18.50 -31.74 50.92
C SER E 325 -18.25 -32.19 49.47
N ASN E 326 -19.15 -31.82 48.55
CA ASN E 326 -18.99 -32.19 47.14
C ASN E 326 -18.03 -31.25 46.41
N GLU E 327 -17.01 -31.83 45.78
CA GLU E 327 -16.11 -31.06 44.91
C GLU E 327 -16.40 -31.35 43.43
N THR E 328 -16.68 -30.29 42.67
CA THR E 328 -17.11 -30.41 41.27
C THR E 328 -15.99 -30.04 40.29
N PHE E 329 -15.85 -30.84 39.24
CA PHE E 329 -14.81 -30.66 38.21
C PHE E 329 -15.44 -30.57 36.81
N ARG E 330 -14.95 -29.64 36.01
CA ARG E 330 -15.36 -29.51 34.60
C ARG E 330 -14.12 -29.48 33.70
N PRO E 331 -14.28 -29.83 32.40
CA PRO E 331 -13.11 -29.81 31.54
C PRO E 331 -12.66 -28.38 31.21
N GLY E 332 -11.36 -28.17 31.18
CA GLY E 332 -10.77 -26.86 30.95
C GLY E 332 -10.00 -26.79 29.65
N GLY E 333 -9.01 -25.90 29.62
CA GLY E 333 -8.21 -25.67 28.42
C GLY E 333 -8.52 -24.33 27.80
N GLY E 334 -8.09 -24.16 26.56
CA GLY E 334 -8.09 -22.86 25.92
C GLY E 334 -6.70 -22.25 26.06
N ASN E 335 -6.00 -22.66 27.13
CA ASN E 335 -4.58 -22.39 27.29
C ASN E 335 -3.80 -23.50 26.60
N ILE E 336 -3.24 -23.18 25.43
CA ILE E 336 -2.56 -24.17 24.60
C ILE E 336 -1.14 -24.39 25.12
N LYS E 337 -0.58 -23.40 25.81
CA LYS E 337 0.71 -23.54 26.49
C LYS E 337 0.71 -24.78 27.37
N ASP E 338 -0.39 -24.95 28.12
CA ASP E 338 -0.58 -26.11 29.01
C ASP E 338 -0.41 -27.44 28.28
N ASN E 339 -0.92 -27.52 27.06
CA ASN E 339 -0.78 -28.73 26.23
C ASN E 339 0.70 -29.11 26.08
N TRP E 340 1.53 -28.11 25.80
CA TRP E 340 2.97 -28.33 25.66
C TRP E 340 3.60 -28.63 27.02
N ARG E 341 3.08 -27.99 28.06
CA ARG E 341 3.59 -28.18 29.43
C ARG E 341 3.52 -29.63 29.90
N SER E 342 2.46 -30.33 29.51
CA SER E 342 2.22 -31.72 29.92
C SER E 342 3.26 -32.70 29.39
N GLU E 343 3.84 -32.38 28.23
CA GLU E 343 4.86 -33.22 27.61
C GLU E 343 6.27 -32.73 27.94
N LEU E 344 6.36 -31.53 28.50
CA LEU E 344 7.65 -30.91 28.83
C LEU E 344 7.91 -30.84 30.35
N TYR E 345 6.95 -31.31 31.14
CA TYR E 345 7.01 -31.23 32.60
C TYR E 345 8.35 -31.70 33.20
N LYS E 346 8.95 -32.73 32.61
CA LYS E 346 10.15 -33.36 33.17
C LYS E 346 11.45 -32.83 32.55
N TYR E 347 11.40 -31.63 31.99
CA TYR E 347 12.60 -31.02 31.39
C TYR E 347 12.87 -29.62 31.92
N LYS E 348 14.15 -29.29 32.04
CA LYS E 348 14.58 -27.92 32.27
C LYS E 348 15.99 -27.66 31.70
N VAL E 349 16.12 -26.52 31.02
CA VAL E 349 17.38 -26.14 30.38
C VAL E 349 18.31 -25.62 31.48
N VAL E 350 19.54 -26.13 31.49
CA VAL E 350 20.58 -25.56 32.34
C VAL E 350 21.83 -25.22 31.52
N GLN E 351 22.44 -24.08 31.85
CA GLN E 351 23.69 -23.67 31.24
C GLN E 351 24.84 -24.17 32.07
N ILE E 352 25.91 -24.59 31.41
CA ILE E 352 27.18 -24.90 32.08
C ILE E 352 28.08 -23.67 31.99
N GLU E 353 28.36 -23.24 30.75
CA GLU E 353 29.27 -22.11 30.45
C GLU E 353 28.93 -20.84 31.21
N GLU F 3 13.94 -26.21 0.93
CA GLU F 3 15.32 -26.32 0.36
C GLU F 3 16.40 -25.84 1.33
N VAL F 4 16.13 -24.76 2.07
CA VAL F 4 17.13 -24.09 2.92
C VAL F 4 18.31 -23.64 2.04
N GLN F 5 18.12 -22.50 1.38
CA GLN F 5 19.03 -22.02 0.35
C GLN F 5 20.01 -21.00 0.92
N LEU F 6 21.30 -21.17 0.60
CA LEU F 6 22.35 -20.30 1.10
C LEU F 6 23.02 -19.58 -0.06
N VAL F 7 23.59 -18.41 0.26
CA VAL F 7 24.18 -17.52 -0.74
C VAL F 7 25.49 -16.96 -0.19
N GLU F 8 26.61 -17.39 -0.80
CA GLU F 8 27.93 -16.90 -0.43
C GLU F 8 28.36 -15.70 -1.27
N SER F 9 29.15 -14.82 -0.68
CA SER F 9 29.64 -13.63 -1.35
C SER F 9 30.97 -13.17 -0.75
N GLY F 10 31.82 -12.58 -1.59
CA GLY F 10 33.10 -12.08 -1.16
C GLY F 10 33.93 -11.48 -2.27
N PRO F 11 35.13 -10.95 -1.92
CA PRO F 11 36.06 -10.29 -2.84
C PRO F 11 36.21 -10.95 -4.21
N GLY F 12 36.63 -12.21 -4.21
CA GLY F 12 37.06 -12.86 -5.45
C GLY F 12 38.56 -12.73 -5.63
N LEU F 13 39.09 -11.51 -5.42
CA LEU F 13 40.52 -11.29 -5.35
C LEU F 13 40.87 -10.55 -4.07
N VAL F 14 41.85 -11.05 -3.32
CA VAL F 14 42.39 -10.34 -2.16
C VAL F 14 43.92 -10.38 -2.20
N LYS F 15 44.56 -9.44 -1.50
CA LYS F 15 46.01 -9.43 -1.39
C LYS F 15 46.47 -10.23 -0.16
N PRO F 16 47.73 -10.69 -0.14
CA PRO F 16 48.27 -11.30 1.07
C PRO F 16 48.49 -10.27 2.17
N LEU F 17 48.43 -10.74 3.43
CA LEU F 17 48.53 -9.90 4.63
C LEU F 17 47.26 -9.08 4.91
N GLU F 18 46.39 -8.96 3.91
CA GLU F 18 45.06 -8.35 4.06
C GLU F 18 44.17 -9.19 4.97
N THR F 19 42.91 -8.78 5.11
CA THR F 19 41.92 -9.57 5.83
C THR F 19 40.71 -9.85 4.94
N LEU F 20 40.46 -11.14 4.75
CA LEU F 20 39.38 -11.63 3.90
C LEU F 20 38.05 -11.56 4.63
N SER F 21 37.04 -10.97 3.99
CA SER F 21 35.69 -10.85 4.58
C SER F 21 34.67 -11.57 3.70
N LEU F 22 33.84 -12.41 4.31
CA LEU F 22 32.93 -13.28 3.54
C LEU F 22 31.52 -13.37 4.16
N THR F 23 30.53 -13.57 3.30
CA THR F 23 29.11 -13.53 3.68
C THR F 23 28.39 -14.82 3.33
N CYS F 24 27.43 -15.20 4.17
CA CYS F 24 26.48 -16.27 3.84
C CYS F 24 25.06 -15.81 4.24
N ALA F 25 24.25 -15.50 3.25
CA ALA F 25 22.87 -15.10 3.48
C ALA F 25 21.98 -16.33 3.69
N VAL F 26 21.22 -16.33 4.77
CA VAL F 26 20.30 -17.42 5.09
C VAL F 26 18.86 -16.87 5.17
N PRO F 27 18.16 -16.84 4.02
CA PRO F 27 16.76 -16.41 3.96
C PRO F 27 15.82 -17.27 4.83
N GLY F 28 14.56 -16.83 4.94
CA GLY F 28 13.54 -17.57 5.71
C GLY F 28 13.90 -17.71 7.18
N GLY F 29 14.64 -16.75 7.71
CA GLY F 29 15.09 -16.78 9.10
C GLY F 29 15.95 -18.00 9.40
N SER F 30 15.52 -18.76 10.42
CA SER F 30 16.12 -20.05 10.81
C SER F 30 17.62 -20.03 11.21
N ILE F 31 18.32 -18.95 10.87
CA ILE F 31 19.73 -18.76 11.26
C ILE F 31 19.88 -18.70 12.77
N ARG F 32 18.87 -18.14 13.42
CA ARG F 32 18.77 -18.04 14.88
C ARG F 32 19.04 -19.34 15.63
N ARG F 33 18.63 -20.47 15.05
CA ARG F 33 18.54 -21.72 15.79
C ARG F 33 19.08 -22.95 15.07
N ASN F 34 20.19 -22.77 14.36
CA ASN F 34 20.93 -23.88 13.78
C ASN F 34 22.42 -23.65 13.95
N TYR F 35 23.20 -24.71 13.80
CA TYR F 35 24.63 -24.55 13.64
C TYR F 35 24.92 -24.23 12.19
N TRP F 36 26.04 -23.56 11.95
CA TRP F 36 26.47 -23.22 10.59
C TRP F 36 27.99 -23.25 10.55
N SER F 37 28.54 -23.71 9.42
CA SER F 37 29.98 -23.87 9.26
C SER F 37 30.46 -23.25 7.97
N TRP F 38 31.73 -22.87 7.96
CA TRP F 38 32.42 -22.54 6.72
C TRP F 38 33.40 -23.66 6.38
N ILE F 39 33.48 -23.99 5.08
CA ILE F 39 34.37 -25.04 4.60
C ILE F 39 35.00 -24.55 3.31
N ARG F 40 36.33 -24.69 3.22
CA ARG F 40 37.03 -24.28 2.01
C ARG F 40 37.62 -25.47 1.25
N GLN F 41 37.78 -25.27 -0.05
CA GLN F 41 38.34 -26.26 -0.95
C GLN F 41 39.32 -25.57 -1.91
N PRO F 42 40.63 -25.75 -1.69
CA PRO F 42 41.60 -25.23 -2.65
C PRO F 42 41.31 -25.83 -4.02
N PRO F 43 41.56 -25.06 -5.11
CA PRO F 43 41.11 -25.51 -6.42
C PRO F 43 41.61 -26.92 -6.74
N GLY F 44 40.68 -27.86 -6.85
CA GLY F 44 40.99 -29.25 -7.09
C GLY F 44 41.73 -29.94 -5.95
N LYS F 45 41.36 -29.63 -4.71
CA LYS F 45 42.02 -30.22 -3.54
C LYS F 45 41.02 -30.71 -2.48
N GLY F 46 41.53 -31.27 -1.40
CA GLY F 46 40.69 -31.80 -0.33
C GLY F 46 39.89 -30.72 0.38
N LEU F 47 38.75 -31.14 0.94
CA LEU F 47 37.87 -30.25 1.71
C LEU F 47 38.46 -30.00 3.09
N GLU F 48 38.25 -28.79 3.60
CA GLU F 48 38.77 -28.37 4.91
C GLU F 48 37.71 -27.59 5.69
N TRP F 49 37.24 -28.16 6.80
CA TRP F 49 36.30 -27.49 7.71
C TRP F 49 37.01 -26.38 8.48
N ILE F 50 36.64 -25.13 8.19
CA ILE F 50 37.32 -23.96 8.75
C ILE F 50 36.89 -23.76 10.22
N GLY F 51 35.60 -23.90 10.48
CA GLY F 51 35.06 -23.80 11.83
C GLY F 51 33.54 -23.88 11.84
N HIS F 52 32.93 -23.65 13.01
CA HIS F 52 31.48 -23.52 13.11
C HIS F 52 31.05 -22.60 14.25
N SER F 53 29.78 -22.23 14.21
CA SER F 53 29.18 -21.35 15.19
C SER F 53 27.72 -21.66 15.31
N TYR F 54 27.21 -21.65 16.54
CA TYR F 54 25.78 -21.79 16.76
C TYR F 54 25.06 -20.50 16.32
N GLY F 55 23.90 -20.59 15.83
CA GLY F 55 23.05 -19.51 15.34
C GLY F 55 22.62 -18.50 16.39
N SER F 56 22.95 -18.78 17.65
CA SER F 56 22.69 -17.85 18.75
C SER F 56 23.83 -17.84 19.77
N GLY F 57 25.00 -18.38 19.41
CA GLY F 57 26.13 -18.48 20.33
C GLY F 57 25.77 -19.21 21.62
N GLY F 58 26.53 -19.00 22.69
CA GLY F 58 27.82 -18.30 22.67
C GLY F 58 28.92 -19.26 22.25
N SER F 59 28.55 -20.54 22.11
CA SER F 59 29.46 -21.58 21.65
C SER F 59 29.76 -21.46 20.15
N THR F 60 31.02 -21.22 19.82
CA THR F 60 31.51 -21.25 18.45
C THR F 60 32.86 -21.96 18.43
N ASN F 61 33.02 -22.96 17.56
CA ASN F 61 34.23 -23.78 17.54
C ASN F 61 34.95 -23.76 16.20
N TYR F 62 36.21 -23.30 16.23
CA TYR F 62 37.04 -23.17 15.04
C TYR F 62 37.92 -24.39 14.82
N ASN F 63 38.59 -24.41 13.66
CA ASN F 63 39.70 -25.32 13.42
C ASN F 63 40.88 -24.84 14.28
N PRO F 64 41.52 -25.76 15.04
CA PRO F 64 42.66 -25.39 15.89
C PRO F 64 43.89 -24.94 15.12
N SER F 65 44.03 -25.39 13.86
CA SER F 65 45.14 -24.99 13.01
C SER F 65 44.89 -23.66 12.30
N LEU F 66 43.68 -23.12 12.41
CA LEU F 66 43.36 -21.78 11.89
C LEU F 66 42.77 -20.87 12.98
N GLU F 67 42.74 -21.37 14.21
CA GLU F 67 42.01 -20.73 15.31
C GLU F 67 42.41 -19.26 15.51
N SER F 68 43.72 -19.00 15.47
CA SER F 68 44.25 -17.66 15.74
C SER F 68 44.03 -16.65 14.62
N ARG F 69 43.45 -17.10 13.50
CA ARG F 69 43.22 -16.26 12.34
C ARG F 69 41.75 -16.10 11.96
N VAL F 70 40.89 -16.97 12.48
CA VAL F 70 39.50 -17.08 12.00
C VAL F 70 38.49 -16.51 13.00
N THR F 71 37.53 -15.75 12.49
CA THR F 71 36.39 -15.27 13.28
C THR F 71 35.07 -15.57 12.57
N LEU F 72 34.17 -16.29 13.23
CA LEU F 72 32.84 -16.55 12.69
C LEU F 72 31.83 -15.76 13.50
N SER F 73 30.91 -15.09 12.81
CA SER F 73 29.96 -14.18 13.46
C SER F 73 28.54 -14.38 12.98
N VAL F 74 27.58 -14.07 13.83
CA VAL F 74 26.17 -14.28 13.53
C VAL F 74 25.39 -12.96 13.63
N ASP F 75 25.29 -12.26 12.51
CA ASP F 75 24.47 -11.05 12.42
C ASP F 75 23.03 -11.46 12.19
N THR F 76 22.31 -11.70 13.28
CA THR F 76 20.99 -12.34 13.23
C THR F 76 19.87 -11.48 12.66
N SER F 77 19.98 -10.16 12.78
CA SER F 77 18.97 -9.24 12.26
C SER F 77 18.92 -9.24 10.73
N LYS F 78 20.09 -9.17 10.12
CA LYS F 78 20.23 -9.17 8.66
C LYS F 78 20.24 -10.59 8.07
N ASN F 79 20.37 -11.59 8.94
CA ASN F 79 20.50 -13.01 8.54
C ASN F 79 21.81 -13.26 7.78
N LEU F 80 22.90 -12.82 8.36
CA LEU F 80 24.23 -12.99 7.77
C LEU F 80 25.12 -13.82 8.67
N PHE F 81 25.80 -14.78 8.05
CA PHE F 81 26.79 -15.61 8.72
C PHE F 81 28.15 -15.23 8.14
N SER F 82 28.89 -14.40 8.87
CA SER F 82 30.14 -13.80 8.37
C SER F 82 31.40 -14.57 8.79
N LEU F 83 32.47 -14.37 8.02
CA LEU F 83 33.77 -15.02 8.27
C LEU F 83 34.91 -14.04 8.02
N LYS F 84 35.60 -13.65 9.09
CA LYS F 84 36.81 -12.85 8.99
C LYS F 84 38.04 -13.74 9.10
N LEU F 85 38.91 -13.65 8.09
CA LEU F 85 40.19 -14.35 8.08
C LEU F 85 41.32 -13.33 7.91
N THR F 86 42.23 -13.26 8.80
CA THR F 86 43.30 -12.25 8.89
C THR F 86 44.67 -12.76 8.39
N SER F 87 45.47 -11.85 7.99
CA SER F 87 46.81 -12.03 7.44
C SER F 87 46.83 -13.14 6.39
N VAL F 88 46.12 -12.90 5.36
CA VAL F 88 45.84 -13.88 4.31
C VAL F 88 47.12 -14.25 3.56
N THR F 89 47.24 -15.52 3.19
CA THR F 89 48.36 -16.01 2.39
C THR F 89 47.81 -16.61 1.09
N ALA F 90 48.69 -16.94 0.17
CA ALA F 90 48.29 -17.59 -1.10
C ALA F 90 47.70 -18.99 -0.89
N ALA F 91 48.14 -19.66 0.18
CA ALA F 91 47.62 -20.98 0.56
C ALA F 91 46.15 -20.93 0.96
N ASP F 92 45.59 -19.72 1.06
CA ASP F 92 44.18 -19.53 1.39
C ASP F 92 43.33 -19.29 0.14
N THR F 93 43.93 -19.48 -1.03
CA THR F 93 43.21 -19.43 -2.30
C THR F 93 42.33 -20.68 -2.38
N ALA F 94 41.02 -20.47 -2.34
CA ALA F 94 40.07 -21.58 -2.32
C ALA F 94 38.65 -21.12 -2.65
N VAL F 95 37.78 -22.08 -2.96
CA VAL F 95 36.35 -21.85 -3.02
C VAL F 95 35.89 -21.87 -1.56
N TYR F 96 34.86 -21.11 -1.22
CA TYR F 96 34.40 -21.04 0.16
C TYR F 96 32.92 -21.38 0.32
N TYR F 97 32.64 -22.32 1.23
CA TYR F 97 31.31 -22.88 1.40
C TYR F 97 30.75 -22.66 2.79
N CYS F 98 29.56 -22.06 2.88
CA CYS F 98 28.80 -22.08 4.12
C CYS F 98 27.82 -23.25 4.05
N ALA F 99 27.79 -24.03 5.13
CA ALA F 99 26.92 -25.21 5.19
C ALA F 99 26.23 -25.27 6.54
N ARG F 100 24.93 -25.58 6.53
CA ARG F 100 24.20 -25.82 7.78
C ARG F 100 24.79 -27.07 8.43
N THR F 101 24.82 -27.08 9.76
CA THR F 101 25.41 -28.19 10.49
C THR F 101 24.42 -28.80 11.46
N VAL F 102 24.34 -30.13 11.42
CA VAL F 102 23.64 -30.90 12.43
C VAL F 102 24.73 -31.39 13.39
N TRP F 103 24.69 -30.92 14.64
CA TRP F 103 25.78 -31.15 15.57
C TRP F 103 25.25 -31.65 16.93
N TYR F 104 25.05 -32.97 17.00
CA TYR F 104 24.65 -33.64 18.23
C TYR F 104 25.87 -33.99 19.05
N TYR F 105 26.36 -32.95 19.72
CA TYR F 105 27.33 -33.04 20.82
C TYR F 105 27.57 -34.47 21.33
N THR F 106 26.54 -35.03 21.97
CA THR F 106 26.68 -36.17 22.87
C THR F 106 26.80 -37.53 22.17
N SER F 107 26.21 -37.75 21.07
CA SER F 107 26.31 -38.97 20.26
C SER F 107 27.47 -38.87 19.27
N GLY F 108 28.06 -37.76 19.08
CA GLY F 108 29.26 -37.47 18.30
C GLY F 108 29.02 -37.67 16.82
N THR F 109 28.18 -36.97 16.18
CA THR F 109 27.76 -37.13 14.79
C THR F 109 28.46 -36.10 13.88
N HIS F 110 28.00 -34.92 13.82
CA HIS F 110 28.53 -33.73 13.14
C HIS F 110 28.60 -33.91 11.61
N TYR F 111 27.63 -33.58 10.86
CA TYR F 111 27.58 -33.55 9.39
C TYR F 111 27.05 -32.23 8.84
N PHE F 112 27.08 -32.02 7.59
CA PHE F 112 26.63 -30.85 6.83
C PHE F 112 25.51 -31.24 5.86
N ASP F 113 24.34 -30.66 6.07
CA ASP F 113 23.14 -31.05 5.31
C ASP F 113 22.77 -30.07 4.19
N HIS F 114 23.24 -28.83 4.26
CA HIS F 114 22.89 -27.83 3.24
C HIS F 114 24.02 -26.85 2.93
N TRP F 115 24.36 -26.75 1.64
CA TRP F 115 25.42 -25.87 1.15
C TRP F 115 24.81 -24.85 0.18
N GLY F 116 25.45 -23.71 0.06
CA GLY F 116 25.12 -22.73 -0.97
C GLY F 116 25.73 -23.17 -2.29
N GLN F 117 26.38 -22.25 -2.99
CA GLN F 117 27.10 -22.57 -4.24
C GLN F 117 28.60 -22.40 -4.07
N GLY F 118 29.00 -21.43 -3.25
CA GLY F 118 30.40 -21.15 -2.97
C GLY F 118 30.91 -19.89 -3.66
N VAL F 119 32.05 -19.39 -3.20
CA VAL F 119 32.73 -18.27 -3.83
C VAL F 119 34.25 -18.50 -3.85
N LEU F 120 34.86 -18.17 -4.99
CA LEU F 120 36.30 -18.36 -5.18
C LEU F 120 37.07 -17.17 -4.59
N VAL F 121 38.13 -17.49 -3.86
CA VAL F 121 39.05 -16.48 -3.34
C VAL F 121 40.41 -16.71 -3.97
N THR F 122 40.88 -15.67 -4.67
CA THR F 122 42.20 -15.66 -5.27
C THR F 122 43.07 -14.72 -4.44
N VAL F 123 44.16 -15.24 -3.90
CA VAL F 123 45.10 -14.43 -3.13
C VAL F 123 46.35 -14.15 -3.97
N SER F 124 46.46 -12.90 -4.42
CA SER F 124 47.60 -12.47 -5.22
C SER F 124 47.72 -10.95 -5.18
N SER F 125 48.90 -10.47 -4.79
CA SER F 125 49.18 -9.03 -4.75
C SER F 125 49.58 -8.50 -6.12
N ALA F 126 49.33 -9.28 -7.16
CA ALA F 126 49.88 -8.99 -8.48
C ALA F 126 49.05 -7.96 -9.26
N SER F 127 49.77 -7.20 -10.09
CA SER F 127 49.16 -6.33 -11.08
C SER F 127 49.73 -6.72 -12.45
N THR F 128 48.92 -6.50 -13.49
CA THR F 128 49.17 -7.01 -14.85
C THR F 128 50.66 -7.22 -15.23
N LYS F 129 50.99 -8.45 -15.62
CA LYS F 129 52.34 -8.82 -16.03
C LYS F 129 52.32 -9.82 -17.20
N GLY F 130 53.20 -9.61 -18.17
CA GLY F 130 53.30 -10.52 -19.33
C GLY F 130 54.04 -11.79 -18.98
N PRO F 131 53.79 -12.88 -19.75
CA PRO F 131 54.41 -14.18 -19.50
C PRO F 131 55.88 -14.28 -19.91
N SER F 132 56.51 -15.38 -19.52
CA SER F 132 57.88 -15.71 -19.93
C SER F 132 57.89 -17.09 -20.59
N VAL F 133 57.89 -17.11 -21.93
CA VAL F 133 57.80 -18.35 -22.68
C VAL F 133 59.18 -19.02 -22.75
N PHE F 134 59.20 -20.31 -22.42
CA PHE F 134 60.41 -21.11 -22.46
C PHE F 134 60.13 -22.42 -23.19
N PRO F 135 61.08 -22.89 -24.02
CA PRO F 135 60.86 -24.12 -24.78
C PRO F 135 61.08 -25.39 -23.95
N LEU F 136 60.65 -26.54 -24.47
CA LEU F 136 60.80 -27.81 -23.77
C LEU F 136 61.46 -28.89 -24.64
N ALA F 137 62.18 -29.78 -23.95
CA ALA F 137 63.13 -30.74 -24.53
C ALA F 137 62.89 -31.29 -25.94
N PRO F 138 63.36 -32.53 -26.19
CA PRO F 138 62.84 -33.25 -27.30
C PRO F 138 61.75 -34.16 -26.77
N SER F 144 60.10 -37.01 -26.47
CA SER F 144 60.19 -37.87 -25.32
C SER F 144 60.21 -39.32 -25.77
N GLU F 145 59.09 -39.97 -25.64
CA GLU F 145 59.12 -41.37 -25.94
C GLU F 145 59.44 -41.70 -27.43
N SER F 146 59.56 -43.00 -27.74
CA SER F 146 59.73 -43.53 -29.12
C SER F 146 58.76 -42.96 -30.18
N THR F 147 57.72 -42.27 -29.71
CA THR F 147 56.99 -41.25 -30.47
C THR F 147 56.84 -40.03 -29.53
N ALA F 148 57.55 -38.95 -29.88
CA ALA F 148 57.95 -37.90 -28.92
C ALA F 148 56.90 -36.83 -28.56
N ALA F 149 57.21 -36.04 -27.54
CA ALA F 149 56.35 -34.96 -27.07
C ALA F 149 57.17 -33.82 -26.47
N LEU F 150 56.86 -32.59 -26.89
CA LEU F 150 57.56 -31.39 -26.41
C LEU F 150 56.60 -30.20 -26.32
N GLY F 151 57.10 -29.03 -25.91
CA GLY F 151 56.22 -27.87 -25.73
C GLY F 151 56.89 -26.55 -25.40
N CYS F 152 56.10 -25.61 -24.87
CA CYS F 152 56.62 -24.30 -24.42
C CYS F 152 55.95 -23.80 -23.12
N LEU F 153 56.73 -23.81 -22.05
CA LEU F 153 56.33 -23.30 -20.73
C LEU F 153 55.97 -21.81 -20.74
N VAL F 154 54.86 -21.46 -20.10
CA VAL F 154 54.40 -20.07 -20.01
C VAL F 154 54.41 -19.66 -18.53
N LYS F 155 55.37 -18.83 -18.13
CA LYS F 155 55.58 -18.58 -16.70
C LYS F 155 55.37 -17.13 -16.24
N ASP F 156 54.82 -17.00 -15.02
CA ASP F 156 54.71 -15.76 -14.26
C ASP F 156 53.93 -14.65 -14.97
N TYR F 157 52.65 -14.88 -15.21
CA TYR F 157 51.79 -13.86 -15.79
C TYR F 157 50.57 -13.56 -14.93
N PHE F 158 49.85 -12.49 -15.29
CA PHE F 158 48.70 -12.01 -14.52
C PHE F 158 47.96 -10.97 -15.36
N PRO F 159 46.63 -11.00 -15.44
CA PRO F 159 45.76 -11.98 -14.78
C PRO F 159 45.51 -13.24 -15.64
N GLU F 160 44.46 -13.22 -16.48
CA GLU F 160 44.06 -14.37 -17.31
C GLU F 160 43.44 -13.85 -18.61
N PRO F 161 43.58 -14.53 -19.76
CA PRO F 161 44.21 -15.85 -19.93
C PRO F 161 45.38 -15.81 -20.94
N VAL F 162 45.51 -16.85 -21.77
CA VAL F 162 46.56 -16.93 -22.81
C VAL F 162 46.04 -17.65 -24.09
N THR F 163 46.92 -17.90 -25.07
CA THR F 163 46.62 -18.74 -26.26
C THR F 163 47.82 -19.64 -26.63
N VAL F 164 47.75 -20.29 -27.81
CA VAL F 164 48.89 -21.08 -28.37
C VAL F 164 48.82 -21.37 -29.90
N SER F 165 49.97 -21.72 -30.49
CA SER F 165 50.13 -21.96 -31.96
C SER F 165 51.63 -22.18 -32.34
N TRP F 166 51.95 -23.13 -33.24
CA TRP F 166 53.37 -23.58 -33.43
C TRP F 166 53.87 -24.04 -34.81
N ASN F 167 55.10 -23.65 -35.20
CA ASN F 167 55.92 -24.25 -36.32
C ASN F 167 56.01 -23.50 -37.69
N SER F 168 56.58 -22.29 -37.72
CA SER F 168 56.18 -21.28 -38.72
C SER F 168 54.72 -21.03 -38.37
N GLY F 169 54.30 -21.65 -37.23
CA GLY F 169 52.91 -21.88 -36.79
C GLY F 169 52.23 -23.24 -37.07
N SER F 170 52.92 -24.12 -37.79
CA SER F 170 52.38 -25.38 -38.38
C SER F 170 51.80 -26.49 -37.47
N LEU F 171 50.76 -26.18 -36.69
CA LEU F 171 50.12 -27.21 -35.85
C LEU F 171 48.73 -26.84 -35.35
N THR F 172 47.87 -27.85 -35.26
CA THR F 172 46.47 -27.67 -34.84
C THR F 172 45.78 -28.89 -34.19
N SER F 173 46.48 -30.02 -34.06
CA SER F 173 45.88 -31.27 -33.53
C SER F 173 46.96 -32.27 -33.06
N GLY F 174 46.66 -32.99 -31.99
CA GLY F 174 47.66 -33.78 -31.26
C GLY F 174 48.29 -32.93 -30.18
N VAL F 175 47.60 -31.84 -29.84
CA VAL F 175 48.09 -30.80 -28.96
C VAL F 175 47.09 -30.62 -27.83
N HIS F 176 47.61 -30.46 -26.62
CA HIS F 176 46.78 -30.18 -25.46
C HIS F 176 47.40 -29.07 -24.62
N THR F 177 46.58 -28.09 -24.24
CA THR F 177 47.01 -26.95 -23.44
C THR F 177 46.42 -27.04 -22.04
N PHE F 178 47.30 -27.15 -21.04
CA PHE F 178 46.89 -27.32 -19.66
C PHE F 178 46.20 -26.08 -19.09
N PRO F 179 45.29 -26.27 -18.14
CA PRO F 179 44.74 -25.15 -17.40
C PRO F 179 45.80 -24.45 -16.55
N ALA F 180 45.49 -23.24 -16.11
CA ALA F 180 46.44 -22.40 -15.39
C ALA F 180 46.79 -22.98 -14.02
N VAL F 181 47.99 -22.68 -13.55
CA VAL F 181 48.38 -22.94 -12.16
C VAL F 181 48.68 -21.58 -11.52
N LEU F 182 48.73 -21.55 -10.19
CA LEU F 182 48.90 -20.28 -9.45
C LEU F 182 50.03 -20.39 -8.42
N GLN F 183 51.13 -19.71 -8.70
CA GLN F 183 52.36 -19.75 -7.91
C GLN F 183 52.12 -19.32 -6.47
N SER F 184 53.02 -19.73 -5.56
CA SER F 184 52.94 -19.34 -4.15
C SER F 184 53.07 -17.82 -3.94
N SER F 185 53.69 -17.13 -4.88
CA SER F 185 53.73 -15.66 -4.87
C SER F 185 52.73 -15.08 -5.88
N GLY F 186 51.58 -15.75 -6.01
CA GLY F 186 50.44 -15.23 -6.77
C GLY F 186 50.69 -14.88 -8.23
N LEU F 187 51.30 -15.80 -8.97
CA LEU F 187 51.48 -15.63 -10.41
C LEU F 187 51.06 -16.86 -11.19
N TYR F 188 50.75 -16.65 -12.47
CA TYR F 188 50.17 -17.71 -13.30
C TYR F 188 51.19 -18.37 -14.22
N SER F 189 51.16 -19.71 -14.23
CA SER F 189 51.97 -20.50 -15.14
C SER F 189 51.13 -21.62 -15.74
N LEU F 190 51.40 -21.95 -16.99
CA LEU F 190 50.82 -23.13 -17.64
C LEU F 190 51.67 -23.56 -18.83
N SER F 191 51.54 -24.83 -19.19
CA SER F 191 52.26 -25.39 -20.31
C SER F 191 51.30 -25.77 -21.43
N SER F 192 51.81 -25.72 -22.65
CA SER F 192 51.12 -26.27 -23.81
C SER F 192 52.05 -27.30 -24.43
N VAL F 193 51.51 -28.47 -24.77
CA VAL F 193 52.34 -29.58 -25.28
C VAL F 193 51.75 -30.27 -26.50
N VAL F 194 52.66 -30.73 -27.36
CA VAL F 194 52.31 -31.48 -28.56
C VAL F 194 52.80 -32.91 -28.41
N THR F 195 52.00 -33.86 -28.87
CA THR F 195 52.43 -35.25 -29.00
C THR F 195 52.63 -35.51 -30.48
N VAL F 196 53.85 -35.91 -30.85
CA VAL F 196 54.24 -36.03 -32.27
C VAL F 196 54.93 -37.36 -32.58
N PRO F 197 55.04 -37.70 -33.87
CA PRO F 197 55.88 -38.86 -34.22
C PRO F 197 57.35 -38.54 -33.99
N SER F 198 58.12 -39.54 -33.54
CA SER F 198 59.57 -39.38 -33.33
C SER F 198 60.31 -39.08 -34.64
N SER F 199 59.76 -39.54 -35.76
CA SER F 199 60.30 -39.25 -37.08
C SER F 199 60.03 -37.79 -37.49
N SER F 200 58.86 -37.28 -37.10
CA SER F 200 58.53 -35.87 -37.29
C SER F 200 59.19 -35.05 -36.19
N LEU F 201 60.52 -34.97 -36.23
CA LEU F 201 61.28 -34.20 -35.25
C LEU F 201 62.35 -33.34 -35.91
N GLY F 202 63.40 -33.97 -36.43
CA GLY F 202 64.39 -33.24 -37.21
C GLY F 202 63.72 -32.57 -38.39
N THR F 203 62.80 -33.31 -39.03
CA THR F 203 62.07 -32.82 -40.21
C THR F 203 61.11 -31.70 -39.85
N GLN F 204 59.92 -32.04 -39.34
CA GLN F 204 58.95 -31.04 -38.95
C GLN F 204 59.57 -30.14 -37.88
N THR F 205 59.47 -28.83 -38.08
CA THR F 205 60.17 -27.85 -37.24
C THR F 205 59.18 -27.14 -36.31
N TYR F 206 59.44 -27.21 -35.00
CA TYR F 206 58.45 -26.85 -33.96
C TYR F 206 58.71 -25.52 -33.23
N VAL F 207 57.74 -24.60 -33.28
CA VAL F 207 57.92 -23.19 -32.84
C VAL F 207 56.61 -22.55 -32.38
N CYS F 208 56.38 -22.47 -31.07
CA CYS F 208 55.08 -22.00 -30.53
C CYS F 208 54.93 -20.47 -30.45
N ASN F 209 53.68 -20.02 -30.42
CA ASN F 209 53.34 -18.60 -30.25
C ASN F 209 52.24 -18.41 -29.19
N VAL F 210 52.57 -17.63 -28.16
CA VAL F 210 51.68 -17.35 -27.03
C VAL F 210 51.17 -15.91 -27.13
N ASN F 211 49.98 -15.66 -26.59
CA ASN F 211 49.35 -14.35 -26.68
C ASN F 211 48.60 -13.96 -25.38
N HIS F 212 49.08 -12.91 -24.72
CA HIS F 212 48.48 -12.42 -23.47
C HIS F 212 47.79 -11.06 -23.71
N LYS F 213 46.46 -11.09 -23.75
CA LYS F 213 45.64 -9.94 -24.19
C LYS F 213 45.74 -8.72 -23.29
N PRO F 214 45.54 -8.89 -21.96
CA PRO F 214 45.42 -7.72 -21.09
C PRO F 214 46.75 -7.01 -20.80
N SER F 215 47.86 -7.49 -21.35
CA SER F 215 49.15 -6.80 -21.25
C SER F 215 49.82 -6.56 -22.60
N ASN F 216 49.19 -7.03 -23.69
CA ASN F 216 49.78 -7.00 -25.02
C ASN F 216 51.12 -7.75 -25.04
N THR F 217 51.06 -9.05 -25.35
CA THR F 217 52.25 -9.89 -25.37
C THR F 217 52.14 -11.03 -26.41
N LYS F 218 53.02 -10.98 -27.42
CA LYS F 218 53.14 -12.02 -28.46
C LYS F 218 54.56 -12.60 -28.40
N VAL F 219 54.71 -13.91 -28.61
CA VAL F 219 56.04 -14.53 -28.46
C VAL F 219 56.33 -15.71 -29.41
N ASP F 220 57.30 -15.50 -30.31
CA ASP F 220 57.99 -16.57 -31.05
C ASP F 220 58.71 -17.45 -30.05
N LYS F 221 58.80 -18.75 -30.32
CA LYS F 221 59.69 -19.61 -29.53
C LYS F 221 60.15 -20.88 -30.26
N ARG F 222 61.43 -20.89 -30.64
CA ARG F 222 62.04 -22.02 -31.33
C ARG F 222 62.21 -23.22 -30.39
N VAL F 223 61.58 -24.34 -30.74
CA VAL F 223 61.70 -25.59 -29.97
C VAL F 223 62.53 -26.61 -30.76
N GLU F 224 63.71 -26.93 -30.24
CA GLU F 224 64.57 -27.97 -30.83
C GLU F 224 63.99 -29.38 -30.65
N VAL G 3 44.24 -36.68 8.67
CA VAL G 3 43.20 -36.63 7.59
C VAL G 3 42.76 -38.04 7.17
N LEU G 4 41.46 -38.20 6.91
CA LEU G 4 40.87 -39.49 6.57
C LEU G 4 41.31 -39.93 5.17
N THR G 5 41.82 -41.16 5.08
CA THR G 5 42.38 -41.71 3.85
C THR G 5 41.30 -42.40 3.02
N GLN G 6 41.25 -42.06 1.73
CA GLN G 6 40.43 -42.78 0.76
C GLN G 6 41.28 -43.09 -0.47
N PRO G 7 40.83 -44.05 -1.29
CA PRO G 7 41.50 -44.27 -2.57
C PRO G 7 41.29 -43.10 -3.52
N PRO G 8 42.30 -42.72 -4.31
CA PRO G 8 42.15 -41.61 -5.25
C PRO G 8 41.11 -41.88 -6.33
N SER G 9 41.16 -43.06 -6.95
CA SER G 9 40.21 -43.41 -8.01
C SER G 9 39.47 -44.72 -7.73
N VAL G 10 38.26 -44.76 -8.10
CA VAL G 10 37.37 -45.92 -8.09
C VAL G 10 36.59 -45.93 -9.41
N SER G 11 36.46 -47.11 -10.01
CA SER G 11 35.94 -47.23 -11.36
C SER G 11 35.28 -48.58 -11.61
N ALA G 12 34.14 -48.56 -12.30
CA ALA G 12 33.49 -49.80 -12.76
C ALA G 12 32.53 -49.53 -13.91
N ALA G 13 32.26 -50.57 -14.70
CA ALA G 13 31.36 -50.48 -15.84
C ALA G 13 29.95 -49.99 -15.46
N PRO G 14 29.18 -49.46 -16.44
CA PRO G 14 27.84 -48.96 -16.13
C PRO G 14 26.91 -50.06 -15.60
N GLY G 15 26.69 -50.05 -14.29
CA GLY G 15 25.89 -51.06 -13.62
C GLY G 15 26.74 -52.14 -12.98
N GLN G 16 27.57 -51.73 -12.02
CA GLN G 16 28.37 -52.66 -11.20
C GLN G 16 28.33 -52.19 -9.75
N LYS G 17 29.11 -52.85 -8.89
CA LYS G 17 29.20 -52.51 -7.48
C LYS G 17 30.59 -51.94 -7.17
N VAL G 18 30.61 -50.82 -6.45
CA VAL G 18 31.88 -50.15 -6.11
C VAL G 18 32.06 -49.87 -4.61
N THR G 19 33.31 -49.98 -4.17
CA THR G 19 33.67 -49.88 -2.75
C THR G 19 34.70 -48.76 -2.52
N ILE G 20 34.21 -47.63 -2.03
CA ILE G 20 35.07 -46.52 -1.61
C ILE G 20 35.36 -46.70 -0.12
N SER G 21 36.65 -46.71 0.25
CA SER G 21 37.07 -47.08 1.60
C SER G 21 37.73 -45.92 2.35
N CYS G 22 36.98 -45.32 3.26
CA CYS G 22 37.47 -44.26 4.15
C CYS G 22 38.14 -44.88 5.38
N SER G 23 39.31 -44.37 5.74
CA SER G 23 40.13 -44.99 6.78
C SER G 23 40.72 -43.96 7.75
N GLY G 24 40.36 -44.11 9.03
CA GLY G 24 40.81 -43.22 10.09
C GLY G 24 40.70 -43.85 11.46
N SER G 25 41.60 -43.48 12.36
CA SER G 25 41.82 -44.18 13.64
C SER G 25 40.67 -44.07 14.66
N SER G 26 40.97 -44.43 15.92
CA SER G 26 40.00 -44.45 17.03
C SER G 26 39.22 -43.16 17.20
N SER G 27 39.84 -42.06 17.17
CA SER G 27 39.26 -40.73 17.40
C SER G 27 38.36 -40.26 16.26
N ASN G 28 38.36 -40.89 15.17
CA ASN G 28 37.58 -40.52 13.99
C ASN G 28 36.31 -41.36 13.85
N ILE G 29 36.46 -42.58 13.34
CA ILE G 29 35.32 -43.40 12.93
C ILE G 29 35.01 -44.49 13.97
N GLY G 30 35.93 -44.69 14.92
CA GLY G 30 35.63 -45.48 16.12
C GLY G 30 34.75 -44.69 17.05
N ARG G 31 34.90 -43.37 17.02
CA ARG G 31 34.17 -42.44 17.88
C ARG G 31 32.86 -41.95 17.26
N SER G 32 32.91 -41.50 16.01
CA SER G 32 31.85 -40.65 15.45
C SER G 32 31.05 -41.26 14.28
N TYR G 33 29.98 -40.55 13.90
CA TYR G 33 29.18 -40.92 12.75
C TYR G 33 29.75 -40.33 11.46
N VAL G 34 29.88 -41.20 10.46
CA VAL G 34 30.44 -40.84 9.16
C VAL G 34 29.34 -40.38 8.21
N SER G 35 29.67 -39.39 7.39
CA SER G 35 28.76 -38.84 6.40
C SER G 35 29.47 -38.72 5.06
N TRP G 36 28.76 -39.00 3.97
CA TRP G 36 29.36 -38.99 2.64
C TRP G 36 28.83 -37.84 1.77
N TYR G 37 29.68 -37.31 0.90
CA TYR G 37 29.34 -36.14 0.09
C TYR G 37 29.70 -36.33 -1.40
N GLN G 38 28.71 -36.17 -2.27
CA GLN G 38 28.90 -36.26 -3.71
C GLN G 38 29.15 -34.87 -4.29
N GLN G 39 30.26 -34.70 -5.01
CA GLN G 39 30.55 -33.46 -5.72
C GLN G 39 30.89 -33.74 -7.18
N VAL G 40 30.17 -33.10 -8.09
CA VAL G 40 30.53 -33.07 -9.52
C VAL G 40 31.24 -31.75 -9.80
N PRO G 41 32.59 -31.76 -9.88
CA PRO G 41 33.32 -30.50 -10.07
C PRO G 41 32.84 -29.75 -11.32
N GLY G 42 32.64 -28.43 -11.25
CA GLY G 42 32.95 -27.61 -10.06
C GLY G 42 31.73 -27.08 -9.35
N ALA G 43 30.68 -27.90 -9.25
CA ALA G 43 29.50 -27.57 -8.48
C ALA G 43 29.75 -27.82 -6.98
N ALA G 44 28.88 -27.25 -6.15
CA ALA G 44 29.04 -27.35 -4.70
C ALA G 44 28.72 -28.76 -4.19
N PRO G 45 29.52 -29.27 -3.23
CA PRO G 45 29.25 -30.59 -2.65
C PRO G 45 27.83 -30.70 -2.07
N LYS G 46 27.27 -31.92 -2.09
CA LYS G 46 25.99 -32.18 -1.46
C LYS G 46 26.08 -33.39 -0.53
N LEU G 47 25.19 -33.44 0.46
CA LEU G 47 25.10 -34.55 1.40
C LEU G 47 24.52 -35.77 0.71
N LEU G 48 25.15 -36.92 0.92
CA LEU G 48 24.71 -38.19 0.33
C LEU G 48 24.35 -39.21 1.39
N ILE G 49 25.17 -39.31 2.44
CA ILE G 49 24.94 -40.23 3.56
C ILE G 49 25.18 -39.49 4.88
N TYR G 50 24.35 -39.76 5.90
CA TYR G 50 24.54 -39.19 7.24
C TYR G 50 24.25 -40.22 8.33
N ASP G 51 24.84 -40.02 9.51
CA ASP G 51 24.76 -40.98 10.62
C ASP G 51 25.21 -42.39 10.18
N THR G 52 26.39 -42.45 9.58
CA THR G 52 27.00 -43.70 9.10
C THR G 52 26.23 -44.38 7.94
N ASN G 53 24.91 -44.19 7.85
CA ASN G 53 24.11 -44.85 6.81
C ASN G 53 22.63 -44.43 6.67
N LYS G 54 22.35 -43.14 6.64
CA LYS G 54 20.99 -42.67 6.36
C LYS G 54 20.95 -41.74 5.14
N ARG G 55 20.04 -42.05 4.22
CA ARG G 55 19.90 -41.30 2.98
C ARG G 55 18.89 -40.17 3.11
N PRO G 56 19.27 -38.93 2.74
CA PRO G 56 18.31 -37.84 2.67
C PRO G 56 17.39 -38.02 1.47
N SER G 57 16.14 -37.58 1.60
CA SER G 57 15.14 -37.77 0.54
C SER G 57 15.67 -37.28 -0.80
N GLY G 58 15.43 -38.07 -1.85
CA GLY G 58 15.91 -37.75 -3.18
C GLY G 58 17.29 -38.33 -3.49
N VAL G 59 17.80 -39.17 -2.57
CA VAL G 59 19.04 -39.93 -2.80
C VAL G 59 18.67 -41.41 -2.77
N SER G 60 18.80 -42.07 -3.91
CA SER G 60 18.35 -43.44 -4.08
C SER G 60 19.18 -44.46 -3.31
N ASP G 61 18.56 -45.61 -3.05
CA ASP G 61 19.16 -46.70 -2.28
C ASP G 61 20.29 -47.48 -2.98
N ARG G 62 20.67 -47.01 -4.16
CA ARG G 62 21.88 -47.48 -4.82
C ARG G 62 23.10 -47.08 -4.00
N PHE G 63 23.02 -45.92 -3.37
CA PHE G 63 24.04 -45.44 -2.43
C PHE G 63 23.73 -45.97 -1.03
N SER G 64 24.74 -46.49 -0.33
CA SER G 64 24.57 -47.00 1.03
C SER G 64 25.88 -47.01 1.80
N GLY G 65 25.81 -46.65 3.09
CA GLY G 65 26.99 -46.49 3.93
C GLY G 65 27.06 -47.50 5.04
N SER G 66 28.22 -47.54 5.72
CA SER G 66 28.44 -48.40 6.88
C SER G 66 29.85 -48.15 7.43
N LYS G 67 30.07 -48.50 8.70
CA LYS G 67 31.40 -48.39 9.31
C LYS G 67 31.79 -49.65 10.09
N SER G 68 33.09 -49.77 10.34
CA SER G 68 33.66 -50.95 10.99
C SER G 68 34.97 -50.61 11.70
N GLY G 69 35.00 -50.83 13.01
CA GLY G 69 36.20 -50.59 13.83
C GLY G 69 36.69 -49.17 13.79
N SER G 70 37.46 -48.86 12.74
CA SER G 70 37.97 -47.51 12.48
C SER G 70 38.11 -47.34 10.97
N SER G 71 37.00 -47.57 10.25
CA SER G 71 36.98 -47.49 8.80
C SER G 71 35.54 -47.50 8.25
N ALA G 72 35.19 -46.47 7.49
CA ALA G 72 33.86 -46.36 6.88
C ALA G 72 33.83 -47.08 5.53
N SER G 73 32.66 -47.09 4.88
CA SER G 73 32.49 -47.72 3.56
C SER G 73 31.22 -47.24 2.85
N LEU G 74 31.36 -46.85 1.58
CA LEU G 74 30.23 -46.42 0.76
C LEU G 74 30.05 -47.36 -0.43
N ALA G 75 28.86 -47.93 -0.56
CA ALA G 75 28.54 -48.88 -1.61
C ALA G 75 27.57 -48.28 -2.62
N ILE G 76 27.93 -48.37 -3.90
CA ILE G 76 27.09 -47.89 -5.00
C ILE G 76 26.83 -49.01 -6.00
N THR G 77 25.57 -49.39 -6.14
CA THR G 77 25.13 -50.37 -7.13
C THR G 77 24.49 -49.69 -8.32
N GLY G 78 24.24 -50.45 -9.37
CA GLY G 78 23.60 -49.96 -10.59
C GLY G 78 24.28 -48.73 -11.15
N LEU G 79 25.61 -48.74 -11.13
CA LEU G 79 26.42 -47.55 -11.48
C LEU G 79 25.97 -46.84 -12.75
N GLN G 80 25.19 -45.78 -12.56
CA GLN G 80 24.73 -44.95 -13.67
C GLN G 80 25.82 -43.96 -14.05
N THR G 81 25.81 -43.55 -15.32
CA THR G 81 26.78 -42.59 -15.84
C THR G 81 26.76 -41.26 -15.09
N GLY G 82 25.62 -40.91 -14.50
CA GLY G 82 25.48 -39.70 -13.68
C GLY G 82 26.27 -39.72 -12.37
N ASP G 83 26.48 -40.91 -11.83
CA ASP G 83 27.16 -41.08 -10.54
C ASP G 83 28.61 -40.59 -10.52
N GLU G 84 29.26 -40.54 -11.68
CA GLU G 84 30.67 -40.11 -11.78
C GLU G 84 30.92 -38.76 -11.11
N ALA G 85 31.66 -38.78 -10.01
CA ALA G 85 31.88 -37.60 -9.17
C ALA G 85 33.01 -37.87 -8.16
N ASP G 86 33.42 -36.81 -7.45
CA ASP G 86 34.34 -36.93 -6.32
C ASP G 86 33.53 -37.31 -5.09
N TYR G 87 34.12 -38.11 -4.20
CA TYR G 87 33.43 -38.56 -2.98
C TYR G 87 34.26 -38.37 -1.71
N TYR G 88 33.62 -37.78 -0.70
CA TYR G 88 34.30 -37.44 0.56
C TYR G 88 33.55 -38.02 1.76
N CYS G 89 34.28 -38.71 2.64
CA CYS G 89 33.74 -39.14 3.93
C CYS G 89 33.91 -38.02 4.96
N GLY G 90 33.03 -38.01 5.96
CA GLY G 90 32.99 -36.91 6.95
C GLY G 90 32.72 -37.38 8.37
N ALA G 91 33.78 -37.48 9.16
CA ALA G 91 33.69 -37.87 10.56
C ALA G 91 34.23 -36.77 11.46
N TRP G 92 33.60 -36.59 12.60
CA TRP G 92 34.08 -35.65 13.61
C TRP G 92 35.20 -36.30 14.42
N ASP G 93 36.31 -35.60 14.56
CA ASP G 93 37.39 -36.03 15.44
C ASP G 93 37.15 -35.49 16.84
N GLY G 94 37.59 -36.26 17.83
CA GLY G 94 37.45 -35.87 19.23
C GLY G 94 38.74 -35.36 19.84
N SER G 95 39.86 -36.00 19.47
CA SER G 95 41.17 -35.67 20.06
C SER G 95 41.62 -34.25 19.73
N LEU G 96 41.25 -33.77 18.54
CA LEU G 96 41.53 -32.39 18.13
C LEU G 96 40.25 -31.54 18.13
N ASN G 97 39.14 -32.14 18.28
CA ASN G 97 37.81 -31.54 18.20
C ASN G 97 37.61 -30.83 16.86
N VAL G 98 37.84 -31.51 15.82
CA VAL G 98 37.72 -31.06 14.42
C VAL G 98 36.85 -31.99 13.60
N HIS G 99 36.25 -31.46 12.54
CA HIS G 99 35.64 -32.29 11.53
C HIS G 99 36.74 -32.67 10.57
N ILE G 100 37.04 -33.95 10.43
CA ILE G 100 38.01 -34.40 9.44
C ILE G 100 37.28 -34.85 8.18
N PHE G 101 37.75 -34.36 7.04
CA PHE G 101 37.22 -34.77 5.75
C PHE G 101 38.04 -35.92 5.18
N GLY G 102 37.45 -36.62 4.20
CA GLY G 102 38.14 -37.68 3.48
C GLY G 102 39.02 -37.13 2.39
N SER G 103 40.15 -37.79 2.12
CA SER G 103 41.12 -37.30 1.14
C SER G 103 40.73 -37.57 -0.32
N GLY G 104 39.43 -37.63 -0.60
CA GLY G 104 38.92 -37.63 -1.97
C GLY G 104 38.96 -38.97 -2.69
N THR G 105 37.86 -39.28 -3.40
CA THR G 105 37.78 -40.45 -4.27
C THR G 105 36.97 -40.12 -5.52
N LYS G 106 37.63 -40.16 -6.67
CA LYS G 106 36.96 -39.93 -7.94
C LYS G 106 36.36 -41.24 -8.45
N LEU G 107 35.06 -41.21 -8.71
CA LEU G 107 34.37 -42.33 -9.35
C LEU G 107 34.58 -42.26 -10.86
N THR G 108 34.39 -43.37 -11.55
CA THR G 108 34.53 -43.38 -13.01
C THR G 108 33.56 -44.39 -13.64
N VAL G 109 32.71 -43.89 -14.53
CA VAL G 109 31.78 -44.75 -15.26
C VAL G 109 32.33 -45.00 -16.66
N LEU G 110 33.03 -46.05 -16.82
CA LEU G 110 33.73 -46.48 -18.02
C LEU G 110 32.71 -46.86 -19.11
N GLY G 111 32.83 -46.33 -20.33
CA GLY G 111 33.86 -45.37 -20.72
C GLY G 111 34.73 -45.87 -21.85
N GLN G 112 35.96 -46.25 -21.52
CA GLN G 112 36.95 -46.72 -22.49
C GLN G 112 37.98 -47.59 -21.78
N PRO G 113 38.81 -48.31 -22.55
CA PRO G 113 39.85 -49.14 -21.95
C PRO G 113 40.84 -48.34 -21.12
N LYS G 114 41.32 -48.95 -20.05
CA LYS G 114 42.31 -48.33 -19.17
C LYS G 114 43.60 -48.09 -19.93
N ALA G 115 44.10 -46.86 -19.80
CA ALA G 115 45.37 -46.47 -20.36
C ALA G 115 46.25 -45.87 -19.27
N SER G 116 47.42 -46.48 -19.03
CA SER G 116 48.38 -45.94 -18.08
C SER G 116 49.03 -44.70 -18.68
N PRO G 117 49.54 -43.79 -17.83
CA PRO G 117 50.05 -42.53 -18.37
C PRO G 117 51.41 -42.68 -19.02
N LEU G 118 51.62 -41.92 -20.10
CA LEU G 118 52.94 -41.79 -20.70
C LEU G 118 53.55 -40.54 -20.07
N VAL G 119 54.63 -40.72 -19.30
CA VAL G 119 55.18 -39.64 -18.48
C VAL G 119 56.42 -39.01 -19.13
N THR G 120 56.45 -37.67 -19.15
CA THR G 120 57.49 -36.91 -19.82
C THR G 120 58.07 -35.86 -18.88
N LEU G 121 59.35 -36.00 -18.53
CA LEU G 121 60.01 -35.09 -17.60
C LEU G 121 61.00 -34.17 -18.32
N PHE G 122 60.63 -32.91 -18.45
CA PHE G 122 61.48 -31.90 -19.11
C PHE G 122 62.45 -31.30 -18.10
N PRO G 123 63.73 -31.11 -18.51
CA PRO G 123 64.67 -30.35 -17.69
C PRO G 123 64.33 -28.86 -17.76
N PRO G 124 64.91 -28.03 -16.87
CA PRO G 124 64.71 -26.59 -17.04
C PRO G 124 65.36 -26.07 -18.33
N SER G 125 64.73 -25.07 -18.94
CA SER G 125 65.15 -24.55 -20.24
C SER G 125 66.44 -23.72 -20.16
N SER G 126 67.15 -23.65 -21.27
CA SER G 126 68.42 -22.91 -21.35
C SER G 126 68.24 -21.39 -21.27
N GLU G 127 67.02 -20.92 -21.53
CA GLU G 127 66.69 -19.49 -21.42
C GLU G 127 66.42 -19.09 -19.98
N GLU G 128 65.72 -19.97 -19.25
CA GLU G 128 65.38 -19.75 -17.86
C GLU G 128 66.59 -19.98 -16.95
N LEU G 129 67.40 -21.00 -17.26
CA LEU G 129 68.62 -21.28 -16.51
C LEU G 129 69.60 -20.08 -16.55
N GLN G 130 69.57 -19.35 -17.66
CA GLN G 130 70.28 -18.08 -17.76
C GLN G 130 69.34 -16.92 -17.46
N ALA G 131 68.57 -17.10 -16.40
CA ALA G 131 67.86 -16.04 -15.70
C ALA G 131 67.87 -16.41 -14.22
N ASN G 132 68.80 -17.29 -13.85
CA ASN G 132 68.91 -17.91 -12.52
C ASN G 132 67.60 -18.46 -11.95
N LYS G 133 66.82 -19.11 -12.81
CA LYS G 133 65.58 -19.76 -12.44
C LYS G 133 65.49 -21.15 -13.10
N ALA G 134 64.71 -22.03 -12.49
CA ALA G 134 64.49 -23.37 -13.03
C ALA G 134 63.03 -23.75 -12.88
N THR G 135 62.49 -24.44 -13.89
CA THR G 135 61.16 -25.00 -13.81
C THR G 135 61.09 -26.38 -14.50
N LEU G 136 61.22 -27.42 -13.70
CA LEU G 136 61.08 -28.79 -14.18
C LEU G 136 59.60 -29.12 -14.36
N VAL G 137 59.17 -29.29 -15.61
CA VAL G 137 57.76 -29.55 -15.91
C VAL G 137 57.54 -31.05 -16.15
N CYS G 138 56.67 -31.67 -15.36
CA CYS G 138 56.36 -33.10 -15.52
C CYS G 138 55.06 -33.30 -16.28
N LEU G 139 55.19 -33.81 -17.51
CA LEU G 139 54.05 -34.00 -18.40
C LEU G 139 53.49 -35.41 -18.26
N ILE G 140 52.21 -35.49 -17.96
CA ILE G 140 51.50 -36.75 -17.79
C ILE G 140 50.36 -36.77 -18.81
N SER G 141 50.39 -37.73 -19.74
CA SER G 141 49.49 -37.71 -20.90
C SER G 141 48.89 -39.06 -21.26
N ASP G 142 47.75 -39.00 -21.94
CA ASP G 142 47.04 -40.17 -22.49
C ASP G 142 46.70 -41.26 -21.46
N PHE G 143 46.00 -40.86 -20.39
CA PHE G 143 45.61 -41.82 -19.35
C PHE G 143 44.12 -41.85 -19.05
N TYR G 144 43.70 -42.95 -18.42
CA TYR G 144 42.32 -43.18 -18.05
C TYR G 144 42.28 -44.33 -17.03
N PRO G 145 41.52 -44.21 -15.93
CA PRO G 145 40.69 -43.05 -15.57
C PRO G 145 41.49 -41.81 -15.16
N GLY G 146 40.85 -40.64 -15.27
CA GLY G 146 41.53 -39.36 -15.07
C GLY G 146 41.84 -39.03 -13.63
N VAL G 147 42.76 -39.79 -13.05
CA VAL G 147 43.20 -39.58 -11.67
C VAL G 147 44.70 -39.89 -11.60
N VAL G 148 45.49 -38.90 -11.21
CA VAL G 148 46.92 -39.08 -11.01
C VAL G 148 47.39 -38.32 -9.78
N LYS G 149 48.09 -39.03 -8.89
CA LYS G 149 48.79 -38.40 -7.78
C LYS G 149 50.25 -38.27 -8.19
N VAL G 150 50.84 -37.12 -7.89
CA VAL G 150 52.23 -36.82 -8.28
C VAL G 150 53.03 -36.39 -7.05
N ALA G 151 54.30 -36.80 -7.00
CA ALA G 151 55.21 -36.40 -5.93
C ALA G 151 56.61 -36.19 -6.47
N TRP G 152 57.19 -35.02 -6.18
CA TRP G 152 58.53 -34.66 -6.66
C TRP G 152 59.61 -35.13 -5.70
N LYS G 153 60.77 -35.49 -6.25
CA LYS G 153 61.92 -35.94 -5.46
C LYS G 153 63.18 -35.20 -5.88
N ALA G 154 64.20 -35.27 -5.02
CA ALA G 154 65.54 -34.80 -5.33
C ALA G 154 66.56 -35.77 -4.75
N ASP G 155 67.28 -36.45 -5.63
CA ASP G 155 68.23 -37.52 -5.26
C ASP G 155 67.56 -38.66 -4.48
N GLY G 156 66.31 -38.97 -4.87
CA GLY G 156 65.52 -40.01 -4.22
C GLY G 156 64.62 -39.52 -3.10
N ASN G 157 64.78 -38.28 -2.67
CA ASN G 157 64.09 -37.75 -1.48
C ASN G 157 63.09 -36.63 -1.78
N SER G 158 61.99 -36.63 -1.04
CA SER G 158 60.85 -35.76 -1.30
C SER G 158 61.15 -34.27 -1.15
N VAL G 159 60.63 -33.48 -2.08
CA VAL G 159 60.65 -32.01 -2.01
C VAL G 159 59.21 -31.52 -1.95
N ASN G 160 58.96 -30.53 -1.10
CA ASN G 160 57.61 -30.08 -0.77
C ASN G 160 57.27 -28.65 -1.20
N THR G 161 58.27 -27.85 -1.57
CA THR G 161 58.07 -26.45 -1.95
C THR G 161 58.20 -26.24 -3.46
N GLY G 162 57.38 -25.34 -4.01
CA GLY G 162 57.35 -25.07 -5.45
C GLY G 162 56.47 -26.04 -6.21
N VAL G 163 55.76 -26.89 -5.47
CA VAL G 163 54.95 -27.96 -6.07
C VAL G 163 53.59 -27.39 -6.49
N GLU G 164 53.42 -27.22 -7.80
CA GLU G 164 52.15 -26.80 -8.37
C GLU G 164 51.74 -27.81 -9.45
N THR G 165 50.48 -28.25 -9.41
CA THR G 165 49.98 -29.33 -10.28
C THR G 165 48.54 -29.06 -10.72
N THR G 166 48.23 -29.36 -11.98
CA THR G 166 46.87 -29.25 -12.49
C THR G 166 46.08 -30.50 -12.17
N THR G 167 44.79 -30.33 -11.92
CA THR G 167 43.89 -31.47 -11.76
C THR G 167 43.62 -32.10 -13.13
N PRO G 168 43.79 -33.44 -13.24
CA PRO G 168 43.67 -34.18 -14.50
C PRO G 168 42.55 -33.65 -15.42
N SER G 169 42.91 -33.24 -16.63
CA SER G 169 41.97 -32.65 -17.58
C SER G 169 41.89 -33.44 -18.89
N LYS G 170 40.68 -33.50 -19.45
CA LYS G 170 40.39 -34.25 -20.68
C LYS G 170 41.18 -33.72 -21.87
N GLN G 171 41.78 -34.64 -22.65
CA GLN G 171 42.39 -34.28 -23.92
C GLN G 171 41.32 -34.32 -25.02
N SER G 172 41.70 -34.00 -26.25
CA SER G 172 40.76 -34.01 -27.39
C SER G 172 40.35 -35.43 -27.83
N ASN G 173 40.63 -36.42 -26.99
CA ASN G 173 40.22 -37.80 -27.22
C ASN G 173 39.77 -38.53 -25.93
N ASN G 174 39.21 -37.76 -24.99
CA ASN G 174 38.73 -38.26 -23.69
C ASN G 174 39.78 -38.92 -22.76
N LYS G 175 41.05 -38.97 -23.19
CA LYS G 175 42.13 -39.43 -22.32
C LYS G 175 42.70 -38.22 -21.58
N TYR G 176 42.86 -38.36 -20.27
CA TYR G 176 43.13 -37.19 -19.41
C TYR G 176 44.61 -36.80 -19.38
N ALA G 177 44.89 -35.62 -18.82
CA ALA G 177 46.24 -35.06 -18.79
C ALA G 177 46.48 -34.16 -17.57
N ALA G 178 47.66 -34.28 -16.97
CA ALA G 178 48.06 -33.45 -15.84
C ALA G 178 49.48 -32.94 -16.00
N SER G 179 49.75 -31.77 -15.42
CA SER G 179 51.07 -31.16 -15.47
C SER G 179 51.54 -30.78 -14.08
N SER G 180 52.78 -31.13 -13.75
CA SER G 180 53.40 -30.70 -12.50
C SER G 180 54.51 -29.69 -12.77
N TYR G 181 54.84 -28.90 -11.77
CA TYR G 181 55.84 -27.83 -11.92
C TYR G 181 56.78 -27.80 -10.72
N LEU G 182 57.84 -26.99 -10.81
CA LEU G 182 58.78 -26.83 -9.71
C LEU G 182 59.62 -25.54 -9.89
N SER G 183 59.23 -24.48 -9.18
CA SER G 183 59.91 -23.19 -9.25
C SER G 183 61.13 -23.16 -8.34
N LEU G 184 62.32 -23.20 -8.94
CA LEU G 184 63.57 -23.34 -8.18
C LEU G 184 64.54 -22.23 -8.54
N THR G 185 65.82 -22.43 -8.23
CA THR G 185 66.89 -21.52 -8.64
C THR G 185 67.84 -22.25 -9.59
N SER G 186 68.85 -21.52 -10.05
CA SER G 186 69.92 -22.11 -10.84
C SER G 186 70.77 -23.07 -10.00
N ASP G 187 71.02 -22.70 -8.75
CA ASP G 187 71.95 -23.43 -7.87
C ASP G 187 71.34 -24.64 -7.17
N GLN G 188 70.12 -24.50 -6.66
CA GLN G 188 69.37 -25.63 -6.10
C GLN G 188 69.30 -26.76 -7.13
N TRP G 189 69.08 -26.36 -8.38
CA TRP G 189 69.12 -27.27 -9.52
C TRP G 189 70.54 -27.82 -9.76
N LYS G 190 71.54 -26.94 -9.64
CA LYS G 190 72.95 -27.31 -9.86
C LYS G 190 73.52 -28.17 -8.74
N SER G 191 73.02 -27.99 -7.51
CA SER G 191 73.55 -28.68 -6.33
C SER G 191 72.76 -29.95 -5.99
N HIS G 192 72.00 -30.47 -6.96
CA HIS G 192 71.33 -31.76 -6.83
C HIS G 192 71.60 -32.60 -8.08
N LYS G 193 72.18 -33.78 -7.86
CA LYS G 193 72.63 -34.66 -8.96
C LYS G 193 71.48 -35.27 -9.75
N SER G 194 70.28 -35.33 -9.14
CA SER G 194 69.12 -35.93 -9.80
C SER G 194 67.79 -35.51 -9.16
N TYR G 195 66.77 -35.37 -10.01
CA TYR G 195 65.39 -35.09 -9.58
C TYR G 195 64.50 -36.23 -10.05
N SER G 196 63.31 -36.36 -9.46
CA SER G 196 62.37 -37.42 -9.87
C SER G 196 60.92 -37.00 -9.83
N CYS G 197 60.21 -37.22 -10.94
CA CYS G 197 58.75 -37.09 -10.97
C CYS G 197 58.13 -38.48 -10.82
N GLN G 198 57.30 -38.64 -9.79
CA GLN G 198 56.69 -39.94 -9.48
C GLN G 198 55.15 -39.90 -9.57
N VAL G 199 54.62 -40.42 -10.67
CA VAL G 199 53.19 -40.37 -10.95
C VAL G 199 52.54 -41.72 -10.62
N THR G 200 51.54 -41.69 -9.73
CA THR G 200 50.79 -42.89 -9.38
C THR G 200 49.48 -42.93 -10.15
N HIS G 201 49.26 -44.03 -10.87
CA HIS G 201 48.01 -44.22 -11.61
C HIS G 201 47.43 -45.62 -11.31
N GLU G 202 46.16 -45.62 -10.91
CA GLU G 202 45.39 -46.83 -10.59
C GLU G 202 46.21 -47.97 -10.00
N GLY G 203 46.97 -47.66 -8.96
CA GLY G 203 47.77 -48.66 -8.25
C GLY G 203 49.27 -48.46 -8.37
N SER G 204 49.75 -48.28 -9.61
CA SER G 204 51.19 -48.25 -9.88
C SER G 204 51.75 -46.84 -9.95
N THR G 205 52.92 -46.68 -9.34
CA THR G 205 53.68 -45.43 -9.39
C THR G 205 54.82 -45.60 -10.40
N VAL G 206 54.88 -44.70 -11.38
CA VAL G 206 55.99 -44.68 -12.35
C VAL G 206 56.96 -43.55 -12.02
N GLU G 207 58.21 -43.69 -12.45
CA GLU G 207 59.26 -42.74 -12.09
C GLU G 207 60.06 -42.23 -13.31
N LYS G 208 60.53 -40.99 -13.21
CA LYS G 208 61.42 -40.38 -14.20
C LYS G 208 62.55 -39.61 -13.51
N THR G 209 63.67 -39.38 -14.21
CA THR G 209 64.87 -38.77 -13.63
C THR G 209 65.56 -37.82 -14.61
N VAL G 210 66.20 -36.76 -14.09
CA VAL G 210 67.01 -35.82 -14.90
C VAL G 210 68.16 -35.22 -14.10
N ALA G 211 69.02 -34.47 -14.77
CA ALA G 211 70.18 -33.83 -14.13
C ALA G 211 70.80 -32.75 -15.05
N PRO G 212 71.70 -31.89 -14.51
CA PRO G 212 72.51 -31.04 -15.39
C PRO G 212 73.86 -31.68 -15.69
N ASN H 2 -10.26 -11.06 24.85
CA ASN H 2 -10.81 -9.74 25.30
C ASN H 2 -11.67 -9.92 26.57
N LEU H 3 -11.08 -9.58 27.72
CA LEU H 3 -11.69 -9.87 29.02
C LEU H 3 -13.06 -9.24 29.24
N HIS H 4 -13.16 -7.92 29.20
CA HIS H 4 -14.44 -7.25 29.53
C HIS H 4 -15.62 -7.78 28.70
N PHE H 5 -15.38 -8.13 27.43
CA PHE H 5 -16.40 -8.83 26.64
C PHE H 5 -16.73 -10.16 27.34
N CYS H 6 -15.70 -10.92 27.69
CA CYS H 6 -15.87 -12.19 28.38
C CYS H 6 -16.62 -12.06 29.71
N GLN H 7 -16.22 -11.09 30.53
CA GLN H 7 -16.93 -10.76 31.77
C GLN H 7 -18.37 -10.38 31.44
N LEU H 8 -18.51 -9.46 30.48
CA LEU H 8 -19.81 -8.93 30.05
C LEU H 8 -20.72 -10.03 29.51
N ARG H 9 -20.15 -11.00 28.79
CA ARG H 9 -20.90 -12.12 28.18
C ARG H 9 -21.38 -13.17 29.19
N CYS H 10 -20.53 -13.47 30.17
CA CYS H 10 -20.88 -14.46 31.20
C CYS H 10 -21.86 -13.88 32.21
N LYS H 11 -21.81 -12.56 32.39
CA LYS H 11 -22.76 -11.85 33.27
C LYS H 11 -24.20 -11.96 32.81
N SER H 12 -24.41 -12.15 31.50
CA SER H 12 -25.73 -12.46 30.96
C SER H 12 -26.29 -13.75 31.55
N LEU H 13 -25.39 -14.66 31.91
CA LEU H 13 -25.75 -15.91 32.60
C LEU H 13 -25.77 -15.74 34.14
N GLY H 14 -25.16 -14.66 34.63
CA GLY H 14 -25.05 -14.41 36.07
C GLY H 14 -23.78 -15.00 36.65
N LEU H 15 -22.82 -15.28 35.78
CA LEU H 15 -21.54 -15.87 36.15
C LEU H 15 -20.43 -14.83 35.98
N LEU H 16 -19.27 -15.11 36.58
CA LEU H 16 -18.09 -14.28 36.39
C LEU H 16 -17.34 -14.70 35.11
N GLY H 17 -16.49 -13.81 34.60
CA GLY H 17 -15.75 -14.06 33.36
C GLY H 17 -14.25 -14.24 33.58
N ARG H 18 -13.68 -15.25 32.92
CA ARG H 18 -12.26 -15.56 33.05
C ARG H 18 -11.61 -15.87 31.70
N CYS H 19 -10.44 -15.27 31.46
CA CYS H 19 -9.65 -15.57 30.27
C CYS H 19 -8.92 -16.90 30.47
N ALA H 20 -9.17 -17.83 29.56
CA ALA H 20 -8.47 -19.12 29.51
C ALA H 20 -7.68 -19.16 28.20
N THR H 22 -6.76 -17.27 24.89
CA THR H 22 -7.52 -16.31 24.11
C THR H 22 -8.98 -16.73 24.00
N PHE H 23 -9.40 -17.65 24.87
CA PHE H 23 -10.81 -18.08 24.97
C PHE H 23 -11.46 -17.54 26.23
N CYS H 24 -12.77 -17.32 26.15
CA CYS H 24 -13.58 -16.89 27.28
C CYS H 24 -14.11 -18.09 28.06
N ALA H 25 -14.10 -17.99 29.39
CA ALA H 25 -14.67 -19.00 30.28
C ALA H 25 -15.55 -18.33 31.34
N CYS H 26 -16.52 -19.07 31.88
CA CYS H 26 -17.43 -18.52 32.89
C CYS H 26 -17.40 -19.31 34.20
N VAL H 27 -17.02 -18.62 35.28
CA VAL H 27 -17.26 -19.09 36.66
C VAL H 27 -17.44 -17.90 37.64
#